data_4Z68
# 
_entry.id   4Z68 
# 
_audit_conform.dict_name       mmcif_pdbx.dic 
_audit_conform.dict_version    5.383 
_audit_conform.dict_location   http://mmcif.pdb.org/dictionaries/ascii/mmcif_pdbx.dic 
# 
loop_
_database_2.database_id 
_database_2.database_code 
_database_2.pdbx_database_accession 
_database_2.pdbx_DOI 
PDB   4Z68         pdb_00004z68 10.2210/pdb4z68/pdb 
WWPDB D_1000208682 ?            ?                   
# 
loop_
_pdbx_audit_revision_history.ordinal 
_pdbx_audit_revision_history.data_content_type 
_pdbx_audit_revision_history.major_revision 
_pdbx_audit_revision_history.minor_revision 
_pdbx_audit_revision_history.revision_date 
1 'Structure model' 1 0 2015-12-30 
2 'Structure model' 1 1 2016-01-27 
3 'Structure model' 1 2 2016-02-10 
4 'Structure model' 1 3 2017-09-06 
5 'Structure model' 1 4 2024-01-10 
# 
_pdbx_audit_revision_details.ordinal             1 
_pdbx_audit_revision_details.revision_ordinal    1 
_pdbx_audit_revision_details.data_content_type   'Structure model' 
_pdbx_audit_revision_details.provider            repository 
_pdbx_audit_revision_details.type                'Initial release' 
_pdbx_audit_revision_details.description         ? 
_pdbx_audit_revision_details.details             ? 
# 
loop_
_pdbx_audit_revision_group.ordinal 
_pdbx_audit_revision_group.revision_ordinal 
_pdbx_audit_revision_group.data_content_type 
_pdbx_audit_revision_group.group 
1 2 'Structure model' 'Database references'        
2 3 'Structure model' 'Database references'        
3 4 'Structure model' 'Author supporting evidence' 
4 5 'Structure model' 'Data collection'            
5 5 'Structure model' 'Database references'        
6 5 'Structure model' 'Refinement description'     
# 
loop_
_pdbx_audit_revision_category.ordinal 
_pdbx_audit_revision_category.revision_ordinal 
_pdbx_audit_revision_category.data_content_type 
_pdbx_audit_revision_category.category 
1 4 'Structure model' pdbx_audit_support            
2 5 'Structure model' chem_comp_atom                
3 5 'Structure model' chem_comp_bond                
4 5 'Structure model' database_2                    
5 5 'Structure model' pdbx_initial_refinement_model 
# 
loop_
_pdbx_audit_revision_item.ordinal 
_pdbx_audit_revision_item.revision_ordinal 
_pdbx_audit_revision_item.data_content_type 
_pdbx_audit_revision_item.item 
1 4 'Structure model' '_pdbx_audit_support.funding_organization' 
2 5 'Structure model' '_database_2.pdbx_DOI'                     
3 5 'Structure model' '_database_2.pdbx_database_accession'      
# 
_pdbx_database_status.status_code                     REL 
_pdbx_database_status.status_code_sf                  REL 
_pdbx_database_status.status_code_mr                  ? 
_pdbx_database_status.entry_id                        4Z68 
_pdbx_database_status.recvd_initial_deposition_date   2015-04-04 
_pdbx_database_status.SG_entry                        N 
_pdbx_database_status.deposit_site                    RCSB 
_pdbx_database_status.process_site                    PDBE 
_pdbx_database_status.status_code_cs                  ? 
_pdbx_database_status.methods_development_category    ? 
_pdbx_database_status.pdb_format_compatible           Y 
_pdbx_database_status.status_code_nmr_data            ? 
# 
loop_
_audit_author.name 
_audit_author.pdbx_ordinal 
'Fetics, S.K.'   1 
'Campanacci, V.' 2 
'Dang, I.'       3 
'Gautreau, A.'   4 
'Cherfils, J.'   5 
# 
_citation.abstract                  ? 
_citation.abstract_id_CAS           ? 
_citation.book_id_ISBN              ? 
_citation.book_publisher            ? 
_citation.book_publisher_city       ? 
_citation.book_title                ? 
_citation.coordinate_linkage        ? 
_citation.country                   UK 
_citation.database_id_Medline       ? 
_citation.details                   ? 
_citation.id                        primary 
_citation.journal_abbrev            Structure 
_citation.journal_id_ASTM           STRUE6 
_citation.journal_id_CSD            2005 
_citation.journal_id_ISSN           0969-2126 
_citation.journal_full              ? 
_citation.journal_issue             ? 
_citation.journal_volume            24 
_citation.language                  ? 
_citation.page_first                252 
_citation.page_last                 260 
_citation.title                     
'Hybrid Structural Analysis of the Arp2/3 Regulator Arpin Identifies Its Acidic Tail as a Primary Binding Epitope.' 
_citation.year                      2016 
_citation.database_id_CSD           ? 
_citation.pdbx_database_id_DOI      10.1016/j.str.2015.12.001 
_citation.pdbx_database_id_PubMed   26774128 
_citation.unpublished_flag          ? 
# 
loop_
_citation_author.citation_id 
_citation_author.name 
_citation_author.ordinal 
_citation_author.identifier_ORCID 
primary 'Fetics, S.'         1 ? 
primary 'Thureau, A.'        2 ? 
primary 'Campanacci, V.'     3 ? 
primary 'Aumont-Nicaise, M.' 4 ? 
primary 'Dang, I.'           5 ? 
primary 'Gautreau, A.'       6 ? 
primary 'Perez, J.'          7 ? 
primary 'Cherfils, J.'       8 ? 
# 
loop_
_entity.id 
_entity.type 
_entity.src_method 
_entity.pdbx_description 
_entity.formula_weight 
_entity.pdbx_number_of_molecules 
_entity.pdbx_ec 
_entity.pdbx_mutation 
_entity.pdbx_fragment 
_entity.details 
1 polymer     man Tankyrase-2                                     16993.242 1  2.4.2.30 ? 
'ankyrin repeats domain, UNP residues 490-644' ? 
2 polymer     syn GLU-ILE-ARG-GLU-GLN-GLY-ASP-GLY-ALA-GLU-ASP-GLU 1348.308  1  ?        ? ? ? 
3 non-polymer syn 'SULFATE ION'                                   96.063    2  ?        ? ? ? 
4 water       nat water                                           18.015    68 ?        ? ? ? 
# 
_entity_name_com.entity_id   1 
_entity_name_com.name        
;TANK2,ADP-ribosyltransferase diphtheria toxin-like 6,ARTD6,Poly [ADP-ribose] polymerase 5B,TNKS-2,TRF1-interacting ankyrin-related ADP-ribose polymerase 2,Tankyrase II,Tankyrase-like protein,Tankyrase-related protein
;
# 
loop_
_entity_poly.entity_id 
_entity_poly.type 
_entity_poly.nstd_linkage 
_entity_poly.nstd_monomer 
_entity_poly.pdbx_seq_one_letter_code 
_entity_poly.pdbx_seq_one_letter_code_can 
_entity_poly.pdbx_strand_id 
_entity_poly.pdbx_target_identifier 
1 'polypeptide(L)' no no 
;SEADRQLLEAAKAGDVETVKKLCTVQSVNCRDIEGRQSTPLHFAAGYNRVSVVEYLLQHGADVHAKDKGGLVPLHNACSY
GHYEVAELLVKHGAVVNVADLWKFTPLHEAAAKGKYEICKLLLQHGADPTKKNRDGNTPLDLVKDGDTDIQDLLR
;
;SEADRQLLEAAKAGDVETVKKLCTVQSVNCRDIEGRQSTPLHFAAGYNRVSVVEYLLQHGADVHAKDKGGLVPLHNACSY
GHYEVAELLVKHGAVVNVADLWKFTPLHEAAAKGKYEICKLLLQHGADPTKKNRDGNTPLDLVKDGDTDIQDLLR
;
A ? 
2 'polypeptide(L)' no no EIREQGDGAEDE EIREQGDGAEDE E ? 
# 
loop_
_pdbx_entity_nonpoly.entity_id 
_pdbx_entity_nonpoly.name 
_pdbx_entity_nonpoly.comp_id 
3 'SULFATE ION' SO4 
4 water         HOH 
# 
loop_
_entity_poly_seq.entity_id 
_entity_poly_seq.num 
_entity_poly_seq.mon_id 
_entity_poly_seq.hetero 
1 1   SER n 
1 2   GLU n 
1 3   ALA n 
1 4   ASP n 
1 5   ARG n 
1 6   GLN n 
1 7   LEU n 
1 8   LEU n 
1 9   GLU n 
1 10  ALA n 
1 11  ALA n 
1 12  LYS n 
1 13  ALA n 
1 14  GLY n 
1 15  ASP n 
1 16  VAL n 
1 17  GLU n 
1 18  THR n 
1 19  VAL n 
1 20  LYS n 
1 21  LYS n 
1 22  LEU n 
1 23  CYS n 
1 24  THR n 
1 25  VAL n 
1 26  GLN n 
1 27  SER n 
1 28  VAL n 
1 29  ASN n 
1 30  CYS n 
1 31  ARG n 
1 32  ASP n 
1 33  ILE n 
1 34  GLU n 
1 35  GLY n 
1 36  ARG n 
1 37  GLN n 
1 38  SER n 
1 39  THR n 
1 40  PRO n 
1 41  LEU n 
1 42  HIS n 
1 43  PHE n 
1 44  ALA n 
1 45  ALA n 
1 46  GLY n 
1 47  TYR n 
1 48  ASN n 
1 49  ARG n 
1 50  VAL n 
1 51  SER n 
1 52  VAL n 
1 53  VAL n 
1 54  GLU n 
1 55  TYR n 
1 56  LEU n 
1 57  LEU n 
1 58  GLN n 
1 59  HIS n 
1 60  GLY n 
1 61  ALA n 
1 62  ASP n 
1 63  VAL n 
1 64  HIS n 
1 65  ALA n 
1 66  LYS n 
1 67  ASP n 
1 68  LYS n 
1 69  GLY n 
1 70  GLY n 
1 71  LEU n 
1 72  VAL n 
1 73  PRO n 
1 74  LEU n 
1 75  HIS n 
1 76  ASN n 
1 77  ALA n 
1 78  CYS n 
1 79  SER n 
1 80  TYR n 
1 81  GLY n 
1 82  HIS n 
1 83  TYR n 
1 84  GLU n 
1 85  VAL n 
1 86  ALA n 
1 87  GLU n 
1 88  LEU n 
1 89  LEU n 
1 90  VAL n 
1 91  LYS n 
1 92  HIS n 
1 93  GLY n 
1 94  ALA n 
1 95  VAL n 
1 96  VAL n 
1 97  ASN n 
1 98  VAL n 
1 99  ALA n 
1 100 ASP n 
1 101 LEU n 
1 102 TRP n 
1 103 LYS n 
1 104 PHE n 
1 105 THR n 
1 106 PRO n 
1 107 LEU n 
1 108 HIS n 
1 109 GLU n 
1 110 ALA n 
1 111 ALA n 
1 112 ALA n 
1 113 LYS n 
1 114 GLY n 
1 115 LYS n 
1 116 TYR n 
1 117 GLU n 
1 118 ILE n 
1 119 CYS n 
1 120 LYS n 
1 121 LEU n 
1 122 LEU n 
1 123 LEU n 
1 124 GLN n 
1 125 HIS n 
1 126 GLY n 
1 127 ALA n 
1 128 ASP n 
1 129 PRO n 
1 130 THR n 
1 131 LYS n 
1 132 LYS n 
1 133 ASN n 
1 134 ARG n 
1 135 ASP n 
1 136 GLY n 
1 137 ASN n 
1 138 THR n 
1 139 PRO n 
1 140 LEU n 
1 141 ASP n 
1 142 LEU n 
1 143 VAL n 
1 144 LYS n 
1 145 ASP n 
1 146 GLY n 
1 147 ASP n 
1 148 THR n 
1 149 ASP n 
1 150 ILE n 
1 151 GLN n 
1 152 ASP n 
1 153 LEU n 
1 154 LEU n 
1 155 ARG n 
2 1   GLU n 
2 2   ILE n 
2 3   ARG n 
2 4   GLU n 
2 5   GLN n 
2 6   GLY n 
2 7   ASP n 
2 8   GLY n 
2 9   ALA n 
2 10  GLU n 
2 11  ASP n 
2 12  GLU n 
# 
_entity_src_gen.entity_id                          1 
_entity_src_gen.pdbx_src_id                        1 
_entity_src_gen.pdbx_alt_source_flag               sample 
_entity_src_gen.pdbx_seq_type                      'Biological sequence' 
_entity_src_gen.pdbx_beg_seq_num                   1 
_entity_src_gen.pdbx_end_seq_num                   155 
_entity_src_gen.gene_src_common_name               Human 
_entity_src_gen.gene_src_genus                     ? 
_entity_src_gen.pdbx_gene_src_gene                 'TNKS2, PARP5B, TANK2, TNKL' 
_entity_src_gen.gene_src_species                   ? 
_entity_src_gen.gene_src_strain                    ? 
_entity_src_gen.gene_src_tissue                    ? 
_entity_src_gen.gene_src_tissue_fraction           ? 
_entity_src_gen.gene_src_details                   ? 
_entity_src_gen.pdbx_gene_src_fragment             ? 
_entity_src_gen.pdbx_gene_src_scientific_name      'Homo sapiens' 
_entity_src_gen.pdbx_gene_src_ncbi_taxonomy_id     9606 
_entity_src_gen.pdbx_gene_src_variant              ? 
_entity_src_gen.pdbx_gene_src_cell_line            ? 
_entity_src_gen.pdbx_gene_src_atcc                 ? 
_entity_src_gen.pdbx_gene_src_organ                ? 
_entity_src_gen.pdbx_gene_src_organelle            ? 
_entity_src_gen.pdbx_gene_src_cell                 ? 
_entity_src_gen.pdbx_gene_src_cellular_location    ? 
_entity_src_gen.host_org_common_name               ? 
_entity_src_gen.pdbx_host_org_scientific_name      'Escherichia coli BL21(DE3)' 
_entity_src_gen.pdbx_host_org_ncbi_taxonomy_id     469008 
_entity_src_gen.host_org_genus                     ? 
_entity_src_gen.pdbx_host_org_gene                 ? 
_entity_src_gen.pdbx_host_org_organ                ? 
_entity_src_gen.host_org_species                   ? 
_entity_src_gen.pdbx_host_org_tissue               ? 
_entity_src_gen.pdbx_host_org_tissue_fraction      ? 
_entity_src_gen.pdbx_host_org_strain               ? 
_entity_src_gen.pdbx_host_org_variant              'Rosetta PlysS' 
_entity_src_gen.pdbx_host_org_cell_line            ? 
_entity_src_gen.pdbx_host_org_atcc                 ? 
_entity_src_gen.pdbx_host_org_culture_collection   ? 
_entity_src_gen.pdbx_host_org_cell                 ? 
_entity_src_gen.pdbx_host_org_organelle            ? 
_entity_src_gen.pdbx_host_org_cellular_location    ? 
_entity_src_gen.pdbx_host_org_vector_type          plasmid 
_entity_src_gen.pdbx_host_org_vector               ? 
_entity_src_gen.host_org_details                   ? 
_entity_src_gen.expression_system_id               ? 
_entity_src_gen.plasmid_name                       pETG30A 
_entity_src_gen.plasmid_details                    ? 
_entity_src_gen.pdbx_description                   ? 
# 
_pdbx_entity_src_syn.entity_id              2 
_pdbx_entity_src_syn.pdbx_src_id            1 
_pdbx_entity_src_syn.pdbx_alt_source_flag   sample 
_pdbx_entity_src_syn.pdbx_beg_seq_num       1 
_pdbx_entity_src_syn.pdbx_end_seq_num       12 
_pdbx_entity_src_syn.organism_scientific    'Homo sapiens' 
_pdbx_entity_src_syn.organism_common_name   ? 
_pdbx_entity_src_syn.ncbi_taxonomy_id       9606 
_pdbx_entity_src_syn.details                ? 
# 
loop_
_chem_comp.id 
_chem_comp.type 
_chem_comp.mon_nstd_flag 
_chem_comp.name 
_chem_comp.pdbx_synonyms 
_chem_comp.formula 
_chem_comp.formula_weight 
ALA 'L-peptide linking' y ALANINE         ? 'C3 H7 N O2'     89.093  
ARG 'L-peptide linking' y ARGININE        ? 'C6 H15 N4 O2 1' 175.209 
ASN 'L-peptide linking' y ASPARAGINE      ? 'C4 H8 N2 O3'    132.118 
ASP 'L-peptide linking' y 'ASPARTIC ACID' ? 'C4 H7 N O4'     133.103 
CYS 'L-peptide linking' y CYSTEINE        ? 'C3 H7 N O2 S'   121.158 
GLN 'L-peptide linking' y GLUTAMINE       ? 'C5 H10 N2 O3'   146.144 
GLU 'L-peptide linking' y 'GLUTAMIC ACID' ? 'C5 H9 N O4'     147.129 
GLY 'peptide linking'   y GLYCINE         ? 'C2 H5 N O2'     75.067  
HIS 'L-peptide linking' y HISTIDINE       ? 'C6 H10 N3 O2 1' 156.162 
HOH non-polymer         . WATER           ? 'H2 O'           18.015  
ILE 'L-peptide linking' y ISOLEUCINE      ? 'C6 H13 N O2'    131.173 
LEU 'L-peptide linking' y LEUCINE         ? 'C6 H13 N O2'    131.173 
LYS 'L-peptide linking' y LYSINE          ? 'C6 H15 N2 O2 1' 147.195 
PHE 'L-peptide linking' y PHENYLALANINE   ? 'C9 H11 N O2'    165.189 
PRO 'L-peptide linking' y PROLINE         ? 'C5 H9 N O2'     115.130 
SER 'L-peptide linking' y SERINE          ? 'C3 H7 N O3'     105.093 
SO4 non-polymer         . 'SULFATE ION'   ? 'O4 S -2'        96.063  
THR 'L-peptide linking' y THREONINE       ? 'C4 H9 N O3'     119.119 
TRP 'L-peptide linking' y TRYPTOPHAN      ? 'C11 H12 N2 O2'  204.225 
TYR 'L-peptide linking' y TYROSINE        ? 'C9 H11 N O3'    181.189 
VAL 'L-peptide linking' y VALINE          ? 'C5 H11 N O2'    117.146 
# 
loop_
_pdbx_poly_seq_scheme.asym_id 
_pdbx_poly_seq_scheme.entity_id 
_pdbx_poly_seq_scheme.seq_id 
_pdbx_poly_seq_scheme.mon_id 
_pdbx_poly_seq_scheme.ndb_seq_num 
_pdbx_poly_seq_scheme.pdb_seq_num 
_pdbx_poly_seq_scheme.auth_seq_num 
_pdbx_poly_seq_scheme.pdb_mon_id 
_pdbx_poly_seq_scheme.auth_mon_id 
_pdbx_poly_seq_scheme.pdb_strand_id 
_pdbx_poly_seq_scheme.pdb_ins_code 
_pdbx_poly_seq_scheme.hetero 
A 1 1   SER 1   490 490 SER SER A . n 
A 1 2   GLU 2   491 491 GLU GLU A . n 
A 1 3   ALA 3   492 492 ALA ALA A . n 
A 1 4   ASP 4   493 493 ASP ASP A . n 
A 1 5   ARG 5   494 494 ARG ARG A . n 
A 1 6   GLN 6   495 495 GLN GLN A . n 
A 1 7   LEU 7   496 496 LEU LEU A . n 
A 1 8   LEU 8   497 497 LEU LEU A . n 
A 1 9   GLU 9   498 498 GLU GLU A . n 
A 1 10  ALA 10  499 499 ALA ALA A . n 
A 1 11  ALA 11  500 500 ALA ALA A . n 
A 1 12  LYS 12  501 501 LYS LYS A . n 
A 1 13  ALA 13  502 502 ALA ALA A . n 
A 1 14  GLY 14  503 503 GLY GLY A . n 
A 1 15  ASP 15  504 504 ASP ASP A . n 
A 1 16  VAL 16  505 505 VAL VAL A . n 
A 1 17  GLU 17  506 506 GLU GLU A . n 
A 1 18  THR 18  507 507 THR THR A . n 
A 1 19  VAL 19  508 508 VAL VAL A . n 
A 1 20  LYS 20  509 509 LYS LYS A . n 
A 1 21  LYS 21  510 510 LYS LYS A . n 
A 1 22  LEU 22  511 511 LEU LEU A . n 
A 1 23  CYS 23  512 512 CYS CYS A . n 
A 1 24  THR 24  513 513 THR THR A . n 
A 1 25  VAL 25  514 514 VAL VAL A . n 
A 1 26  GLN 26  515 515 GLN GLN A . n 
A 1 27  SER 27  516 516 SER SER A . n 
A 1 28  VAL 28  517 517 VAL VAL A . n 
A 1 29  ASN 29  518 518 ASN ASN A . n 
A 1 30  CYS 30  519 519 CYS CYS A . n 
A 1 31  ARG 31  520 520 ARG ARG A . n 
A 1 32  ASP 32  521 521 ASP ASP A . n 
A 1 33  ILE 33  522 522 ILE ILE A . n 
A 1 34  GLU 34  523 523 GLU GLU A . n 
A 1 35  GLY 35  524 524 GLY GLY A . n 
A 1 36  ARG 36  525 525 ARG ARG A . n 
A 1 37  GLN 37  526 526 GLN GLN A . n 
A 1 38  SER 38  527 527 SER SER A . n 
A 1 39  THR 39  528 528 THR THR A . n 
A 1 40  PRO 40  529 529 PRO PRO A . n 
A 1 41  LEU 41  530 530 LEU LEU A . n 
A 1 42  HIS 42  531 531 HIS HIS A . n 
A 1 43  PHE 43  532 532 PHE PHE A . n 
A 1 44  ALA 44  533 533 ALA ALA A . n 
A 1 45  ALA 45  534 534 ALA ALA A . n 
A 1 46  GLY 46  535 535 GLY GLY A . n 
A 1 47  TYR 47  536 536 TYR TYR A . n 
A 1 48  ASN 48  537 537 ASN ASN A . n 
A 1 49  ARG 49  538 538 ARG ARG A . n 
A 1 50  VAL 50  539 539 VAL VAL A . n 
A 1 51  SER 51  540 540 SER SER A . n 
A 1 52  VAL 52  541 541 VAL VAL A . n 
A 1 53  VAL 53  542 542 VAL VAL A . n 
A 1 54  GLU 54  543 543 GLU GLU A . n 
A 1 55  TYR 55  544 544 TYR TYR A . n 
A 1 56  LEU 56  545 545 LEU LEU A . n 
A 1 57  LEU 57  546 546 LEU LEU A . n 
A 1 58  GLN 58  547 547 GLN GLN A . n 
A 1 59  HIS 59  548 548 HIS HIS A . n 
A 1 60  GLY 60  549 549 GLY GLY A . n 
A 1 61  ALA 61  550 550 ALA ALA A . n 
A 1 62  ASP 62  551 551 ASP ASP A . n 
A 1 63  VAL 63  552 552 VAL VAL A . n 
A 1 64  HIS 64  553 553 HIS HIS A . n 
A 1 65  ALA 65  554 554 ALA ALA A . n 
A 1 66  LYS 66  555 555 LYS LYS A . n 
A 1 67  ASP 67  556 556 ASP ASP A . n 
A 1 68  LYS 68  557 557 LYS LYS A . n 
A 1 69  GLY 69  558 558 GLY GLY A . n 
A 1 70  GLY 70  559 559 GLY GLY A . n 
A 1 71  LEU 71  560 560 LEU LEU A . n 
A 1 72  VAL 72  561 561 VAL VAL A . n 
A 1 73  PRO 73  562 562 PRO PRO A . n 
A 1 74  LEU 74  563 563 LEU LEU A . n 
A 1 75  HIS 75  564 564 HIS HIS A . n 
A 1 76  ASN 76  565 565 ASN ASN A . n 
A 1 77  ALA 77  566 566 ALA ALA A . n 
A 1 78  CYS 78  567 567 CYS CYS A . n 
A 1 79  SER 79  568 568 SER SER A . n 
A 1 80  TYR 80  569 569 TYR TYR A . n 
A 1 81  GLY 81  570 570 GLY GLY A . n 
A 1 82  HIS 82  571 571 HIS HIS A . n 
A 1 83  TYR 83  572 572 TYR TYR A . n 
A 1 84  GLU 84  573 573 GLU GLU A . n 
A 1 85  VAL 85  574 574 VAL VAL A . n 
A 1 86  ALA 86  575 575 ALA ALA A . n 
A 1 87  GLU 87  576 576 GLU GLU A . n 
A 1 88  LEU 88  577 577 LEU LEU A . n 
A 1 89  LEU 89  578 578 LEU LEU A . n 
A 1 90  VAL 90  579 579 VAL VAL A . n 
A 1 91  LYS 91  580 580 LYS LYS A . n 
A 1 92  HIS 92  581 581 HIS HIS A . n 
A 1 93  GLY 93  582 582 GLY GLY A . n 
A 1 94  ALA 94  583 583 ALA ALA A . n 
A 1 95  VAL 95  584 584 VAL VAL A . n 
A 1 96  VAL 96  585 585 VAL VAL A . n 
A 1 97  ASN 97  586 586 ASN ASN A . n 
A 1 98  VAL 98  587 587 VAL VAL A . n 
A 1 99  ALA 99  588 588 ALA ALA A . n 
A 1 100 ASP 100 589 589 ASP ASP A . n 
A 1 101 LEU 101 590 590 LEU LEU A . n 
A 1 102 TRP 102 591 591 TRP TRP A . n 
A 1 103 LYS 103 592 592 LYS LYS A . n 
A 1 104 PHE 104 593 593 PHE PHE A . n 
A 1 105 THR 105 594 594 THR THR A . n 
A 1 106 PRO 106 595 595 PRO PRO A . n 
A 1 107 LEU 107 596 596 LEU LEU A . n 
A 1 108 HIS 108 597 597 HIS HIS A . n 
A 1 109 GLU 109 598 598 GLU GLU A . n 
A 1 110 ALA 110 599 599 ALA ALA A . n 
A 1 111 ALA 111 600 600 ALA ALA A . n 
A 1 112 ALA 112 601 601 ALA ALA A . n 
A 1 113 LYS 113 602 602 LYS LYS A . n 
A 1 114 GLY 114 603 603 GLY GLY A . n 
A 1 115 LYS 115 604 604 LYS LYS A . n 
A 1 116 TYR 116 605 605 TYR TYR A . n 
A 1 117 GLU 117 606 606 GLU GLU A . n 
A 1 118 ILE 118 607 607 ILE ILE A . n 
A 1 119 CYS 119 608 608 CYS CYS A . n 
A 1 120 LYS 120 609 609 LYS LYS A . n 
A 1 121 LEU 121 610 610 LEU LEU A . n 
A 1 122 LEU 122 611 611 LEU LEU A . n 
A 1 123 LEU 123 612 612 LEU LEU A . n 
A 1 124 GLN 124 613 613 GLN GLN A . n 
A 1 125 HIS 125 614 614 HIS HIS A . n 
A 1 126 GLY 126 615 615 GLY GLY A . n 
A 1 127 ALA 127 616 616 ALA ALA A . n 
A 1 128 ASP 128 617 617 ASP ASP A . n 
A 1 129 PRO 129 618 618 PRO PRO A . n 
A 1 130 THR 130 619 619 THR THR A . n 
A 1 131 LYS 131 620 620 LYS LYS A . n 
A 1 132 LYS 132 621 621 LYS LYS A . n 
A 1 133 ASN 133 622 622 ASN ASN A . n 
A 1 134 ARG 134 623 623 ARG ARG A . n 
A 1 135 ASP 135 624 624 ASP ASP A . n 
A 1 136 GLY 136 625 625 GLY GLY A . n 
A 1 137 ASN 137 626 626 ASN ASN A . n 
A 1 138 THR 138 627 627 THR THR A . n 
A 1 139 PRO 139 628 628 PRO PRO A . n 
A 1 140 LEU 140 629 629 LEU LEU A . n 
A 1 141 ASP 141 630 630 ASP ASP A . n 
A 1 142 LEU 142 631 631 LEU LEU A . n 
A 1 143 VAL 143 632 632 VAL VAL A . n 
A 1 144 LYS 144 633 633 LYS LYS A . n 
A 1 145 ASP 145 634 634 ASP ASP A . n 
A 1 146 GLY 146 635 635 GLY GLY A . n 
A 1 147 ASP 147 636 636 ASP ASP A . n 
A 1 148 THR 148 637 637 THR THR A . n 
A 1 149 ASP 149 638 638 ASP ASP A . n 
A 1 150 ILE 150 639 639 ILE ILE A . n 
A 1 151 GLN 151 640 640 GLN GLN A . n 
A 1 152 ASP 152 641 641 ASP ASP A . n 
A 1 153 LEU 153 642 642 LEU LEU A . n 
A 1 154 LEU 154 643 643 LEU LEU A . n 
A 1 155 ARG 155 644 644 ARG ARG A . n 
B 2 1   GLU 1   211 211 GLU GLU E . n 
B 2 2   ILE 2   212 212 ILE ILE E . n 
B 2 3   ARG 3   213 213 ARG ARG E . n 
B 2 4   GLU 4   214 214 GLU GLU E . n 
B 2 5   GLN 5   215 215 GLN GLN E . n 
B 2 6   GLY 6   216 216 GLY GLY E . n 
B 2 7   ASP 7   217 217 ASP ASP E . n 
B 2 8   GLY 8   218 218 GLY GLY E . n 
B 2 9   ALA 9   219 219 ALA ALA E . n 
B 2 10  GLU 10  220 220 GLU GLU E . n 
B 2 11  ASP 11  221 221 ASP ASP E . n 
B 2 12  GLU 12  222 222 GLU GLU E . n 
# 
loop_
_pdbx_nonpoly_scheme.asym_id 
_pdbx_nonpoly_scheme.entity_id 
_pdbx_nonpoly_scheme.mon_id 
_pdbx_nonpoly_scheme.ndb_seq_num 
_pdbx_nonpoly_scheme.pdb_seq_num 
_pdbx_nonpoly_scheme.auth_seq_num 
_pdbx_nonpoly_scheme.pdb_mon_id 
_pdbx_nonpoly_scheme.auth_mon_id 
_pdbx_nonpoly_scheme.pdb_strand_id 
_pdbx_nonpoly_scheme.pdb_ins_code 
C 3 SO4 1  701 561 SO4 SO4 A . 
D 3 SO4 1  702 560 SO4 SO4 A . 
E 4 HOH 1  801 37  HOH HOH A . 
E 4 HOH 2  802 7   HOH HOH A . 
E 4 HOH 3  803 30  HOH HOH A . 
E 4 HOH 4  804 25  HOH HOH A . 
E 4 HOH 5  805 50  HOH HOH A . 
E 4 HOH 6  806 21  HOH HOH A . 
E 4 HOH 7  807 44  HOH HOH A . 
E 4 HOH 8  808 22  HOH HOH A . 
E 4 HOH 9  809 9   HOH HOH A . 
E 4 HOH 10 810 16  HOH HOH A . 
E 4 HOH 11 811 20  HOH HOH A . 
E 4 HOH 12 812 31  HOH HOH A . 
E 4 HOH 13 813 15  HOH HOH A . 
E 4 HOH 14 814 6   HOH HOH A . 
E 4 HOH 15 815 2   HOH HOH A . 
E 4 HOH 16 816 10  HOH HOH A . 
E 4 HOH 17 817 40  HOH HOH A . 
E 4 HOH 18 818 5   HOH HOH A . 
E 4 HOH 19 819 6   HOH HOH A . 
E 4 HOH 20 820 32  HOH HOH A . 
E 4 HOH 21 821 8   HOH HOH A . 
E 4 HOH 22 822 2   HOH HOH A . 
E 4 HOH 23 823 29  HOH HOH A . 
E 4 HOH 24 824 39  HOH HOH A . 
E 4 HOH 25 825 62  HOH HOH A . 
E 4 HOH 26 826 26  HOH HOH A . 
E 4 HOH 27 827 53  HOH HOH A . 
E 4 HOH 28 828 24  HOH HOH A . 
E 4 HOH 29 829 14  HOH HOH A . 
E 4 HOH 30 830 19  HOH HOH A . 
E 4 HOH 31 831 12  HOH HOH A . 
E 4 HOH 32 832 9   HOH HOH A . 
E 4 HOH 33 833 4   HOH HOH A . 
E 4 HOH 34 834 38  HOH HOH A . 
E 4 HOH 35 835 34  HOH HOH A . 
E 4 HOH 36 836 5   HOH HOH A . 
E 4 HOH 37 837 55  HOH HOH A . 
E 4 HOH 38 838 11  HOH HOH A . 
E 4 HOH 39 839 49  HOH HOH A . 
E 4 HOH 40 840 57  HOH HOH A . 
E 4 HOH 41 841 18  HOH HOH A . 
E 4 HOH 42 842 56  HOH HOH A . 
E 4 HOH 43 843 43  HOH HOH A . 
E 4 HOH 44 844 33  HOH HOH A . 
E 4 HOH 45 845 61  HOH HOH A . 
E 4 HOH 46 846 8   HOH HOH A . 
E 4 HOH 47 847 48  HOH HOH A . 
E 4 HOH 48 848 45  HOH HOH A . 
E 4 HOH 49 849 27  HOH HOH A . 
E 4 HOH 50 850 54  HOH HOH A . 
E 4 HOH 51 851 63  HOH HOH A . 
E 4 HOH 52 852 59  HOH HOH A . 
E 4 HOH 53 853 3   HOH HOH A . 
E 4 HOH 54 854 7   HOH HOH A . 
E 4 HOH 55 855 17  HOH HOH A . 
E 4 HOH 56 856 4   HOH HOH A . 
E 4 HOH 57 857 36  HOH HOH A . 
E 4 HOH 58 858 1   HOH HOH A . 
E 4 HOH 59 859 51  HOH HOH A . 
E 4 HOH 60 860 52  HOH HOH A . 
E 4 HOH 61 861 23  HOH HOH A . 
E 4 HOH 62 862 47  HOH HOH A . 
E 4 HOH 63 863 46  HOH HOH A . 
F 4 HOH 1  301 60  HOH HOH E . 
F 4 HOH 2  302 1   HOH HOH E . 
F 4 HOH 3  303 13  HOH HOH E . 
F 4 HOH 4  304 58  HOH HOH E . 
F 4 HOH 5  305 3   HOH HOH E . 
# 
loop_
_pdbx_unobs_or_zero_occ_atoms.id 
_pdbx_unobs_or_zero_occ_atoms.PDB_model_num 
_pdbx_unobs_or_zero_occ_atoms.polymer_flag 
_pdbx_unobs_or_zero_occ_atoms.occupancy_flag 
_pdbx_unobs_or_zero_occ_atoms.auth_asym_id 
_pdbx_unobs_or_zero_occ_atoms.auth_comp_id 
_pdbx_unobs_or_zero_occ_atoms.auth_seq_id 
_pdbx_unobs_or_zero_occ_atoms.PDB_ins_code 
_pdbx_unobs_or_zero_occ_atoms.auth_atom_id 
_pdbx_unobs_or_zero_occ_atoms.label_alt_id 
_pdbx_unobs_or_zero_occ_atoms.label_asym_id 
_pdbx_unobs_or_zero_occ_atoms.label_comp_id 
_pdbx_unobs_or_zero_occ_atoms.label_seq_id 
_pdbx_unobs_or_zero_occ_atoms.label_atom_id 
1  1 Y 1 A GLU 491 ? CG  ? A GLU 2   CG  
2  1 Y 1 A GLU 491 ? CD  ? A GLU 2   CD  
3  1 Y 1 A GLU 491 ? OE1 ? A GLU 2   OE1 
4  1 Y 1 A GLU 491 ? OE2 ? A GLU 2   OE2 
5  1 Y 1 A ARG 494 ? CG  ? A ARG 5   CG  
6  1 Y 1 A ARG 494 ? CD  ? A ARG 5   CD  
7  1 Y 1 A ARG 494 ? NE  ? A ARG 5   NE  
8  1 Y 1 A ARG 494 ? CZ  ? A ARG 5   CZ  
9  1 Y 1 A ARG 494 ? NH1 ? A ARG 5   NH1 
10 1 Y 1 A ARG 494 ? NH2 ? A ARG 5   NH2 
11 1 Y 1 A LYS 509 ? CG  ? A LYS 20  CG  
12 1 Y 1 A LYS 509 ? CD  ? A LYS 20  CD  
13 1 Y 1 A LYS 509 ? CE  ? A LYS 20  CE  
14 1 Y 1 A LYS 509 ? NZ  ? A LYS 20  NZ  
15 1 Y 1 A LYS 510 ? CG  ? A LYS 21  CG  
16 1 Y 1 A LYS 510 ? CD  ? A LYS 21  CD  
17 1 Y 1 A LYS 510 ? CE  ? A LYS 21  CE  
18 1 Y 1 A LYS 510 ? NZ  ? A LYS 21  NZ  
19 1 Y 1 A ILE 522 ? CG1 ? A ILE 33  CG1 
20 1 Y 1 A ILE 522 ? CG2 ? A ILE 33  CG2 
21 1 Y 1 A ILE 522 ? CD1 ? A ILE 33  CD1 
22 1 Y 1 A GLU 523 ? CG  ? A GLU 34  CG  
23 1 Y 1 A GLU 523 ? CD  ? A GLU 34  CD  
24 1 Y 1 A GLU 523 ? OE1 ? A GLU 34  OE1 
25 1 Y 1 A GLU 523 ? OE2 ? A GLU 34  OE2 
26 1 Y 1 A GLN 547 ? CG  ? A GLN 58  CG  
27 1 Y 1 A GLN 547 ? CD  ? A GLN 58  CD  
28 1 Y 1 A GLN 547 ? OE1 ? A GLN 58  OE1 
29 1 Y 1 A GLN 547 ? NE2 ? A GLN 58  NE2 
30 1 Y 1 A GLU 576 ? OE1 ? A GLU 87  OE1 
31 1 Y 1 A LYS 580 ? CG  ? A LYS 91  CG  
32 1 Y 1 A LYS 580 ? CD  ? A LYS 91  CD  
33 1 Y 1 A LYS 580 ? CE  ? A LYS 91  CE  
34 1 Y 1 A LYS 580 ? NZ  ? A LYS 91  NZ  
35 1 Y 1 A ASP 638 ? CG  ? A ASP 149 CG  
36 1 Y 1 A ASP 638 ? OD1 ? A ASP 149 OD1 
37 1 Y 1 A ASP 638 ? OD2 ? A ASP 149 OD2 
# 
loop_
_software.citation_id 
_software.classification 
_software.compiler_name 
_software.compiler_version 
_software.contact_author 
_software.contact_author_email 
_software.date 
_software.description 
_software.dependencies 
_software.hardware 
_software.language 
_software.location 
_software.mods 
_software.name 
_software.os 
_software.os_version 
_software.type 
_software.version 
_software.pdbx_ordinal 
? refinement       ? ? ? ? ? ? ? ? ? ? ? PHENIX ? ? ? 1.7.3_928 1 
? 'data reduction' ? ? ? ? ? ? ? ? ? ? ? XDS    ? ? ? .         2 
? 'data scaling'   ? ? ? ? ? ? ? ? ? ? ? XSCALE ? ? ? .         3 
? phasing          ? ? ? ? ? ? ? ? ? ? ? PHASER ? ? ? .         4 
# 
_cell.angle_alpha                  90.000 
_cell.angle_alpha_esd              ? 
_cell.angle_beta                   90.000 
_cell.angle_beta_esd               ? 
_cell.angle_gamma                  90.000 
_cell.angle_gamma_esd              ? 
_cell.entry_id                     4Z68 
_cell.details                      ? 
_cell.formula_units_Z              ? 
_cell.length_a                     29.543 
_cell.length_a_esd                 ? 
_cell.length_b                     43.806 
_cell.length_b_esd                 ? 
_cell.length_c                     107.637 
_cell.length_c_esd                 ? 
_cell.volume                       ? 
_cell.volume_esd                   ? 
_cell.Z_PDB                        4 
_cell.reciprocal_angle_alpha       ? 
_cell.reciprocal_angle_beta        ? 
_cell.reciprocal_angle_gamma       ? 
_cell.reciprocal_angle_alpha_esd   ? 
_cell.reciprocal_angle_beta_esd    ? 
_cell.reciprocal_angle_gamma_esd   ? 
_cell.reciprocal_length_a          ? 
_cell.reciprocal_length_b          ? 
_cell.reciprocal_length_c          ? 
_cell.reciprocal_length_a_esd      ? 
_cell.reciprocal_length_b_esd      ? 
_cell.reciprocal_length_c_esd      ? 
_cell.pdbx_unique_axis             ? 
# 
_symmetry.entry_id                         4Z68 
_symmetry.cell_setting                     ? 
_symmetry.Int_Tables_number                19 
_symmetry.space_group_name_Hall            ? 
_symmetry.space_group_name_H-M             'P 21 21 21' 
_symmetry.pdbx_full_space_group_name_H-M   ? 
# 
_exptl.absorpt_coefficient_mu     ? 
_exptl.absorpt_correction_T_max   ? 
_exptl.absorpt_correction_T_min   ? 
_exptl.absorpt_correction_type    ? 
_exptl.absorpt_process_details    ? 
_exptl.entry_id                   4Z68 
_exptl.crystals_number            ? 
_exptl.details                    ? 
_exptl.method                     'X-RAY DIFFRACTION' 
_exptl.method_details             ? 
# 
_exptl_crystal.colour                      ? 
_exptl_crystal.density_diffrn              ? 
_exptl_crystal.density_Matthews            1.90 
_exptl_crystal.density_method              ? 
_exptl_crystal.density_percent_sol         35.22 
_exptl_crystal.description                 ? 
_exptl_crystal.F_000                       ? 
_exptl_crystal.id                          1 
_exptl_crystal.preparation                 ? 
_exptl_crystal.size_max                    ? 
_exptl_crystal.size_mid                    ? 
_exptl_crystal.size_min                    ? 
_exptl_crystal.size_rad                    ? 
_exptl_crystal.colour_lustre               ? 
_exptl_crystal.colour_modifier             ? 
_exptl_crystal.colour_primary              ? 
_exptl_crystal.density_meas                ? 
_exptl_crystal.density_meas_esd            ? 
_exptl_crystal.density_meas_gt             ? 
_exptl_crystal.density_meas_lt             ? 
_exptl_crystal.density_meas_temp           ? 
_exptl_crystal.density_meas_temp_esd       ? 
_exptl_crystal.density_meas_temp_gt        ? 
_exptl_crystal.density_meas_temp_lt        ? 
_exptl_crystal.pdbx_crystal_image_url      ? 
_exptl_crystal.pdbx_crystal_image_format   ? 
_exptl_crystal.pdbx_mosaicity              ? 
_exptl_crystal.pdbx_mosaicity_esd          ? 
# 
_exptl_crystal_grow.apparatus       ? 
_exptl_crystal_grow.atmosphere      ? 
_exptl_crystal_grow.crystal_id      1 
_exptl_crystal_grow.details         ? 
_exptl_crystal_grow.method          'VAPOR DIFFUSION, HANGING DROP' 
_exptl_crystal_grow.method_ref      ? 
_exptl_crystal_grow.pH              ? 
_exptl_crystal_grow.pressure        ? 
_exptl_crystal_grow.pressure_esd    ? 
_exptl_crystal_grow.seeding         ? 
_exptl_crystal_grow.seeding_ref     ? 
_exptl_crystal_grow.temp            291 
_exptl_crystal_grow.temp_details    ? 
_exptl_crystal_grow.temp_esd        ? 
_exptl_crystal_grow.time            ? 
_exptl_crystal_grow.pdbx_details    'ammonium sulfate, isopropanol' 
_exptl_crystal_grow.pdbx_pH_range   7.5 
# 
_diffrn.ambient_environment    ? 
_diffrn.ambient_temp           100 
_diffrn.ambient_temp_details   ? 
_diffrn.ambient_temp_esd       ? 
_diffrn.crystal_id             1 
_diffrn.crystal_support        ? 
_diffrn.crystal_treatment      ? 
_diffrn.details                ? 
_diffrn.id                     1 
_diffrn.ambient_pressure       ? 
_diffrn.ambient_pressure_esd   ? 
_diffrn.ambient_pressure_gt    ? 
_diffrn.ambient_pressure_lt    ? 
_diffrn.ambient_temp_gt        ? 
_diffrn.ambient_temp_lt        ? 
# 
_diffrn_detector.details                      ? 
_diffrn_detector.detector                     CCD 
_diffrn_detector.diffrn_id                    1 
_diffrn_detector.type                         'ADSC QUANTUM 315r' 
_diffrn_detector.area_resol_mean              ? 
_diffrn_detector.dtime                        ? 
_diffrn_detector.pdbx_frames_total            ? 
_diffrn_detector.pdbx_collection_time_total   ? 
_diffrn_detector.pdbx_collection_date         2014-12-13 
# 
_diffrn_radiation.collimation                      ? 
_diffrn_radiation.diffrn_id                        1 
_diffrn_radiation.filter_edge                      ? 
_diffrn_radiation.inhomogeneity                    ? 
_diffrn_radiation.monochromator                    ? 
_diffrn_radiation.polarisn_norm                    ? 
_diffrn_radiation.polarisn_ratio                   ? 
_diffrn_radiation.probe                            ? 
_diffrn_radiation.type                             ? 
_diffrn_radiation.xray_symbol                      ? 
_diffrn_radiation.wavelength_id                    1 
_diffrn_radiation.pdbx_monochromatic_or_laue_m_l   M 
_diffrn_radiation.pdbx_wavelength_list             ? 
_diffrn_radiation.pdbx_wavelength                  ? 
_diffrn_radiation.pdbx_diffrn_protocol             'SINGLE WAVELENGTH' 
_diffrn_radiation.pdbx_analyzer                    ? 
_diffrn_radiation.pdbx_scattering_type             x-ray 
# 
_diffrn_radiation_wavelength.id           1 
_diffrn_radiation_wavelength.wavelength   0.98 
_diffrn_radiation_wavelength.wt           1.0 
# 
_diffrn_source.current                     ? 
_diffrn_source.details                     ? 
_diffrn_source.diffrn_id                   1 
_diffrn_source.power                       ? 
_diffrn_source.size                        ? 
_diffrn_source.source                      SYNCHROTRON 
_diffrn_source.target                      ? 
_diffrn_source.type                        'SOLEIL BEAMLINE PROXIMA 2' 
_diffrn_source.voltage                     ? 
_diffrn_source.take-off_angle              ? 
_diffrn_source.pdbx_wavelength_list        0.98 
_diffrn_source.pdbx_wavelength             ? 
_diffrn_source.pdbx_synchrotron_beamline   'PROXIMA 2' 
_diffrn_source.pdbx_synchrotron_site       SOLEIL 
# 
_reflns.B_iso_Wilson_estimate            ? 
_reflns.entry_id                         4Z68 
_reflns.data_reduction_details           ? 
_reflns.data_reduction_method            ? 
_reflns.d_resolution_high                1.859 
_reflns.d_resolution_low                 40.574 
_reflns.details                          ? 
_reflns.limit_h_max                      ? 
_reflns.limit_h_min                      ? 
_reflns.limit_k_max                      ? 
_reflns.limit_k_min                      ? 
_reflns.limit_l_max                      ? 
_reflns.limit_l_min                      ? 
_reflns.number_all                       ? 
_reflns.number_obs                       12297 
_reflns.observed_criterion               ? 
_reflns.observed_criterion_F_max         ? 
_reflns.observed_criterion_F_min         ? 
_reflns.observed_criterion_I_max         ? 
_reflns.observed_criterion_I_min         ? 
_reflns.observed_criterion_sigma_F       ? 
_reflns.observed_criterion_sigma_I       ? 
_reflns.percent_possible_obs             99.5 
_reflns.R_free_details                   ? 
_reflns.Rmerge_F_all                     ? 
_reflns.Rmerge_F_obs                     ? 
_reflns.Friedel_coverage                 ? 
_reflns.number_gt                        ? 
_reflns.threshold_expression             ? 
_reflns.pdbx_redundancy                  7.8 
_reflns.pdbx_Rmerge_I_obs                0.098 
_reflns.pdbx_Rmerge_I_all                ? 
_reflns.pdbx_Rsym_value                  ? 
_reflns.pdbx_netI_over_av_sigmaI         ? 
_reflns.pdbx_netI_over_sigmaI            17.8 
_reflns.pdbx_res_netI_over_av_sigmaI_2   ? 
_reflns.pdbx_res_netI_over_sigmaI_2      ? 
_reflns.pdbx_chi_squared                 ? 
_reflns.pdbx_scaling_rejects             ? 
_reflns.pdbx_d_res_high_opt              ? 
_reflns.pdbx_d_res_low_opt               ? 
_reflns.pdbx_d_res_opt_method            ? 
_reflns.phase_calculation_details        ? 
_reflns.pdbx_Rrim_I_all                  ? 
_reflns.pdbx_Rpim_I_all                  ? 
_reflns.pdbx_d_opt                       ? 
_reflns.pdbx_number_measured_all         ? 
_reflns.pdbx_diffrn_id                   1 
_reflns.pdbx_ordinal                     1 
_reflns.pdbx_CC_half                     ? 
_reflns.pdbx_R_split                     ? 
# 
_reflns_shell.d_res_high                  1.859 
_reflns_shell.d_res_low                   1.97 
_reflns_shell.meanI_over_sigI_all         ? 
_reflns_shell.meanI_over_sigI_obs         5.0 
_reflns_shell.number_measured_all         ? 
_reflns_shell.number_measured_obs         ? 
_reflns_shell.number_possible             ? 
_reflns_shell.number_unique_all           ? 
_reflns_shell.number_unique_obs           ? 
_reflns_shell.percent_possible_all        97 
_reflns_shell.percent_possible_obs        ? 
_reflns_shell.Rmerge_F_all                ? 
_reflns_shell.Rmerge_F_obs                ? 
_reflns_shell.Rmerge_I_all                ? 
_reflns_shell.Rmerge_I_obs                ? 
_reflns_shell.meanI_over_sigI_gt          ? 
_reflns_shell.meanI_over_uI_all           ? 
_reflns_shell.meanI_over_uI_gt            ? 
_reflns_shell.number_measured_gt          ? 
_reflns_shell.number_unique_gt            ? 
_reflns_shell.percent_possible_gt         ? 
_reflns_shell.Rmerge_F_gt                 ? 
_reflns_shell.Rmerge_I_gt                 ? 
_reflns_shell.pdbx_redundancy             7.9 
_reflns_shell.pdbx_Rsym_value             ? 
_reflns_shell.pdbx_chi_squared            ? 
_reflns_shell.pdbx_netI_over_sigmaI_all   ? 
_reflns_shell.pdbx_netI_over_sigmaI_obs   ? 
_reflns_shell.pdbx_Rrim_I_all             ? 
_reflns_shell.pdbx_Rpim_I_all             ? 
_reflns_shell.pdbx_rejects                ? 
_reflns_shell.pdbx_ordinal                1 
_reflns_shell.pdbx_diffrn_id              1 
_reflns_shell.pdbx_CC_half                ? 
_reflns_shell.pdbx_R_split                ? 
# 
_refine.aniso_B[1][1]                            -4.3602 
_refine.aniso_B[1][2]                            0.0000 
_refine.aniso_B[1][3]                            -0.0000 
_refine.aniso_B[2][2]                            4.9973 
_refine.aniso_B[2][3]                            -0.0000 
_refine.aniso_B[3][3]                            -0.6370 
_refine.B_iso_max                                84.930 
_refine.B_iso_mean                               20.6000 
_refine.B_iso_min                                8.480 
_refine.correlation_coeff_Fo_to_Fc               ? 
_refine.correlation_coeff_Fo_to_Fc_free          ? 
_refine.details                                  ? 
_refine.diff_density_max                         ? 
_refine.diff_density_max_esd                     ? 
_refine.diff_density_min                         ? 
_refine.diff_density_min_esd                     ? 
_refine.diff_density_rms                         ? 
_refine.diff_density_rms_esd                     ? 
_refine.entry_id                                 4Z68 
_refine.pdbx_refine_id                           'X-RAY DIFFRACTION' 
_refine.ls_abs_structure_details                 ? 
_refine.ls_abs_structure_Flack                   ? 
_refine.ls_abs_structure_Flack_esd               ? 
_refine.ls_abs_structure_Rogers                  ? 
_refine.ls_abs_structure_Rogers_esd              ? 
_refine.ls_d_res_high                            1.8590 
_refine.ls_d_res_low                             40.5740 
_refine.ls_extinction_coef                       ? 
_refine.ls_extinction_coef_esd                   ? 
_refine.ls_extinction_expression                 ? 
_refine.ls_extinction_method                     ? 
_refine.ls_goodness_of_fit_all                   ? 
_refine.ls_goodness_of_fit_all_esd               ? 
_refine.ls_goodness_of_fit_obs                   ? 
_refine.ls_goodness_of_fit_obs_esd               ? 
_refine.ls_hydrogen_treatment                    ? 
_refine.ls_matrix_type                           ? 
_refine.ls_number_constraints                    ? 
_refine.ls_number_parameters                     ? 
_refine.ls_number_reflns_all                     ? 
_refine.ls_number_reflns_obs                     12293 
_refine.ls_number_reflns_R_free                  1230 
_refine.ls_number_reflns_R_work                  11063 
_refine.ls_number_restraints                     ? 
_refine.ls_percent_reflns_obs                    99.4500 
_refine.ls_percent_reflns_R_free                 10.0100 
_refine.ls_R_factor_all                          ? 
_refine.ls_R_factor_obs                          0.1745 
_refine.ls_R_factor_R_free                       0.2166 
_refine.ls_R_factor_R_free_error                 ? 
_refine.ls_R_factor_R_free_error_details         ? 
_refine.ls_R_factor_R_work                       0.1698 
_refine.ls_R_Fsqd_factor_obs                     ? 
_refine.ls_R_I_factor_obs                        ? 
_refine.ls_redundancy_reflns_all                 ? 
_refine.ls_redundancy_reflns_obs                 ? 
_refine.ls_restrained_S_all                      ? 
_refine.ls_restrained_S_obs                      ? 
_refine.ls_shift_over_esd_max                    ? 
_refine.ls_shift_over_esd_mean                   ? 
_refine.ls_structure_factor_coef                 ? 
_refine.ls_weighting_details                     ? 
_refine.ls_weighting_scheme                      ? 
_refine.ls_wR_factor_all                         ? 
_refine.ls_wR_factor_obs                         ? 
_refine.ls_wR_factor_R_free                      ? 
_refine.ls_wR_factor_R_work                      ? 
_refine.occupancy_max                            ? 
_refine.occupancy_min                            ? 
_refine.solvent_model_details                    'FLAT BULK SOLVENT MODEL' 
_refine.solvent_model_param_bsol                 43.0090 
_refine.solvent_model_param_ksol                 0.3950 
_refine.ls_R_factor_gt                           ? 
_refine.ls_goodness_of_fit_gt                    ? 
_refine.ls_goodness_of_fit_ref                   ? 
_refine.ls_shift_over_su_max                     ? 
_refine.ls_shift_over_su_max_lt                  ? 
_refine.ls_shift_over_su_mean                    ? 
_refine.ls_shift_over_su_mean_lt                 ? 
_refine.pdbx_ls_sigma_I                          ? 
_refine.pdbx_ls_sigma_F                          1.360 
_refine.pdbx_ls_sigma_Fsqd                       ? 
_refine.pdbx_data_cutoff_high_absF               ? 
_refine.pdbx_data_cutoff_high_rms_absF           ? 
_refine.pdbx_data_cutoff_low_absF                ? 
_refine.pdbx_isotropic_thermal_model             ? 
_refine.pdbx_ls_cross_valid_method               'FREE R-VALUE' 
_refine.pdbx_method_to_determine_struct          'MOLECULAR REPLACEMENT' 
_refine.pdbx_starting_model                      3TWR 
_refine.pdbx_stereochemistry_target_values       ML 
_refine.pdbx_R_Free_selection_details            ? 
_refine.pdbx_stereochem_target_val_spec_case     ? 
_refine.pdbx_overall_ESU_R                       ? 
_refine.pdbx_overall_ESU_R_Free                  ? 
_refine.pdbx_solvent_vdw_probe_radii             1.1000 
_refine.pdbx_solvent_ion_probe_radii             ? 
_refine.pdbx_solvent_shrinkage_radii             0.8600 
_refine.pdbx_real_space_R                        ? 
_refine.pdbx_density_correlation                 ? 
_refine.pdbx_pd_number_of_powder_patterns        ? 
_refine.pdbx_pd_number_of_points                 ? 
_refine.pdbx_pd_meas_number_of_points            ? 
_refine.pdbx_pd_proc_ls_prof_R_factor            ? 
_refine.pdbx_pd_proc_ls_prof_wR_factor           ? 
_refine.pdbx_pd_Marquardt_correlation_coeff      ? 
_refine.pdbx_pd_Fsqrd_R_factor                   ? 
_refine.pdbx_pd_ls_matrix_band_width             ? 
_refine.pdbx_overall_phase_error                 18.7300 
_refine.pdbx_overall_SU_R_free_Cruickshank_DPI   ? 
_refine.pdbx_overall_SU_R_free_Blow_DPI          ? 
_refine.pdbx_overall_SU_R_Blow_DPI               ? 
_refine.pdbx_TLS_residual_ADP_flag               ? 
_refine.pdbx_diffrn_id                           1 
_refine.overall_SU_B                             ? 
_refine.overall_SU_ML                            0.1400 
_refine.overall_SU_R_Cruickshank_DPI             ? 
_refine.overall_SU_R_free                        ? 
_refine.overall_FOM_free_R_set                   ? 
_refine.overall_FOM_work_R_set                   0.8757 
_refine.pdbx_average_fsc_overall                 ? 
_refine.pdbx_average_fsc_work                    ? 
_refine.pdbx_average_fsc_free                    ? 
# 
_refine_hist.cycle_id                         final 
_refine_hist.pdbx_refine_id                   'X-RAY DIFFRACTION' 
_refine_hist.d_res_high                       1.8590 
_refine_hist.d_res_low                        40.5740 
_refine_hist.pdbx_number_atoms_ligand         10 
_refine_hist.number_atoms_solvent             68 
_refine_hist.number_atoms_total               1328 
_refine_hist.pdbx_number_residues_total       167 
_refine_hist.pdbx_B_iso_mean_ligand           39.22 
_refine_hist.pdbx_B_iso_mean_solvent          28.74 
_refine_hist.pdbx_number_atoms_protein        1250 
_refine_hist.pdbx_number_atoms_nucleic_acid   0 
# 
loop_
_refine_ls_restr.pdbx_refine_id 
_refine_ls_restr.criterion 
_refine_ls_restr.dev_ideal 
_refine_ls_restr.dev_ideal_target 
_refine_ls_restr.number 
_refine_ls_restr.rejects 
_refine_ls_restr.type 
_refine_ls_restr.weight 
_refine_ls_restr.pdbx_restraint_function 
'X-RAY DIFFRACTION' ? 0.006  ? 1307 ? f_bond_d           ? ? 
'X-RAY DIFFRACTION' ? 1.041  ? 1780 ? f_angle_d          ? ? 
'X-RAY DIFFRACTION' ? 0.067  ? 202  ? f_chiral_restr     ? ? 
'X-RAY DIFFRACTION' ? 0.005  ? 236  ? f_plane_restr      ? ? 
'X-RAY DIFFRACTION' ? 14.675 ? 470  ? f_dihedral_angle_d ? ? 
# 
loop_
_refine_ls_shell.pdbx_refine_id 
_refine_ls_shell.d_res_high 
_refine_ls_shell.d_res_low 
_refine_ls_shell.number_reflns_all 
_refine_ls_shell.number_reflns_obs 
_refine_ls_shell.number_reflns_R_free 
_refine_ls_shell.number_reflns_R_work 
_refine_ls_shell.percent_reflns_obs 
_refine_ls_shell.percent_reflns_R_free 
_refine_ls_shell.R_factor_all 
_refine_ls_shell.R_factor_obs 
_refine_ls_shell.R_factor_R_free 
_refine_ls_shell.R_factor_R_free_error 
_refine_ls_shell.R_factor_R_work 
_refine_ls_shell.redundancy_reflns_all 
_refine_ls_shell.redundancy_reflns_obs 
_refine_ls_shell.wR_factor_all 
_refine_ls_shell.wR_factor_obs 
_refine_ls_shell.wR_factor_R_free 
_refine_ls_shell.wR_factor_R_work 
_refine_ls_shell.pdbx_total_number_of_bins_used 
_refine_ls_shell.pdbx_phase_error 
_refine_ls_shell.pdbx_fsc_work 
_refine_ls_shell.pdbx_fsc_free 
'X-RAY DIFFRACTION' 1.8591 1.9336  1268 . 126 1142 96.0000  . . . 0.2516 . 0.1703 . . . . . . 9 . . . 
'X-RAY DIFFRACTION' 1.9336 2.0216  1337 . 135 1202 100.0000 . . . 0.2545 . 0.1677 . . . . . . 9 . . . 
'X-RAY DIFFRACTION' 2.0216 2.1281  1352 . 135 1217 100.0000 . . . 0.2227 . 0.1679 . . . . . . 9 . . . 
'X-RAY DIFFRACTION' 2.1281 2.2615  1350 . 135 1215 100.0000 . . . 0.2102 . 0.1612 . . . . . . 9 . . . 
'X-RAY DIFFRACTION' 2.2615 2.4361  1373 . 137 1236 100.0000 . . . 0.2110 . 0.1659 . . . . . . 9 . . . 
'X-RAY DIFFRACTION' 2.4361 2.6812  1357 . 136 1221 100.0000 . . . 0.2045 . 0.1649 . . . . . . 9 . . . 
'X-RAY DIFFRACTION' 2.6812 3.0690  1380 . 138 1242 100.0000 . . . 0.2477 . 0.1828 . . . . . . 9 . . . 
'X-RAY DIFFRACTION' 3.0690 3.8662  1392 . 139 1253 100.0000 . . . 0.2009 . 0.1620 . . . . . . 9 . . . 
'X-RAY DIFFRACTION' 3.8662 40.5841 1484 . 149 1335 99.0000  . . . 0.2059 . 0.1760 . . . . . . 9 . . . 
# 
_struct.entry_id                     4Z68 
_struct.title                        
'Hybrid structural analysis of the Arp2/3 regulator Arpin identifies its acidic tail as a primary binding epitope' 
_struct.pdbx_model_details           ? 
_struct.pdbx_formula_weight          ? 
_struct.pdbx_formula_weight_method   ? 
_struct.pdbx_model_type_details      ? 
_struct.pdbx_CASP_flag               ? 
# 
_struct_keywords.entry_id        4Z68 
_struct_keywords.text            'cell migration, Arpin, Arp 2/3, actin polymerization, protein binding' 
_struct_keywords.pdbx_keywords   'PROTEIN BINDING' 
# 
loop_
_struct_asym.id 
_struct_asym.pdbx_blank_PDB_chainid_flag 
_struct_asym.pdbx_modified 
_struct_asym.entity_id 
_struct_asym.details 
A N N 1 ? 
B N N 2 ? 
C N N 3 ? 
D N N 3 ? 
E N N 4 ? 
F N N 4 ? 
# 
loop_
_struct_ref.id 
_struct_ref.db_name 
_struct_ref.db_code 
_struct_ref.pdbx_db_accession 
_struct_ref.pdbx_db_isoform 
_struct_ref.entity_id 
_struct_ref.pdbx_seq_one_letter_code 
_struct_ref.pdbx_align_begin 
1 UNP TNKS2_HUMAN Q9H2K2 ? 1 
;SEADRQLLEAAKAGDVETVKKLCTVQSVNCRDIEGRQSTPLHFAAGYNRVSVVEYLLQHGADVHAKDKGGLVPLHNACSY
GHYEVAELLVKHGAVVNVADLWKFTPLHEAAAKGKYEICKLLLQHGADPTKKNRDGNTPLDLVKDGDTDIQDLLR
;
490 
2 PDB 4Z68        4Z68   ? 2 ? 1   
# 
loop_
_struct_ref_seq.align_id 
_struct_ref_seq.ref_id 
_struct_ref_seq.pdbx_PDB_id_code 
_struct_ref_seq.pdbx_strand_id 
_struct_ref_seq.seq_align_beg 
_struct_ref_seq.pdbx_seq_align_beg_ins_code 
_struct_ref_seq.seq_align_end 
_struct_ref_seq.pdbx_seq_align_end_ins_code 
_struct_ref_seq.pdbx_db_accession 
_struct_ref_seq.db_align_beg 
_struct_ref_seq.pdbx_db_align_beg_ins_code 
_struct_ref_seq.db_align_end 
_struct_ref_seq.pdbx_db_align_end_ins_code 
_struct_ref_seq.pdbx_auth_seq_align_beg 
_struct_ref_seq.pdbx_auth_seq_align_end 
1 1 4Z68 A 1 ? 155 ? Q9H2K2 490 ? 644 ? 490 644 
2 2 4Z68 E 1 ? 12  ? 4Z68   211 ? 222 ? 211 222 
# 
_pdbx_struct_assembly.id                   1 
_pdbx_struct_assembly.details              author_and_software_defined_assembly 
_pdbx_struct_assembly.method_details       PISA 
_pdbx_struct_assembly.oligomeric_details   dimeric 
_pdbx_struct_assembly.oligomeric_count     2 
# 
loop_
_pdbx_struct_assembly_prop.biol_id 
_pdbx_struct_assembly_prop.type 
_pdbx_struct_assembly_prop.value 
_pdbx_struct_assembly_prop.details 
1 'ABSA (A^2)' 1500 ? 
1 MORE         -19  ? 
1 'SSA (A^2)'  8180 ? 
# 
_pdbx_struct_assembly_gen.assembly_id       1 
_pdbx_struct_assembly_gen.oper_expression   1 
_pdbx_struct_assembly_gen.asym_id_list      A,B,C,D,E,F 
# 
_pdbx_struct_oper_list.id                   1 
_pdbx_struct_oper_list.type                 'identity operation' 
_pdbx_struct_oper_list.name                 1_555 
_pdbx_struct_oper_list.symmetry_operation   x,y,z 
_pdbx_struct_oper_list.matrix[1][1]         1.0000000000 
_pdbx_struct_oper_list.matrix[1][2]         0.0000000000 
_pdbx_struct_oper_list.matrix[1][3]         0.0000000000 
_pdbx_struct_oper_list.vector[1]            0.0000000000 
_pdbx_struct_oper_list.matrix[2][1]         0.0000000000 
_pdbx_struct_oper_list.matrix[2][2]         1.0000000000 
_pdbx_struct_oper_list.matrix[2][3]         0.0000000000 
_pdbx_struct_oper_list.vector[2]            0.0000000000 
_pdbx_struct_oper_list.matrix[3][1]         0.0000000000 
_pdbx_struct_oper_list.matrix[3][2]         0.0000000000 
_pdbx_struct_oper_list.matrix[3][3]         1.0000000000 
_pdbx_struct_oper_list.vector[3]            0.0000000000 
# 
loop_
_struct_conf.conf_type_id 
_struct_conf.id 
_struct_conf.pdbx_PDB_helix_id 
_struct_conf.beg_label_comp_id 
_struct_conf.beg_label_asym_id 
_struct_conf.beg_label_seq_id 
_struct_conf.pdbx_beg_PDB_ins_code 
_struct_conf.end_label_comp_id 
_struct_conf.end_label_asym_id 
_struct_conf.end_label_seq_id 
_struct_conf.pdbx_end_PDB_ins_code 
_struct_conf.beg_auth_comp_id 
_struct_conf.beg_auth_asym_id 
_struct_conf.beg_auth_seq_id 
_struct_conf.end_auth_comp_id 
_struct_conf.end_auth_asym_id 
_struct_conf.end_auth_seq_id 
_struct_conf.pdbx_PDB_helix_class 
_struct_conf.details 
_struct_conf.pdbx_PDB_helix_length 
HELX_P HELX_P1  AA1 SER A 1   ? GLY A 14  ? SER A 490 GLY A 503 1 ? 14 
HELX_P HELX_P2  AA2 ASP A 15  ? CYS A 23  ? ASP A 504 CYS A 512 1 ? 9  
HELX_P HELX_P3  AA3 GLN A 26  ? CYS A 30  ? GLN A 515 CYS A 519 5 ? 5  
HELX_P HELX_P4  AA4 THR A 39  ? TYR A 47  ? THR A 528 TYR A 536 1 ? 9  
HELX_P HELX_P5  AA5 ARG A 49  ? HIS A 59  ? ARG A 538 HIS A 548 1 ? 11 
HELX_P HELX_P6  AA6 VAL A 72  ? TYR A 80  ? VAL A 561 TYR A 569 1 ? 9  
HELX_P HELX_P7  AA7 HIS A 82  ? HIS A 92  ? HIS A 571 HIS A 581 1 ? 11 
HELX_P HELX_P8  AA8 THR A 105 ? GLY A 114 ? THR A 594 GLY A 603 1 ? 10 
HELX_P HELX_P9  AA9 LYS A 115 ? HIS A 125 ? LYS A 604 HIS A 614 1 ? 11 
HELX_P HELX_P10 AB1 THR A 138 ? VAL A 143 ? THR A 627 VAL A 632 1 ? 6  
HELX_P HELX_P11 AB2 ASP A 147 ? LEU A 154 ? ASP A 636 LEU A 643 1 ? 8  
# 
_struct_conf_type.id          HELX_P 
_struct_conf_type.criteria    ? 
_struct_conf_type.reference   ? 
# 
loop_
_struct_site.id 
_struct_site.pdbx_evidence_code 
_struct_site.pdbx_auth_asym_id 
_struct_site.pdbx_auth_comp_id 
_struct_site.pdbx_auth_seq_id 
_struct_site.pdbx_auth_ins_code 
_struct_site.pdbx_num_residues 
_struct_site.details 
AC1 Software A SO4 701 ? 7 'binding site for residue SO4 A 701' 
AC2 Software A SO4 702 ? 4 'binding site for residue SO4 A 702' 
# 
loop_
_struct_site_gen.id 
_struct_site_gen.site_id 
_struct_site_gen.pdbx_num_res 
_struct_site_gen.label_comp_id 
_struct_site_gen.label_asym_id 
_struct_site_gen.label_seq_id 
_struct_site_gen.pdbx_auth_ins_code 
_struct_site_gen.auth_comp_id 
_struct_site_gen.auth_asym_id 
_struct_site_gen.auth_seq_id 
_struct_site_gen.label_atom_id 
_struct_site_gen.label_alt_id 
_struct_site_gen.symmetry 
_struct_site_gen.details 
1  AC1 7 ASN A 48  ? ASN A 537 . ? 1_555 ? 
2  AC1 7 ARG A 49  ? ARG A 538 . ? 1_555 ? 
3  AC1 7 VAL A 50  ? VAL A 539 . ? 1_555 ? 
4  AC1 7 SER A 51  ? SER A 540 . ? 1_555 ? 
5  AC1 7 LYS A 68  ? LYS A 557 . ? 1_455 ? 
6  AC1 7 HOH E .   ? HOH A 802 . ? 1_555 ? 
7  AC1 7 HOH E .   ? HOH A 814 . ? 1_455 ? 
8  AC2 4 GLU A 87  ? GLU A 576 . ? 1_655 ? 
9  AC2 4 LYS A 103 ? LYS A 592 . ? 1_555 ? 
10 AC2 4 HIS A 125 ? HIS A 614 . ? 1_655 ? 
11 AC2 4 ARG A 134 ? ARG A 623 . ? 1_555 ? 
# 
_pdbx_validate_close_contact.id               1 
_pdbx_validate_close_contact.PDB_model_num    1 
_pdbx_validate_close_contact.auth_atom_id_1   O 
_pdbx_validate_close_contact.auth_asym_id_1   A 
_pdbx_validate_close_contact.auth_comp_id_1   PRO 
_pdbx_validate_close_contact.auth_seq_id_1    618 
_pdbx_validate_close_contact.PDB_ins_code_1   ? 
_pdbx_validate_close_contact.label_alt_id_1   ? 
_pdbx_validate_close_contact.auth_atom_id_2   O 
_pdbx_validate_close_contact.auth_asym_id_2   A 
_pdbx_validate_close_contact.auth_comp_id_2   HOH 
_pdbx_validate_close_contact.auth_seq_id_2    801 
_pdbx_validate_close_contact.PDB_ins_code_2   ? 
_pdbx_validate_close_contact.label_alt_id_2   ? 
_pdbx_validate_close_contact.dist             2.16 
# 
_pdbx_validate_symm_contact.id                1 
_pdbx_validate_symm_contact.PDB_model_num     1 
_pdbx_validate_symm_contact.auth_atom_id_1    O 
_pdbx_validate_symm_contact.auth_asym_id_1    A 
_pdbx_validate_symm_contact.auth_comp_id_1    HOH 
_pdbx_validate_symm_contact.auth_seq_id_1     857 
_pdbx_validate_symm_contact.PDB_ins_code_1    ? 
_pdbx_validate_symm_contact.label_alt_id_1    ? 
_pdbx_validate_symm_contact.site_symmetry_1   1_555 
_pdbx_validate_symm_contact.auth_atom_id_2    O 
_pdbx_validate_symm_contact.auth_asym_id_2    A 
_pdbx_validate_symm_contact.auth_comp_id_2    HOH 
_pdbx_validate_symm_contact.auth_seq_id_2     861 
_pdbx_validate_symm_contact.PDB_ins_code_2    ? 
_pdbx_validate_symm_contact.label_alt_id_2    ? 
_pdbx_validate_symm_contact.site_symmetry_2   1_455 
_pdbx_validate_symm_contact.dist              2.15 
# 
_pdbx_distant_solvent_atoms.id                                1 
_pdbx_distant_solvent_atoms.PDB_model_num                     1 
_pdbx_distant_solvent_atoms.auth_atom_id                      O 
_pdbx_distant_solvent_atoms.label_alt_id                      ? 
_pdbx_distant_solvent_atoms.auth_asym_id                      A 
_pdbx_distant_solvent_atoms.auth_comp_id                      HOH 
_pdbx_distant_solvent_atoms.auth_seq_id                       863 
_pdbx_distant_solvent_atoms.PDB_ins_code                      ? 
_pdbx_distant_solvent_atoms.neighbor_macromolecule_distance   6.30 
_pdbx_distant_solvent_atoms.neighbor_ligand_distance          . 
# 
loop_
_chem_comp_atom.comp_id 
_chem_comp_atom.atom_id 
_chem_comp_atom.type_symbol 
_chem_comp_atom.pdbx_aromatic_flag 
_chem_comp_atom.pdbx_stereo_config 
_chem_comp_atom.pdbx_ordinal 
ALA N    N N N 1   
ALA CA   C N S 2   
ALA C    C N N 3   
ALA O    O N N 4   
ALA CB   C N N 5   
ALA OXT  O N N 6   
ALA H    H N N 7   
ALA H2   H N N 8   
ALA HA   H N N 9   
ALA HB1  H N N 10  
ALA HB2  H N N 11  
ALA HB3  H N N 12  
ALA HXT  H N N 13  
ARG N    N N N 14  
ARG CA   C N S 15  
ARG C    C N N 16  
ARG O    O N N 17  
ARG CB   C N N 18  
ARG CG   C N N 19  
ARG CD   C N N 20  
ARG NE   N N N 21  
ARG CZ   C N N 22  
ARG NH1  N N N 23  
ARG NH2  N N N 24  
ARG OXT  O N N 25  
ARG H    H N N 26  
ARG H2   H N N 27  
ARG HA   H N N 28  
ARG HB2  H N N 29  
ARG HB3  H N N 30  
ARG HG2  H N N 31  
ARG HG3  H N N 32  
ARG HD2  H N N 33  
ARG HD3  H N N 34  
ARG HE   H N N 35  
ARG HH11 H N N 36  
ARG HH12 H N N 37  
ARG HH21 H N N 38  
ARG HH22 H N N 39  
ARG HXT  H N N 40  
ASN N    N N N 41  
ASN CA   C N S 42  
ASN C    C N N 43  
ASN O    O N N 44  
ASN CB   C N N 45  
ASN CG   C N N 46  
ASN OD1  O N N 47  
ASN ND2  N N N 48  
ASN OXT  O N N 49  
ASN H    H N N 50  
ASN H2   H N N 51  
ASN HA   H N N 52  
ASN HB2  H N N 53  
ASN HB3  H N N 54  
ASN HD21 H N N 55  
ASN HD22 H N N 56  
ASN HXT  H N N 57  
ASP N    N N N 58  
ASP CA   C N S 59  
ASP C    C N N 60  
ASP O    O N N 61  
ASP CB   C N N 62  
ASP CG   C N N 63  
ASP OD1  O N N 64  
ASP OD2  O N N 65  
ASP OXT  O N N 66  
ASP H    H N N 67  
ASP H2   H N N 68  
ASP HA   H N N 69  
ASP HB2  H N N 70  
ASP HB3  H N N 71  
ASP HD2  H N N 72  
ASP HXT  H N N 73  
CYS N    N N N 74  
CYS CA   C N R 75  
CYS C    C N N 76  
CYS O    O N N 77  
CYS CB   C N N 78  
CYS SG   S N N 79  
CYS OXT  O N N 80  
CYS H    H N N 81  
CYS H2   H N N 82  
CYS HA   H N N 83  
CYS HB2  H N N 84  
CYS HB3  H N N 85  
CYS HG   H N N 86  
CYS HXT  H N N 87  
GLN N    N N N 88  
GLN CA   C N S 89  
GLN C    C N N 90  
GLN O    O N N 91  
GLN CB   C N N 92  
GLN CG   C N N 93  
GLN CD   C N N 94  
GLN OE1  O N N 95  
GLN NE2  N N N 96  
GLN OXT  O N N 97  
GLN H    H N N 98  
GLN H2   H N N 99  
GLN HA   H N N 100 
GLN HB2  H N N 101 
GLN HB3  H N N 102 
GLN HG2  H N N 103 
GLN HG3  H N N 104 
GLN HE21 H N N 105 
GLN HE22 H N N 106 
GLN HXT  H N N 107 
GLU N    N N N 108 
GLU CA   C N S 109 
GLU C    C N N 110 
GLU O    O N N 111 
GLU CB   C N N 112 
GLU CG   C N N 113 
GLU CD   C N N 114 
GLU OE1  O N N 115 
GLU OE2  O N N 116 
GLU OXT  O N N 117 
GLU H    H N N 118 
GLU H2   H N N 119 
GLU HA   H N N 120 
GLU HB2  H N N 121 
GLU HB3  H N N 122 
GLU HG2  H N N 123 
GLU HG3  H N N 124 
GLU HE2  H N N 125 
GLU HXT  H N N 126 
GLY N    N N N 127 
GLY CA   C N N 128 
GLY C    C N N 129 
GLY O    O N N 130 
GLY OXT  O N N 131 
GLY H    H N N 132 
GLY H2   H N N 133 
GLY HA2  H N N 134 
GLY HA3  H N N 135 
GLY HXT  H N N 136 
HIS N    N N N 137 
HIS CA   C N S 138 
HIS C    C N N 139 
HIS O    O N N 140 
HIS CB   C N N 141 
HIS CG   C Y N 142 
HIS ND1  N Y N 143 
HIS CD2  C Y N 144 
HIS CE1  C Y N 145 
HIS NE2  N Y N 146 
HIS OXT  O N N 147 
HIS H    H N N 148 
HIS H2   H N N 149 
HIS HA   H N N 150 
HIS HB2  H N N 151 
HIS HB3  H N N 152 
HIS HD1  H N N 153 
HIS HD2  H N N 154 
HIS HE1  H N N 155 
HIS HE2  H N N 156 
HIS HXT  H N N 157 
HOH O    O N N 158 
HOH H1   H N N 159 
HOH H2   H N N 160 
ILE N    N N N 161 
ILE CA   C N S 162 
ILE C    C N N 163 
ILE O    O N N 164 
ILE CB   C N S 165 
ILE CG1  C N N 166 
ILE CG2  C N N 167 
ILE CD1  C N N 168 
ILE OXT  O N N 169 
ILE H    H N N 170 
ILE H2   H N N 171 
ILE HA   H N N 172 
ILE HB   H N N 173 
ILE HG12 H N N 174 
ILE HG13 H N N 175 
ILE HG21 H N N 176 
ILE HG22 H N N 177 
ILE HG23 H N N 178 
ILE HD11 H N N 179 
ILE HD12 H N N 180 
ILE HD13 H N N 181 
ILE HXT  H N N 182 
LEU N    N N N 183 
LEU CA   C N S 184 
LEU C    C N N 185 
LEU O    O N N 186 
LEU CB   C N N 187 
LEU CG   C N N 188 
LEU CD1  C N N 189 
LEU CD2  C N N 190 
LEU OXT  O N N 191 
LEU H    H N N 192 
LEU H2   H N N 193 
LEU HA   H N N 194 
LEU HB2  H N N 195 
LEU HB3  H N N 196 
LEU HG   H N N 197 
LEU HD11 H N N 198 
LEU HD12 H N N 199 
LEU HD13 H N N 200 
LEU HD21 H N N 201 
LEU HD22 H N N 202 
LEU HD23 H N N 203 
LEU HXT  H N N 204 
LYS N    N N N 205 
LYS CA   C N S 206 
LYS C    C N N 207 
LYS O    O N N 208 
LYS CB   C N N 209 
LYS CG   C N N 210 
LYS CD   C N N 211 
LYS CE   C N N 212 
LYS NZ   N N N 213 
LYS OXT  O N N 214 
LYS H    H N N 215 
LYS H2   H N N 216 
LYS HA   H N N 217 
LYS HB2  H N N 218 
LYS HB3  H N N 219 
LYS HG2  H N N 220 
LYS HG3  H N N 221 
LYS HD2  H N N 222 
LYS HD3  H N N 223 
LYS HE2  H N N 224 
LYS HE3  H N N 225 
LYS HZ1  H N N 226 
LYS HZ2  H N N 227 
LYS HZ3  H N N 228 
LYS HXT  H N N 229 
PHE N    N N N 230 
PHE CA   C N S 231 
PHE C    C N N 232 
PHE O    O N N 233 
PHE CB   C N N 234 
PHE CG   C Y N 235 
PHE CD1  C Y N 236 
PHE CD2  C Y N 237 
PHE CE1  C Y N 238 
PHE CE2  C Y N 239 
PHE CZ   C Y N 240 
PHE OXT  O N N 241 
PHE H    H N N 242 
PHE H2   H N N 243 
PHE HA   H N N 244 
PHE HB2  H N N 245 
PHE HB3  H N N 246 
PHE HD1  H N N 247 
PHE HD2  H N N 248 
PHE HE1  H N N 249 
PHE HE2  H N N 250 
PHE HZ   H N N 251 
PHE HXT  H N N 252 
PRO N    N N N 253 
PRO CA   C N S 254 
PRO C    C N N 255 
PRO O    O N N 256 
PRO CB   C N N 257 
PRO CG   C N N 258 
PRO CD   C N N 259 
PRO OXT  O N N 260 
PRO H    H N N 261 
PRO HA   H N N 262 
PRO HB2  H N N 263 
PRO HB3  H N N 264 
PRO HG2  H N N 265 
PRO HG3  H N N 266 
PRO HD2  H N N 267 
PRO HD3  H N N 268 
PRO HXT  H N N 269 
SER N    N N N 270 
SER CA   C N S 271 
SER C    C N N 272 
SER O    O N N 273 
SER CB   C N N 274 
SER OG   O N N 275 
SER OXT  O N N 276 
SER H    H N N 277 
SER H2   H N N 278 
SER HA   H N N 279 
SER HB2  H N N 280 
SER HB3  H N N 281 
SER HG   H N N 282 
SER HXT  H N N 283 
SO4 S    S N N 284 
SO4 O1   O N N 285 
SO4 O2   O N N 286 
SO4 O3   O N N 287 
SO4 O4   O N N 288 
THR N    N N N 289 
THR CA   C N S 290 
THR C    C N N 291 
THR O    O N N 292 
THR CB   C N R 293 
THR OG1  O N N 294 
THR CG2  C N N 295 
THR OXT  O N N 296 
THR H    H N N 297 
THR H2   H N N 298 
THR HA   H N N 299 
THR HB   H N N 300 
THR HG1  H N N 301 
THR HG21 H N N 302 
THR HG22 H N N 303 
THR HG23 H N N 304 
THR HXT  H N N 305 
TRP N    N N N 306 
TRP CA   C N S 307 
TRP C    C N N 308 
TRP O    O N N 309 
TRP CB   C N N 310 
TRP CG   C Y N 311 
TRP CD1  C Y N 312 
TRP CD2  C Y N 313 
TRP NE1  N Y N 314 
TRP CE2  C Y N 315 
TRP CE3  C Y N 316 
TRP CZ2  C Y N 317 
TRP CZ3  C Y N 318 
TRP CH2  C Y N 319 
TRP OXT  O N N 320 
TRP H    H N N 321 
TRP H2   H N N 322 
TRP HA   H N N 323 
TRP HB2  H N N 324 
TRP HB3  H N N 325 
TRP HD1  H N N 326 
TRP HE1  H N N 327 
TRP HE3  H N N 328 
TRP HZ2  H N N 329 
TRP HZ3  H N N 330 
TRP HH2  H N N 331 
TRP HXT  H N N 332 
TYR N    N N N 333 
TYR CA   C N S 334 
TYR C    C N N 335 
TYR O    O N N 336 
TYR CB   C N N 337 
TYR CG   C Y N 338 
TYR CD1  C Y N 339 
TYR CD2  C Y N 340 
TYR CE1  C Y N 341 
TYR CE2  C Y N 342 
TYR CZ   C Y N 343 
TYR OH   O N N 344 
TYR OXT  O N N 345 
TYR H    H N N 346 
TYR H2   H N N 347 
TYR HA   H N N 348 
TYR HB2  H N N 349 
TYR HB3  H N N 350 
TYR HD1  H N N 351 
TYR HD2  H N N 352 
TYR HE1  H N N 353 
TYR HE2  H N N 354 
TYR HH   H N N 355 
TYR HXT  H N N 356 
VAL N    N N N 357 
VAL CA   C N S 358 
VAL C    C N N 359 
VAL O    O N N 360 
VAL CB   C N N 361 
VAL CG1  C N N 362 
VAL CG2  C N N 363 
VAL OXT  O N N 364 
VAL H    H N N 365 
VAL H2   H N N 366 
VAL HA   H N N 367 
VAL HB   H N N 368 
VAL HG11 H N N 369 
VAL HG12 H N N 370 
VAL HG13 H N N 371 
VAL HG21 H N N 372 
VAL HG22 H N N 373 
VAL HG23 H N N 374 
VAL HXT  H N N 375 
# 
loop_
_chem_comp_bond.comp_id 
_chem_comp_bond.atom_id_1 
_chem_comp_bond.atom_id_2 
_chem_comp_bond.value_order 
_chem_comp_bond.pdbx_aromatic_flag 
_chem_comp_bond.pdbx_stereo_config 
_chem_comp_bond.pdbx_ordinal 
ALA N   CA   sing N N 1   
ALA N   H    sing N N 2   
ALA N   H2   sing N N 3   
ALA CA  C    sing N N 4   
ALA CA  CB   sing N N 5   
ALA CA  HA   sing N N 6   
ALA C   O    doub N N 7   
ALA C   OXT  sing N N 8   
ALA CB  HB1  sing N N 9   
ALA CB  HB2  sing N N 10  
ALA CB  HB3  sing N N 11  
ALA OXT HXT  sing N N 12  
ARG N   CA   sing N N 13  
ARG N   H    sing N N 14  
ARG N   H2   sing N N 15  
ARG CA  C    sing N N 16  
ARG CA  CB   sing N N 17  
ARG CA  HA   sing N N 18  
ARG C   O    doub N N 19  
ARG C   OXT  sing N N 20  
ARG CB  CG   sing N N 21  
ARG CB  HB2  sing N N 22  
ARG CB  HB3  sing N N 23  
ARG CG  CD   sing N N 24  
ARG CG  HG2  sing N N 25  
ARG CG  HG3  sing N N 26  
ARG CD  NE   sing N N 27  
ARG CD  HD2  sing N N 28  
ARG CD  HD3  sing N N 29  
ARG NE  CZ   sing N N 30  
ARG NE  HE   sing N N 31  
ARG CZ  NH1  sing N N 32  
ARG CZ  NH2  doub N N 33  
ARG NH1 HH11 sing N N 34  
ARG NH1 HH12 sing N N 35  
ARG NH2 HH21 sing N N 36  
ARG NH2 HH22 sing N N 37  
ARG OXT HXT  sing N N 38  
ASN N   CA   sing N N 39  
ASN N   H    sing N N 40  
ASN N   H2   sing N N 41  
ASN CA  C    sing N N 42  
ASN CA  CB   sing N N 43  
ASN CA  HA   sing N N 44  
ASN C   O    doub N N 45  
ASN C   OXT  sing N N 46  
ASN CB  CG   sing N N 47  
ASN CB  HB2  sing N N 48  
ASN CB  HB3  sing N N 49  
ASN CG  OD1  doub N N 50  
ASN CG  ND2  sing N N 51  
ASN ND2 HD21 sing N N 52  
ASN ND2 HD22 sing N N 53  
ASN OXT HXT  sing N N 54  
ASP N   CA   sing N N 55  
ASP N   H    sing N N 56  
ASP N   H2   sing N N 57  
ASP CA  C    sing N N 58  
ASP CA  CB   sing N N 59  
ASP CA  HA   sing N N 60  
ASP C   O    doub N N 61  
ASP C   OXT  sing N N 62  
ASP CB  CG   sing N N 63  
ASP CB  HB2  sing N N 64  
ASP CB  HB3  sing N N 65  
ASP CG  OD1  doub N N 66  
ASP CG  OD2  sing N N 67  
ASP OD2 HD2  sing N N 68  
ASP OXT HXT  sing N N 69  
CYS N   CA   sing N N 70  
CYS N   H    sing N N 71  
CYS N   H2   sing N N 72  
CYS CA  C    sing N N 73  
CYS CA  CB   sing N N 74  
CYS CA  HA   sing N N 75  
CYS C   O    doub N N 76  
CYS C   OXT  sing N N 77  
CYS CB  SG   sing N N 78  
CYS CB  HB2  sing N N 79  
CYS CB  HB3  sing N N 80  
CYS SG  HG   sing N N 81  
CYS OXT HXT  sing N N 82  
GLN N   CA   sing N N 83  
GLN N   H    sing N N 84  
GLN N   H2   sing N N 85  
GLN CA  C    sing N N 86  
GLN CA  CB   sing N N 87  
GLN CA  HA   sing N N 88  
GLN C   O    doub N N 89  
GLN C   OXT  sing N N 90  
GLN CB  CG   sing N N 91  
GLN CB  HB2  sing N N 92  
GLN CB  HB3  sing N N 93  
GLN CG  CD   sing N N 94  
GLN CG  HG2  sing N N 95  
GLN CG  HG3  sing N N 96  
GLN CD  OE1  doub N N 97  
GLN CD  NE2  sing N N 98  
GLN NE2 HE21 sing N N 99  
GLN NE2 HE22 sing N N 100 
GLN OXT HXT  sing N N 101 
GLU N   CA   sing N N 102 
GLU N   H    sing N N 103 
GLU N   H2   sing N N 104 
GLU CA  C    sing N N 105 
GLU CA  CB   sing N N 106 
GLU CA  HA   sing N N 107 
GLU C   O    doub N N 108 
GLU C   OXT  sing N N 109 
GLU CB  CG   sing N N 110 
GLU CB  HB2  sing N N 111 
GLU CB  HB3  sing N N 112 
GLU CG  CD   sing N N 113 
GLU CG  HG2  sing N N 114 
GLU CG  HG3  sing N N 115 
GLU CD  OE1  doub N N 116 
GLU CD  OE2  sing N N 117 
GLU OE2 HE2  sing N N 118 
GLU OXT HXT  sing N N 119 
GLY N   CA   sing N N 120 
GLY N   H    sing N N 121 
GLY N   H2   sing N N 122 
GLY CA  C    sing N N 123 
GLY CA  HA2  sing N N 124 
GLY CA  HA3  sing N N 125 
GLY C   O    doub N N 126 
GLY C   OXT  sing N N 127 
GLY OXT HXT  sing N N 128 
HIS N   CA   sing N N 129 
HIS N   H    sing N N 130 
HIS N   H2   sing N N 131 
HIS CA  C    sing N N 132 
HIS CA  CB   sing N N 133 
HIS CA  HA   sing N N 134 
HIS C   O    doub N N 135 
HIS C   OXT  sing N N 136 
HIS CB  CG   sing N N 137 
HIS CB  HB2  sing N N 138 
HIS CB  HB3  sing N N 139 
HIS CG  ND1  sing Y N 140 
HIS CG  CD2  doub Y N 141 
HIS ND1 CE1  doub Y N 142 
HIS ND1 HD1  sing N N 143 
HIS CD2 NE2  sing Y N 144 
HIS CD2 HD2  sing N N 145 
HIS CE1 NE2  sing Y N 146 
HIS CE1 HE1  sing N N 147 
HIS NE2 HE2  sing N N 148 
HIS OXT HXT  sing N N 149 
HOH O   H1   sing N N 150 
HOH O   H2   sing N N 151 
ILE N   CA   sing N N 152 
ILE N   H    sing N N 153 
ILE N   H2   sing N N 154 
ILE CA  C    sing N N 155 
ILE CA  CB   sing N N 156 
ILE CA  HA   sing N N 157 
ILE C   O    doub N N 158 
ILE C   OXT  sing N N 159 
ILE CB  CG1  sing N N 160 
ILE CB  CG2  sing N N 161 
ILE CB  HB   sing N N 162 
ILE CG1 CD1  sing N N 163 
ILE CG1 HG12 sing N N 164 
ILE CG1 HG13 sing N N 165 
ILE CG2 HG21 sing N N 166 
ILE CG2 HG22 sing N N 167 
ILE CG2 HG23 sing N N 168 
ILE CD1 HD11 sing N N 169 
ILE CD1 HD12 sing N N 170 
ILE CD1 HD13 sing N N 171 
ILE OXT HXT  sing N N 172 
LEU N   CA   sing N N 173 
LEU N   H    sing N N 174 
LEU N   H2   sing N N 175 
LEU CA  C    sing N N 176 
LEU CA  CB   sing N N 177 
LEU CA  HA   sing N N 178 
LEU C   O    doub N N 179 
LEU C   OXT  sing N N 180 
LEU CB  CG   sing N N 181 
LEU CB  HB2  sing N N 182 
LEU CB  HB3  sing N N 183 
LEU CG  CD1  sing N N 184 
LEU CG  CD2  sing N N 185 
LEU CG  HG   sing N N 186 
LEU CD1 HD11 sing N N 187 
LEU CD1 HD12 sing N N 188 
LEU CD1 HD13 sing N N 189 
LEU CD2 HD21 sing N N 190 
LEU CD2 HD22 sing N N 191 
LEU CD2 HD23 sing N N 192 
LEU OXT HXT  sing N N 193 
LYS N   CA   sing N N 194 
LYS N   H    sing N N 195 
LYS N   H2   sing N N 196 
LYS CA  C    sing N N 197 
LYS CA  CB   sing N N 198 
LYS CA  HA   sing N N 199 
LYS C   O    doub N N 200 
LYS C   OXT  sing N N 201 
LYS CB  CG   sing N N 202 
LYS CB  HB2  sing N N 203 
LYS CB  HB3  sing N N 204 
LYS CG  CD   sing N N 205 
LYS CG  HG2  sing N N 206 
LYS CG  HG3  sing N N 207 
LYS CD  CE   sing N N 208 
LYS CD  HD2  sing N N 209 
LYS CD  HD3  sing N N 210 
LYS CE  NZ   sing N N 211 
LYS CE  HE2  sing N N 212 
LYS CE  HE3  sing N N 213 
LYS NZ  HZ1  sing N N 214 
LYS NZ  HZ2  sing N N 215 
LYS NZ  HZ3  sing N N 216 
LYS OXT HXT  sing N N 217 
PHE N   CA   sing N N 218 
PHE N   H    sing N N 219 
PHE N   H2   sing N N 220 
PHE CA  C    sing N N 221 
PHE CA  CB   sing N N 222 
PHE CA  HA   sing N N 223 
PHE C   O    doub N N 224 
PHE C   OXT  sing N N 225 
PHE CB  CG   sing N N 226 
PHE CB  HB2  sing N N 227 
PHE CB  HB3  sing N N 228 
PHE CG  CD1  doub Y N 229 
PHE CG  CD2  sing Y N 230 
PHE CD1 CE1  sing Y N 231 
PHE CD1 HD1  sing N N 232 
PHE CD2 CE2  doub Y N 233 
PHE CD2 HD2  sing N N 234 
PHE CE1 CZ   doub Y N 235 
PHE CE1 HE1  sing N N 236 
PHE CE2 CZ   sing Y N 237 
PHE CE2 HE2  sing N N 238 
PHE CZ  HZ   sing N N 239 
PHE OXT HXT  sing N N 240 
PRO N   CA   sing N N 241 
PRO N   CD   sing N N 242 
PRO N   H    sing N N 243 
PRO CA  C    sing N N 244 
PRO CA  CB   sing N N 245 
PRO CA  HA   sing N N 246 
PRO C   O    doub N N 247 
PRO C   OXT  sing N N 248 
PRO CB  CG   sing N N 249 
PRO CB  HB2  sing N N 250 
PRO CB  HB3  sing N N 251 
PRO CG  CD   sing N N 252 
PRO CG  HG2  sing N N 253 
PRO CG  HG3  sing N N 254 
PRO CD  HD2  sing N N 255 
PRO CD  HD3  sing N N 256 
PRO OXT HXT  sing N N 257 
SER N   CA   sing N N 258 
SER N   H    sing N N 259 
SER N   H2   sing N N 260 
SER CA  C    sing N N 261 
SER CA  CB   sing N N 262 
SER CA  HA   sing N N 263 
SER C   O    doub N N 264 
SER C   OXT  sing N N 265 
SER CB  OG   sing N N 266 
SER CB  HB2  sing N N 267 
SER CB  HB3  sing N N 268 
SER OG  HG   sing N N 269 
SER OXT HXT  sing N N 270 
SO4 S   O1   doub N N 271 
SO4 S   O2   doub N N 272 
SO4 S   O3   sing N N 273 
SO4 S   O4   sing N N 274 
THR N   CA   sing N N 275 
THR N   H    sing N N 276 
THR N   H2   sing N N 277 
THR CA  C    sing N N 278 
THR CA  CB   sing N N 279 
THR CA  HA   sing N N 280 
THR C   O    doub N N 281 
THR C   OXT  sing N N 282 
THR CB  OG1  sing N N 283 
THR CB  CG2  sing N N 284 
THR CB  HB   sing N N 285 
THR OG1 HG1  sing N N 286 
THR CG2 HG21 sing N N 287 
THR CG2 HG22 sing N N 288 
THR CG2 HG23 sing N N 289 
THR OXT HXT  sing N N 290 
TRP N   CA   sing N N 291 
TRP N   H    sing N N 292 
TRP N   H2   sing N N 293 
TRP CA  C    sing N N 294 
TRP CA  CB   sing N N 295 
TRP CA  HA   sing N N 296 
TRP C   O    doub N N 297 
TRP C   OXT  sing N N 298 
TRP CB  CG   sing N N 299 
TRP CB  HB2  sing N N 300 
TRP CB  HB3  sing N N 301 
TRP CG  CD1  doub Y N 302 
TRP CG  CD2  sing Y N 303 
TRP CD1 NE1  sing Y N 304 
TRP CD1 HD1  sing N N 305 
TRP CD2 CE2  doub Y N 306 
TRP CD2 CE3  sing Y N 307 
TRP NE1 CE2  sing Y N 308 
TRP NE1 HE1  sing N N 309 
TRP CE2 CZ2  sing Y N 310 
TRP CE3 CZ3  doub Y N 311 
TRP CE3 HE3  sing N N 312 
TRP CZ2 CH2  doub Y N 313 
TRP CZ2 HZ2  sing N N 314 
TRP CZ3 CH2  sing Y N 315 
TRP CZ3 HZ3  sing N N 316 
TRP CH2 HH2  sing N N 317 
TRP OXT HXT  sing N N 318 
TYR N   CA   sing N N 319 
TYR N   H    sing N N 320 
TYR N   H2   sing N N 321 
TYR CA  C    sing N N 322 
TYR CA  CB   sing N N 323 
TYR CA  HA   sing N N 324 
TYR C   O    doub N N 325 
TYR C   OXT  sing N N 326 
TYR CB  CG   sing N N 327 
TYR CB  HB2  sing N N 328 
TYR CB  HB3  sing N N 329 
TYR CG  CD1  doub Y N 330 
TYR CG  CD2  sing Y N 331 
TYR CD1 CE1  sing Y N 332 
TYR CD1 HD1  sing N N 333 
TYR CD2 CE2  doub Y N 334 
TYR CD2 HD2  sing N N 335 
TYR CE1 CZ   doub Y N 336 
TYR CE1 HE1  sing N N 337 
TYR CE2 CZ   sing Y N 338 
TYR CE2 HE2  sing N N 339 
TYR CZ  OH   sing N N 340 
TYR OH  HH   sing N N 341 
TYR OXT HXT  sing N N 342 
VAL N   CA   sing N N 343 
VAL N   H    sing N N 344 
VAL N   H2   sing N N 345 
VAL CA  C    sing N N 346 
VAL CA  CB   sing N N 347 
VAL CA  HA   sing N N 348 
VAL C   O    doub N N 349 
VAL C   OXT  sing N N 350 
VAL CB  CG1  sing N N 351 
VAL CB  CG2  sing N N 352 
VAL CB  HB   sing N N 353 
VAL CG1 HG11 sing N N 354 
VAL CG1 HG12 sing N N 355 
VAL CG1 HG13 sing N N 356 
VAL CG2 HG21 sing N N 357 
VAL CG2 HG22 sing N N 358 
VAL CG2 HG23 sing N N 359 
VAL OXT HXT  sing N N 360 
# 
_pdbx_audit_support.funding_organization   'French National Research Agency' 
_pdbx_audit_support.country                France 
_pdbx_audit_support.grant_number           ? 
_pdbx_audit_support.ordinal                1 
# 
_pdbx_initial_refinement_model.id               1 
_pdbx_initial_refinement_model.entity_id_list   ? 
_pdbx_initial_refinement_model.type             'experimental model' 
_pdbx_initial_refinement_model.source_name      PDB 
_pdbx_initial_refinement_model.accession_code   3TWR 
_pdbx_initial_refinement_model.details          ? 
# 
_atom_sites.entry_id                    4Z68 
_atom_sites.fract_transf_matrix[1][1]   0.01401196 
_atom_sites.fract_transf_matrix[1][2]   -0.02744779 
_atom_sites.fract_transf_matrix[1][3]   0.01400138 
_atom_sites.fract_transf_matrix[2][1]   0.01702658 
_atom_sites.fract_transf_matrix[2][2]   0.00095059 
_atom_sites.fract_transf_matrix[2][3]   -0.01517595 
_atom_sites.fract_transf_matrix[3][1]   0.00484799 
_atom_sites.fract_transf_matrix[3][2]   0.00542272 
_atom_sites.fract_transf_matrix[3][3]   0.00577885 
_atom_sites.fract_transf_vector[1]      -0.387461 
_atom_sites.fract_transf_vector[2]      -0.033774 
_atom_sites.fract_transf_vector[3]      0.139982 
# 
loop_
_atom_type.symbol 
C 
N 
O 
S 
# 
loop_
_atom_site.group_PDB 
_atom_site.id 
_atom_site.type_symbol 
_atom_site.label_atom_id 
_atom_site.label_alt_id 
_atom_site.label_comp_id 
_atom_site.label_asym_id 
_atom_site.label_entity_id 
_atom_site.label_seq_id 
_atom_site.pdbx_PDB_ins_code 
_atom_site.Cartn_x 
_atom_site.Cartn_y 
_atom_site.Cartn_z 
_atom_site.occupancy 
_atom_site.B_iso_or_equiv 
_atom_site.pdbx_formal_charge 
_atom_site.auth_seq_id 
_atom_site.auth_comp_id 
_atom_site.auth_asym_id 
_atom_site.auth_atom_id 
_atom_site.pdbx_PDB_model_num 
ATOM   1    N N   . SER A 1 1   ? 14.005  6.726   18.050  1.00 31.14 ? 490 SER A N   1 
ATOM   2    C CA  . SER A 1 1   ? 14.128  8.182   18.113  1.00 40.75 ? 490 SER A CA  1 
ATOM   3    C C   . SER A 1 1   ? 12.762  8.852   18.272  1.00 38.04 ? 490 SER A C   1 
ATOM   4    O O   . SER A 1 1   ? 11.782  8.423   17.662  1.00 33.81 ? 490 SER A O   1 
ATOM   5    C CB  . SER A 1 1   ? 14.844  8.708   16.868  1.00 35.34 ? 490 SER A CB  1 
ATOM   6    O OG  . SER A 1 1   ? 14.465  10.041  16.578  1.00 35.69 ? 490 SER A OG  1 
ATOM   7    N N   . GLU A 1 2   ? 12.702  9.902   19.092  1.00 37.48 ? 491 GLU A N   1 
ATOM   8    C CA  . GLU A 1 2   ? 11.446  10.600  19.379  1.00 40.34 ? 491 GLU A CA  1 
ATOM   9    C C   . GLU A 1 2   ? 10.877  11.313  18.150  1.00 29.41 ? 491 GLU A C   1 
ATOM   10   O O   . GLU A 1 2   ? 9.660   11.334  17.939  1.00 29.08 ? 491 GLU A O   1 
ATOM   11   C CB  . GLU A 1 2   ? 11.631  11.598  20.529  1.00 33.58 ? 491 GLU A CB  1 
ATOM   12   N N   . ALA A 1 3   ? 11.757  11.897  17.344  1.00 34.04 ? 492 ALA A N   1 
ATOM   13   C CA  . ALA A 1 3   ? 11.333  12.538  16.106  1.00 33.32 ? 492 ALA A CA  1 
ATOM   14   C C   . ALA A 1 3   ? 10.778  11.503  15.132  1.00 29.97 ? 492 ALA A C   1 
ATOM   15   O O   . ALA A 1 3   ? 9.810   11.771  14.410  1.00 25.78 ? 492 ALA A O   1 
ATOM   16   C CB  . ALA A 1 3   ? 12.480  13.295  15.475  1.00 34.97 ? 492 ALA A CB  1 
ATOM   17   N N   . ASP A 1 4   ? 11.401  10.328  15.106  1.00 26.13 ? 493 ASP A N   1 
ATOM   18   C CA  . ASP A 1 4   ? 10.933  9.228   14.259  1.00 27.09 ? 493 ASP A CA  1 
ATOM   19   C C   . ASP A 1 4   ? 9.515   8.809   14.616  1.00 23.95 ? 493 ASP A C   1 
ATOM   20   O O   . ASP A 1 4   ? 8.664   8.669   13.742  1.00 17.49 ? 493 ASP A O   1 
ATOM   21   C CB  . ASP A 1 4   ? 11.848  8.016   14.396  1.00 23.31 ? 493 ASP A CB  1 
ATOM   22   C CG  . ASP A 1 4   ? 13.196  8.225   13.745  1.00 35.35 ? 493 ASP A CG  1 
ATOM   23   O OD1 . ASP A 1 4   ? 13.356  9.218   13.004  1.00 36.42 ? 493 ASP A OD1 1 
ATOM   24   O OD2 . ASP A 1 4   ? 14.094  7.384   13.971  1.00 42.68 ? 493 ASP A OD2 1 
ATOM   25   N N   . ARG A 1 5   ? 9.274   8.585   15.904  1.00 21.43 ? 494 ARG A N   1 
ATOM   26   C CA  . ARG A 1 5   ? 7.950   8.205   16.386  1.00 19.62 ? 494 ARG A CA  1 
ATOM   27   C C   . ARG A 1 5   ? 6.907   9.264   16.020  1.00 20.84 ? 494 ARG A C   1 
ATOM   28   O O   . ARG A 1 5   ? 5.795   8.935   15.603  1.00 19.12 ? 494 ARG A O   1 
ATOM   29   C CB  . ARG A 1 5   ? 7.973   7.988   17.904  1.00 24.37 ? 494 ARG A CB  1 
ATOM   30   N N   . GLN A 1 6   ? 7.264   10.534  16.170  1.00 18.74 ? 495 GLN A N   1 
ATOM   31   C CA  . GLN A 1 6   ? 6.330   11.600  15.831  1.00 20.23 ? 495 GLN A CA  1 
ATOM   32   C C   . GLN A 1 6   ? 6.110   11.720  14.331  1.00 19.54 ? 495 GLN A C   1 
ATOM   33   O O   . GLN A 1 6   ? 5.033   12.112  13.895  1.00 17.93 ? 495 GLN A O   1 
ATOM   34   C CB  . GLN A 1 6   ? 6.777   12.937  16.418  1.00 24.22 ? 495 GLN A CB  1 
ATOM   35   C CG  . GLN A 1 6   ? 6.541   13.040  17.903  1.00 22.39 ? 495 GLN A CG  1 
ATOM   36   C CD  . GLN A 1 6   ? 7.232   14.238  18.502  1.00 19.98 ? 495 GLN A CD  1 
ATOM   37   O OE1 . GLN A 1 6   ? 7.554   15.195  17.803  1.00 30.32 ? 495 GLN A OE1 1 
ATOM   38   N NE2 . GLN A 1 6   ? 7.468   14.189  19.807  1.00 34.33 ? 495 GLN A NE2 1 
ATOM   39   N N   . LEU A 1 7   ? 7.119   11.383  13.540  1.00 17.59 ? 496 LEU A N   1 
ATOM   40   C CA  . LEU A 1 7   ? 6.941   11.407  12.090  1.00 14.57 ? 496 LEU A CA  1 
ATOM   41   C C   . LEU A 1 7   ? 5.998   10.295  11.638  1.00 15.69 ? 496 LEU A C   1 
ATOM   42   O O   . LEU A 1 7   ? 5.095   10.534  10.840  1.00 16.90 ? 496 LEU A O   1 
ATOM   43   C CB  . LEU A 1 7   ? 8.279   11.300  11.360  1.00 17.51 ? 496 LEU A CB  1 
ATOM   44   C CG  . LEU A 1 7   ? 8.140   11.116  9.846   1.00 19.65 ? 496 LEU A CG  1 
ATOM   45   C CD1 . LEU A 1 7   ? 7.496   12.324  9.217   1.00 18.71 ? 496 LEU A CD1 1 
ATOM   46   C CD2 . LEU A 1 7   ? 9.501   10.862  9.217   1.00 21.36 ? 496 LEU A CD2 1 
ATOM   47   N N   . LEU A 1 8   ? 6.204   9.081   12.149  1.00 14.44 ? 497 LEU A N   1 
ATOM   48   C CA  . LEU A 1 8   ? 5.361   7.941   11.773  1.00 14.08 ? 497 LEU A CA  1 
ATOM   49   C C   . LEU A 1 8   ? 3.911   8.236   12.111  1.00 18.40 ? 497 LEU A C   1 
ATOM   50   O O   . LEU A 1 8   ? 2.994   7.901   11.355  1.00 16.44 ? 497 LEU A O   1 
ATOM   51   C CB  . LEU A 1 8   ? 5.811   6.679   12.507  1.00 14.77 ? 497 LEU A CB  1 
ATOM   52   C CG  . LEU A 1 8   ? 7.189   6.177   12.090  1.00 15.71 ? 497 LEU A CG  1 
ATOM   53   C CD1 . LEU A 1 8   ? 7.728   5.154   13.095  1.00 18.71 ? 497 LEU A CD1 1 
ATOM   54   C CD2 . LEU A 1 8   ? 7.071   5.548   10.712  1.00 14.23 ? 497 LEU A CD2 1 
ATOM   55   N N   A GLU A 1 9   ? 3.703   8.867   13.262  0.41 17.06 ? 498 GLU A N   1 
ATOM   56   N N   B GLU A 1 9   ? 3.709   8.875   13.254  0.59 17.12 ? 498 GLU A N   1 
ATOM   57   C CA  A GLU A 1 9   ? 2.357   9.195   13.708  0.41 20.42 ? 498 GLU A CA  1 
ATOM   58   C CA  B GLU A 1 9   ? 2.373   9.203   13.722  0.59 20.50 ? 498 GLU A CA  1 
ATOM   59   C C   A GLU A 1 9   ? 1.730   10.311  12.890  0.41 15.54 ? 498 GLU A C   1 
ATOM   60   C C   B GLU A 1 9   ? 1.731   10.322  12.912  0.59 15.54 ? 498 GLU A C   1 
ATOM   61   O O   A GLU A 1 9   ? 0.543   10.264  12.584  0.41 15.16 ? 498 GLU A O   1 
ATOM   62   O O   B GLU A 1 9   ? 0.536   10.283  12.627  0.59 15.23 ? 498 GLU A O   1 
ATOM   63   C CB  A GLU A 1 9   ? 2.352   9.563   15.191  0.41 21.08 ? 498 GLU A CB  1 
ATOM   64   C CB  B GLU A 1 9   ? 2.444   9.598   15.189  0.59 21.12 ? 498 GLU A CB  1 
ATOM   65   C CG  A GLU A 1 9   ? 2.576   8.381   16.102  0.41 17.59 ? 498 GLU A CG  1 
ATOM   66   C CG  B GLU A 1 9   ? 1.164   10.136  15.751  0.59 17.43 ? 498 GLU A CG  1 
ATOM   67   C CD  A GLU A 1 9   ? 1.899   8.560   17.435  0.41 23.75 ? 498 GLU A CD  1 
ATOM   68   C CD  B GLU A 1 9   ? 1.257   10.265  17.243  0.59 28.80 ? 498 GLU A CD  1 
ATOM   69   O OE1 A GLU A 1 9   ? 1.684   9.724   17.840  0.41 26.00 ? 498 GLU A OE1 1 
ATOM   70   O OE1 B GLU A 1 9   ? 1.790   9.319   17.864  0.59 23.97 ? 498 GLU A OE1 1 
ATOM   71   O OE2 A GLU A 1 9   ? 1.568   7.535   18.072  0.41 26.70 ? 498 GLU A OE2 1 
ATOM   72   O OE2 B GLU A 1 9   ? 0.839   11.311  17.786  0.59 22.84 ? 498 GLU A OE2 1 
ATOM   73   N N   . ALA A 1 10  ? 2.525   11.316  12.537  1.00 13.28 ? 499 ALA A N   1 
ATOM   74   C CA  . ALA A 1 10  ? 2.021   12.420  11.740  1.00 14.14 ? 499 ALA A CA  1 
ATOM   75   C C   . ALA A 1 10  ? 1.616   11.890  10.368  1.00 15.71 ? 499 ALA A C   1 
ATOM   76   O O   . ALA A 1 10  ? 0.661   12.375  9.762   1.00 14.54 ? 499 ALA A O   1 
ATOM   77   C CB  . ALA A 1 10  ? 3.083   13.520  11.606  1.00 18.17 ? 499 ALA A CB  1 
ATOM   78   N N   . ALA A 1 11  ? 2.335   10.881  9.886   1.00 12.69 ? 500 ALA A N   1 
ATOM   79   C CA  . ALA A 1 11  ? 2.013   10.287  8.588   1.00 15.81 ? 500 ALA A CA  1 
ATOM   80   C C   . ALA A 1 11  ? 0.674   9.558   8.644   1.00 13.67 ? 500 ALA A C   1 
ATOM   81   O O   . ALA A 1 11  ? -0.106  9.617   7.697   1.00 13.92 ? 500 ALA A O   1 
ATOM   82   C CB  . ALA A 1 11  ? 3.116   9.340   8.142   1.00 17.93 ? 500 ALA A CB  1 
ATOM   83   N N   . LYS A 1 12  ? 0.420   8.864   9.753   1.00 10.49 ? 501 LYS A N   1 
ATOM   84   C CA  . LYS A 1 12  ? -0.864  8.193   9.967   1.00 14.73 ? 501 LYS A CA  1 
ATOM   85   C C   . LYS A 1 12  ? -1.989  9.208   10.110  1.00 13.99 ? 501 LYS A C   1 
ATOM   86   O O   . LYS A 1 12  ? -3.121  8.954   9.698   1.00 17.36 ? 501 LYS A O   1 
ATOM   87   C CB  . LYS A 1 12  ? -0.825  7.330   11.234  1.00 16.10 ? 501 LYS A CB  1 
ATOM   88   C CG  . LYS A 1 12  ? -0.062  6.015   11.109  1.00 16.81 ? 501 LYS A CG  1 
ATOM   89   C CD  . LYS A 1 12  ? -0.152  5.182   12.404  1.00 23.04 ? 501 LYS A CD  1 
ATOM   90   C CE  . LYS A 1 12  ? 1.131   5.267   13.218  1.00 26.11 ? 501 LYS A CE  1 
ATOM   91   N NZ  . LYS A 1 12  ? 1.062   4.453   14.472  1.00 30.85 ? 501 LYS A NZ  1 
ATOM   92   N N   . ALA A 1 13  ? -1.678  10.344  10.727  1.00 13.36 ? 502 ALA A N   1 
ATOM   93   C CA  . ALA A 1 13  ? -2.684  11.373  11.001  1.00 15.05 ? 502 ALA A CA  1 
ATOM   94   C C   . ALA A 1 13  ? -2.942  12.245  9.789   1.00 16.05 ? 502 ALA A C   1 
ATOM   95   O O   . ALA A 1 13  ? -3.961  12.935  9.723   1.00 17.85 ? 502 ALA A O   1 
ATOM   96   C CB  . ALA A 1 13  ? -2.272  12.235  12.190  1.00 13.16 ? 502 ALA A CB  1 
ATOM   97   N N   . GLY A 1 14  ? -2.023  12.233  8.830   1.00 15.03 ? 503 GLY A N   1 
ATOM   98   C CA  . GLY A 1 14  ? -2.146  13.106  7.675   1.00 12.92 ? 503 GLY A CA  1 
ATOM   99   C C   . GLY A 1 14  ? -1.848  14.561  7.997   1.00 21.77 ? 503 GLY A C   1 
ATOM   100  O O   . GLY A 1 14  ? -2.402  15.479  7.379   1.00 22.48 ? 503 GLY A O   1 
ATOM   101  N N   . ASP A 1 15  ? -0.974  14.778  8.974   1.00 20.58 ? 504 ASP A N   1 
ATOM   102  C CA  . ASP A 1 15  ? -0.563  16.131  9.335   1.00 26.09 ? 504 ASP A CA  1 
ATOM   103  C C   . ASP A 1 15  ? 0.671   16.473  8.519   1.00 15.44 ? 504 ASP A C   1 
ATOM   104  O O   . ASP A 1 15  ? 1.801   16.223  8.953   1.00 17.09 ? 504 ASP A O   1 
ATOM   105  C CB  . ASP A 1 15  ? -0.236  16.226  10.822  1.00 25.60 ? 504 ASP A CB  1 
ATOM   106  C CG  . ASP A 1 15  ? 0.093   17.651  11.259  1.00 34.70 ? 504 ASP A CG  1 
ATOM   107  O OD1 . ASP A 1 15  ? 0.143   18.563  10.403  1.00 37.62 ? 504 ASP A OD1 1 
ATOM   108  O OD2 . ASP A 1 15  ? 0.317   17.860  12.469  1.00 40.12 ? 504 ASP A OD2 1 
ATOM   109  N N   . VAL A 1 16  ? 0.456   17.060  7.343   1.00 18.75 ? 505 VAL A N   1 
ATOM   110  C CA  . VAL A 1 16  ? 1.556   17.219  6.408   1.00 23.74 ? 505 VAL A CA  1 
ATOM   111  C C   . VAL A 1 16  ? 2.564   18.240  6.931   1.00 24.09 ? 505 VAL A C   1 
ATOM   112  O O   . VAL A 1 16  ? 3.769   18.116  6.700   1.00 20.46 ? 505 VAL A O   1 
ATOM   113  C CB  . VAL A 1 16  ? 1.055   17.562  4.986   1.00 29.14 ? 505 VAL A CB  1 
ATOM   114  C CG1 . VAL A 1 16  ? 0.562   19.000  4.910   1.00 27.87 ? 505 VAL A CG1 1 
ATOM   115  C CG2 . VAL A 1 16  ? 2.156   17.312  3.971   1.00 25.13 ? 505 VAL A CG2 1 
ATOM   116  N N   . GLU A 1 17  ? 2.069   19.221  7.679   1.00 20.40 ? 506 GLU A N   1 
ATOM   117  C CA  . GLU A 1 17  ? 2.935   20.256  8.238   1.00 28.32 ? 506 GLU A CA  1 
ATOM   118  C C   . GLU A 1 17  ? 3.912   19.683  9.254   1.00 23.74 ? 506 GLU A C   1 
ATOM   119  O O   . GLU A 1 17  ? 5.084   20.057  9.278   1.00 22.63 ? 506 GLU A O   1 
ATOM   120  C CB  . GLU A 1 17  ? 2.102   21.366  8.872   1.00 33.01 ? 506 GLU A CB  1 
ATOM   121  C CG  . GLU A 1 17  ? 1.327   22.193  7.869   1.00 42.53 ? 506 GLU A CG  1 
ATOM   122  C CD  . GLU A 1 17  ? 1.506   23.679  8.091   1.00 68.52 ? 506 GLU A CD  1 
ATOM   123  O OE1 . GLU A 1 17  ? 2.001   24.365  7.169   1.00 74.82 ? 506 GLU A OE1 1 
ATOM   124  O OE2 . GLU A 1 17  ? 1.150   24.163  9.187   1.00 78.34 ? 506 GLU A OE2 1 
ATOM   125  N N   . THR A 1 18  ? 3.432   18.770  10.094  1.00 19.45 ? 507 THR A N   1 
ATOM   126  C CA  . THR A 1 18  ? 4.306   18.115  11.060  1.00 19.76 ? 507 THR A CA  1 
ATOM   127  C C   . THR A 1 18  ? 5.293   17.207  10.324  1.00 19.77 ? 507 THR A C   1 
ATOM   128  O O   . THR A 1 18  ? 6.472   17.142  10.676  1.00 23.05 ? 507 THR A O   1 
ATOM   129  C CB  . THR A 1 18  ? 3.507   17.303  12.107  1.00 23.54 ? 507 THR A CB  1 
ATOM   130  O OG1 . THR A 1 18  ? 2.604   18.173  12.795  1.00 31.80 ? 507 THR A OG1 1 
ATOM   131  C CG2 . THR A 1 18  ? 4.438   16.671  13.121  1.00 21.31 ? 507 THR A CG2 1 
ATOM   132  N N   . VAL A 1 19  ? 4.807   16.509  9.301   1.00 14.00 ? 508 VAL A N   1 
ATOM   133  C CA  . VAL A 1 19  ? 5.673   15.668  8.477   1.00 15.34 ? 508 VAL A CA  1 
ATOM   134  C C   . VAL A 1 19  ? 6.812   16.493  7.876   1.00 17.95 ? 508 VAL A C   1 
ATOM   135  O O   . VAL A 1 19  ? 7.977   16.094  7.943   1.00 19.69 ? 508 VAL A O   1 
ATOM   136  C CB  . VAL A 1 19  ? 4.887   14.983  7.351   1.00 16.13 ? 508 VAL A CB  1 
ATOM   137  C CG1 . VAL A 1 19  ? 5.841   14.330  6.347   1.00 15.50 ? 508 VAL A CG1 1 
ATOM   138  C CG2 . VAL A 1 19  ? 3.925   13.949  7.931   1.00 18.86 ? 508 VAL A CG2 1 
ATOM   139  N N   . LYS A 1 20  ? 6.466   17.643  7.303   1.00 17.63 ? 509 LYS A N   1 
ATOM   140  C CA  . LYS A 1 20  ? 7.452   18.533  6.694   1.00 22.63 ? 509 LYS A CA  1 
ATOM   141  C C   . LYS A 1 20  ? 8.524   18.942  7.694   1.00 26.73 ? 509 LYS A C   1 
ATOM   142  O O   . LYS A 1 20  ? 9.711   18.998  7.357   1.00 24.82 ? 509 LYS A O   1 
ATOM   143  C CB  . LYS A 1 20  ? 6.773   19.785  6.125   1.00 20.76 ? 509 LYS A CB  1 
ATOM   144  N N   . LYS A 1 21  ? 8.099   19.223  8.924   1.00 22.70 ? 510 LYS A N   1 
ATOM   145  C CA  . LYS A 1 21  ? 9.004   19.613  9.999   1.00 23.93 ? 510 LYS A CA  1 
ATOM   146  C C   . LYS A 1 21  ? 9.933   18.489  10.461  1.00 27.44 ? 510 LYS A C   1 
ATOM   147  O O   . LYS A 1 21  ? 11.075  18.739  10.840  1.00 29.39 ? 510 LYS A O   1 
ATOM   148  C CB  . LYS A 1 21  ? 8.206   20.127  11.199  1.00 29.17 ? 510 LYS A CB  1 
ATOM   149  N N   . LEU A 1 22  ? 9.440   17.255  10.433  1.00 19.04 ? 511 LEU A N   1 
ATOM   150  C CA  . LEU A 1 22  ? 10.170  16.134  11.006  1.00 17.95 ? 511 LEU A CA  1 
ATOM   151  C C   . LEU A 1 22  ? 10.982  15.336  9.978   1.00 21.97 ? 511 LEU A C   1 
ATOM   152  O O   . LEU A 1 22  ? 11.785  14.480  10.344  1.00 22.29 ? 511 LEU A O   1 
ATOM   153  C CB  . LEU A 1 22  ? 9.200   15.202  11.733  1.00 19.20 ? 511 LEU A CB  1 
ATOM   154  C CG  . LEU A 1 22  ? 8.467   15.828  12.918  1.00 19.78 ? 511 LEU A CG  1 
ATOM   155  C CD1 . LEU A 1 22  ? 7.508   14.832  13.544  1.00 24.61 ? 511 LEU A CD1 1 
ATOM   156  C CD2 . LEU A 1 22  ? 9.473   16.319  13.938  1.00 29.71 ? 511 LEU A CD2 1 
ATOM   157  N N   . CYS A 1 23  ? 10.776  15.608  8.697   1.00 18.59 ? 512 CYS A N   1 
ATOM   158  C CA  . CYS A 1 23  ? 11.478  14.849  7.659   1.00 16.62 ? 512 CYS A CA  1 
ATOM   159  C C   . CYS A 1 23  ? 12.970  15.195  7.606   1.00 20.67 ? 512 CYS A C   1 
ATOM   160  O O   . CYS A 1 23  ? 13.343  16.347  7.392   1.00 24.85 ? 512 CYS A O   1 
ATOM   161  C CB  . CYS A 1 23  ? 10.827  15.042  6.284   1.00 28.88 ? 512 CYS A CB  1 
ATOM   162  S SG  . CYS A 1 23  ? 9.452   13.880  5.957   1.00 33.85 ? 512 CYS A SG  1 
ATOM   163  N N   . THR A 1 24  ? 13.809  14.187  7.829   1.00 20.78 ? 513 THR A N   1 
ATOM   164  C CA  . THR A 1 24  ? 15.257  14.314  7.674   1.00 18.51 ? 513 THR A CA  1 
ATOM   165  C C   . THR A 1 24  ? 15.729  13.191  6.767   1.00 18.67 ? 513 THR A C   1 
ATOM   166  O O   . THR A 1 24  ? 14.940  12.325  6.410   1.00 15.62 ? 513 THR A O   1 
ATOM   167  C CB  . THR A 1 24  ? 15.989  14.167  9.012   1.00 16.75 ? 513 THR A CB  1 
ATOM   168  O OG1 . THR A 1 24  ? 15.672  12.896  9.589   1.00 19.01 ? 513 THR A OG1 1 
ATOM   169  C CG2 . THR A 1 24  ? 15.603  15.292  9.974   1.00 18.93 ? 513 THR A CG2 1 
ATOM   170  N N   . VAL A 1 25  ? 17.013  13.191  6.419   1.00 13.85 ? 514 VAL A N   1 
ATOM   171  C CA  . VAL A 1 25  ? 17.591  12.112  5.627   1.00 13.13 ? 514 VAL A CA  1 
ATOM   172  C C   . VAL A 1 25  ? 17.239  10.756  6.231   1.00 17.49 ? 514 VAL A C   1 
ATOM   173  O O   . VAL A 1 25  ? 16.793  9.847   5.536   1.00 19.86 ? 514 VAL A O   1 
ATOM   174  C CB  . VAL A 1 25  ? 19.123  12.277  5.520   1.00 14.55 ? 514 VAL A CB  1 
ATOM   175  C CG1 . VAL A 1 25  ? 19.777  11.039  4.899   1.00 17.41 ? 514 VAL A CG1 1 
ATOM   176  C CG2 . VAL A 1 25  ? 19.448  13.525  4.714   1.00 13.14 ? 514 VAL A CG2 1 
ATOM   177  N N   . GLN A 1 26  ? 17.390  10.642  7.543   1.00 17.17 ? 515 GLN A N   1 
ATOM   178  C CA  . GLN A 1 26  ? 17.199  9.358   8.204   1.00 22.76 ? 515 GLN A CA  1 
ATOM   179  C C   . GLN A 1 26  ? 15.732  9.058   8.503   1.00 22.53 ? 515 GLN A C   1 
ATOM   180  O O   . GLN A 1 26  ? 15.283  7.921   8.369   1.00 27.45 ? 515 GLN A O   1 
ATOM   181  C CB  . GLN A 1 26  ? 18.045  9.285   9.480   1.00 19.27 ? 515 GLN A CB  1 
ATOM   182  C CG  . GLN A 1 26  ? 19.555  9.302   9.222   1.00 27.97 ? 515 GLN A CG  1 
ATOM   183  C CD  . GLN A 1 26  ? 20.076  10.678  8.838   1.00 28.87 ? 515 GLN A CD  1 
ATOM   184  O OE1 . GLN A 1 26  ? 19.485  11.705  9.196   1.00 22.78 ? 515 GLN A OE1 1 
ATOM   185  N NE2 . GLN A 1 26  ? 21.181  10.707  8.091   1.00 22.70 ? 515 GLN A NE2 1 
ATOM   186  N N   . SER A 1 27  ? 14.972  10.070  8.899   1.00 15.21 ? 516 SER A N   1 
ATOM   187  C CA  . SER A 1 27  ? 13.604  9.800   9.328   1.00 15.00 ? 516 SER A CA  1 
ATOM   188  C C   . SER A 1 27  ? 12.635  9.502   8.194   1.00 18.92 ? 516 SER A C   1 
ATOM   189  O O   . SER A 1 27  ? 11.652  8.796   8.419   1.00 14.65 ? 516 SER A O   1 
ATOM   190  C CB  . SER A 1 27  ? 13.048  10.921  10.208  1.00 18.02 ? 516 SER A CB  1 
ATOM   191  O OG  . SER A 1 27  ? 12.784  12.080  9.446   1.00 21.52 ? 516 SER A OG  1 
ATOM   192  N N   . VAL A 1 28  ? 12.895  10.012  6.988   1.00 11.92 ? 517 VAL A N   1 
ATOM   193  C CA  . VAL A 1 28  ? 11.923  9.867   5.903   1.00 10.74 ? 517 VAL A CA  1 
ATOM   194  C C   . VAL A 1 28  ? 11.629  8.400   5.567   1.00 14.81 ? 517 VAL A C   1 
ATOM   195  O O   . VAL A 1 28  ? 10.505  8.055   5.190   1.00 16.97 ? 517 VAL A O   1 
ATOM   196  C CB  . VAL A 1 28  ? 12.295  10.707  4.628   1.00 17.08 ? 517 VAL A CB  1 
ATOM   197  C CG1 . VAL A 1 28  ? 13.574  10.191  3.951   1.00 14.27 ? 517 VAL A CG1 1 
ATOM   198  C CG2 . VAL A 1 28  ? 11.140  10.711  3.643   1.00 15.76 ? 517 VAL A CG2 1 
ATOM   199  N N   . ASN A 1 29  ? 12.629  7.537   5.719   1.00 11.35 ? 518 ASN A N   1 
ATOM   200  C CA  . ASN A 1 29  ? 12.409  6.098   5.606   1.00 15.66 ? 518 ASN A CA  1 
ATOM   201  C C   . ASN A 1 29  ? 12.690  5.314   6.889   1.00 17.67 ? 518 ASN A C   1 
ATOM   202  O O   . ASN A 1 29  ? 13.091  4.152   6.819   1.00 18.07 ? 518 ASN A O   1 
ATOM   203  C CB  . ASN A 1 29  ? 13.240  5.503   4.461   1.00 23.37 ? 518 ASN A CB  1 
ATOM   204  C CG  . ASN A 1 29  ? 12.907  6.118   3.117   1.00 21.62 ? 518 ASN A CG  1 
ATOM   205  O OD1 . ASN A 1 29  ? 11.768  6.048   2.649   1.00 22.83 ? 518 ASN A OD1 1 
ATOM   206  N ND2 . ASN A 1 29  ? 13.900  6.744   2.499   1.00 20.00 ? 518 ASN A ND2 1 
ATOM   207  N N   . CYS A 1 30  ? 12.498  5.934   8.053   1.00 16.32 ? 519 CYS A N   1 
ATOM   208  C CA  . CYS A 1 30  ? 12.654  5.208   9.311   1.00 16.91 ? 519 CYS A CA  1 
ATOM   209  C C   . CYS A 1 30  ? 11.603  4.102   9.394   1.00 26.10 ? 519 CYS A C   1 
ATOM   210  O O   . CYS A 1 30  ? 10.649  4.068   8.608   1.00 14.97 ? 519 CYS A O   1 
ATOM   211  C CB  . CYS A 1 30  ? 12.537  6.136   10.521  1.00 16.97 ? 519 CYS A CB  1 
ATOM   212  S SG  . CYS A 1 30  ? 10.854  6.753   10.835  1.00 19.68 ? 519 CYS A SG  1 
ATOM   213  N N   . ARG A 1 31  ? 11.792  3.185   10.333  1.00 13.99 ? 520 ARG A N   1 
ATOM   214  C CA  . ARG A 1 31  ? 10.887  2.056   10.469  1.00 15.46 ? 520 ARG A CA  1 
ATOM   215  C C   . ARG A 1 31  ? 10.267  1.997   11.857  1.00 16.89 ? 520 ARG A C   1 
ATOM   216  O O   . ARG A 1 31  ? 10.919  2.311   12.854  1.00 20.55 ? 520 ARG A O   1 
ATOM   217  C CB  . ARG A 1 31  ? 11.629  0.751   10.161  1.00 18.59 ? 520 ARG A CB  1 
ATOM   218  C CG  . ARG A 1 31  ? 12.158  0.729   8.734   1.00 16.94 ? 520 ARG A CG  1 
ATOM   219  C CD  . ARG A 1 31  ? 12.836  -0.567  8.372   1.00 33.50 ? 520 ARG A CD  1 
ATOM   220  N NE  . ARG A 1 31  ? 12.949  -0.637  6.920   1.00 46.10 ? 520 ARG A NE  1 
ATOM   221  C CZ  . ARG A 1 31  ? 12.048  -1.208  6.126   1.00 36.15 ? 520 ARG A CZ  1 
ATOM   222  N NH1 . ARG A 1 31  ? 10.975  -1.801  6.644   1.00 27.37 ? 520 ARG A NH1 1 
ATOM   223  N NH2 . ARG A 1 31  ? 12.237  -1.208  4.814   1.00 33.02 ? 520 ARG A NH2 1 
ATOM   224  N N   . ASP A 1 32  ? 9.001   1.588   11.896  1.00 14.07 ? 521 ASP A N   1 
ATOM   225  C CA  . ASP A 1 32  ? 8.278   1.358   13.136  1.00 16.45 ? 521 ASP A CA  1 
ATOM   226  C C   . ASP A 1 32  ? 8.777   0.046   13.765  1.00 23.14 ? 521 ASP A C   1 
ATOM   227  O O   . ASP A 1 32  ? 8.217   -1.028  13.520  1.00 20.03 ? 521 ASP A O   1 
ATOM   228  C CB  . ASP A 1 32  ? 6.774   1.277   12.844  1.00 20.87 ? 521 ASP A CB  1 
ATOM   229  C CG  . ASP A 1 32  ? 5.941   1.127   14.095  1.00 26.78 ? 521 ASP A CG  1 
ATOM   230  O OD1 . ASP A 1 32  ? 6.457   1.434   15.192  1.00 30.41 ? 521 ASP A OD1 1 
ATOM   231  O OD2 . ASP A 1 32  ? 4.770   0.690   13.982  1.00 25.96 ? 521 ASP A OD2 1 
ATOM   232  N N   . ILE A 1 33  ? 9.827   0.157   14.573  1.00 20.14 ? 522 ILE A N   1 
ATOM   233  C CA  . ILE A 1 33  ? 10.545  -0.994  15.134  1.00 21.90 ? 522 ILE A CA  1 
ATOM   234  C C   . ILE A 1 33  ? 9.689   -1.907  15.994  1.00 25.48 ? 522 ILE A C   1 
ATOM   235  O O   . ILE A 1 33  ? 9.902   -3.122  16.029  1.00 25.20 ? 522 ILE A O   1 
ATOM   236  C CB  . ILE A 1 33  ? 11.735  -0.535  15.993  1.00 26.21 ? 522 ILE A CB  1 
ATOM   237  N N   . GLU A 1 34  ? 8.735   -1.325  16.706  1.00 19.19 ? 523 GLU A N   1 
ATOM   238  C CA  . GLU A 1 34  ? 7.888   -2.112  17.597  1.00 32.76 ? 523 GLU A CA  1 
ATOM   239  C C   . GLU A 1 34  ? 6.644   -2.674  16.901  1.00 34.07 ? 523 GLU A C   1 
ATOM   240  O O   . GLU A 1 34  ? 5.893   -3.445  17.505  1.00 32.62 ? 523 GLU A O   1 
ATOM   241  C CB  . GLU A 1 34  ? 7.484   -1.286  18.823  1.00 33.29 ? 523 GLU A CB  1 
ATOM   242  N N   . GLY A 1 35  ? 6.437   -2.299  15.638  1.00 25.26 ? 524 GLY A N   1 
ATOM   243  C CA  . GLY A 1 35  ? 5.270   -2.731  14.882  1.00 26.69 ? 524 GLY A CA  1 
ATOM   244  C C   . GLY A 1 35  ? 5.583   -3.719  13.766  1.00 26.91 ? 524 GLY A C   1 
ATOM   245  O O   . GLY A 1 35  ? 6.085   -4.811  14.029  1.00 24.76 ? 524 GLY A O   1 
ATOM   246  N N   . ARG A 1 36  ? 5.269   -3.344  12.526  1.00 15.97 ? 525 ARG A N   1 
ATOM   247  C CA  . ARG A 1 36  ? 5.558   -4.177  11.355  1.00 18.84 ? 525 ARG A CA  1 
ATOM   248  C C   . ARG A 1 36  ? 6.755   -3.656  10.574  1.00 15.48 ? 525 ARG A C   1 
ATOM   249  O O   . ARG A 1 36  ? 6.956   -4.062  9.427   1.00 18.96 ? 525 ARG A O   1 
ATOM   250  C CB  . ARG A 1 36  ? 4.378   -4.160  10.378  1.00 25.00 ? 525 ARG A CB  1 
ATOM   251  C CG  . ARG A 1 36  ? 3.111   -4.822  10.845  1.00 27.36 ? 525 ARG A CG  1 
ATOM   252  C CD  . ARG A 1 36  ? 2.077   -4.722  9.735   1.00 20.87 ? 525 ARG A CD  1 
ATOM   253  N NE  . ARG A 1 36  ? 2.578   -5.287  8.477   1.00 19.29 ? 525 ARG A NE  1 
ATOM   254  C CZ  . ARG A 1 36  ? 2.613   -6.590  8.216   1.00 26.06 ? 525 ARG A CZ  1 
ATOM   255  N NH1 . ARG A 1 36  ? 3.066   -7.032  7.048   1.00 18.84 ? 525 ARG A NH1 1 
ATOM   256  N NH2 . ARG A 1 36  ? 2.192   -7.456  9.130   1.00 28.39 ? 525 ARG A NH2 1 
ATOM   257  N N   . GLN A 1 37  ? 7.530   -2.755  11.175  1.00 14.41 ? 526 GLN A N   1 
ATOM   258  C CA  . GLN A 1 37  ? 8.638   -2.074  10.485  1.00 16.69 ? 526 GLN A CA  1 
ATOM   259  C C   . GLN A 1 37  ? 8.147   -1.221  9.321   1.00 15.65 ? 526 GLN A C   1 
ATOM   260  O O   . GLN A 1 37  ? 8.873   -1.037  8.342   1.00 14.67 ? 526 GLN A O   1 
ATOM   261  C CB  . GLN A 1 37  ? 9.695   -3.065  9.961   1.00 17.65 ? 526 GLN A CB  1 
ATOM   262  C CG  . GLN A 1 37  ? 9.955   -4.248  10.879  1.00 28.36 ? 526 GLN A CG  1 
ATOM   263  C CD  . GLN A 1 37  ? 10.413  -3.806  12.240  1.00 25.55 ? 526 GLN A CD  1 
ATOM   264  O OE1 . GLN A 1 37  ? 11.237  -2.901  12.356  1.00 29.03 ? 526 GLN A OE1 1 
ATOM   265  N NE2 . GLN A 1 37  ? 9.877   -4.430  13.283  1.00 21.86 ? 526 GLN A NE2 1 
ATOM   266  N N   . SER A 1 38  ? 6.928   -0.698  9.421   1.00 12.77 ? 527 SER A N   1 
ATOM   267  C CA  . SER A 1 38  ? 6.394   0.186   8.378   1.00 12.44 ? 527 SER A CA  1 
ATOM   268  C C   . SER A 1 38  ? 7.193   1.479   8.344   1.00 13.81 ? 527 SER A C   1 
ATOM   269  O O   . SER A 1 38  ? 7.649   1.950   9.377   1.00 13.97 ? 527 SER A O   1 
ATOM   270  C CB  . SER A 1 38  ? 4.916   0.516   8.629   1.00 15.86 ? 527 SER A CB  1 
ATOM   271  O OG  . SER A 1 38  ? 4.114   -0.653  8.567   1.00 19.79 ? 527 SER A OG  1 
ATOM   272  N N   . THR A 1 39  ? 7.343   2.048   7.148   1.00 12.96 ? 528 THR A N   1 
ATOM   273  C CA  . THR A 1 39  ? 7.946   3.368   6.957   1.00 13.23 ? 528 THR A CA  1 
ATOM   274  C C   . THR A 1 39  ? 6.846   4.421   6.964   1.00 12.34 ? 528 THR A C   1 
ATOM   275  O O   . THR A 1 39  ? 5.664   4.071   6.877   1.00 14.21 ? 528 THR A O   1 
ATOM   276  C CB  . THR A 1 39  ? 8.684   3.453   5.599   1.00 14.41 ? 528 THR A CB  1 
ATOM   277  O OG1 . THR A 1 39  ? 7.737   3.324   4.536   1.00 12.23 ? 528 THR A OG1 1 
ATOM   278  C CG2 . THR A 1 39  ? 9.721   2.367   5.480   1.00 11.81 ? 528 THR A CG2 1 
ATOM   279  N N   . PRO A 1 40  ? 7.220   5.712   7.063   1.00 12.56 ? 529 PRO A N   1 
ATOM   280  C CA  . PRO A 1 40  ? 6.208   6.769   6.969   1.00 11.30 ? 529 PRO A CA  1 
ATOM   281  C C   . PRO A 1 40  ? 5.336   6.602   5.730   1.00 13.77 ? 529 PRO A C   1 
ATOM   282  O O   . PRO A 1 40  ? 4.126   6.839   5.794   1.00 12.55 ? 529 PRO A O   1 
ATOM   283  C CB  . PRO A 1 40  ? 7.050   8.044   6.878   1.00 10.99 ? 529 PRO A CB  1 
ATOM   284  C CG  . PRO A 1 40  ? 8.288   7.699   7.718   1.00 8.88  ? 529 PRO A CG  1 
ATOM   285  C CD  . PRO A 1 40  ? 8.547   6.245   7.439   1.00 10.59 ? 529 PRO A CD  1 
ATOM   286  N N   . LEU A 1 41  ? 5.923   6.160   4.625   1.00 10.09 ? 530 LEU A N   1 
ATOM   287  C CA  . LEU A 1 41  ? 5.131   6.008   3.409   1.00 8.48  ? 530 LEU A CA  1 
ATOM   288  C C   . LEU A 1 41  ? 4.133   4.845   3.481   1.00 12.66 ? 530 LEU A C   1 
ATOM   289  O O   . LEU A 1 41  ? 3.047   4.943   2.920   1.00 10.87 ? 530 LEU A O   1 
ATOM   290  C CB  . LEU A 1 41  ? 6.038   5.883   2.175   1.00 11.53 ? 530 LEU A CB  1 
ATOM   291  C CG  . LEU A 1 41  ? 5.360   5.837   0.803   1.00 12.87 ? 530 LEU A CG  1 
ATOM   292  C CD1 . LEU A 1 41  ? 4.537   7.101   0.531   1.00 9.57  ? 530 LEU A CD1 1 
ATOM   293  C CD2 . LEU A 1 41  ? 6.411   5.657   -0.288  1.00 12.47 ? 530 LEU A CD2 1 
ATOM   294  N N   . HIS A 1 42  ? 4.491   3.751   4.158   1.00 10.86 ? 531 HIS A N   1 
ATOM   295  C CA  . HIS A 1 42  ? 3.534   2.658   4.391   1.00 12.29 ? 531 HIS A CA  1 
ATOM   296  C C   . HIS A 1 42  ? 2.311   3.171   5.143   1.00 8.78  ? 531 HIS A C   1 
ATOM   297  O O   . HIS A 1 42  ? 1.170   2.814   4.824   1.00 8.85  ? 531 HIS A O   1 
ATOM   298  C CB  . HIS A 1 42  ? 4.158   1.514   5.213   1.00 11.29 ? 531 HIS A CB  1 
ATOM   299  C CG  . HIS A 1 42  ? 5.045   0.599   4.429   1.00 13.90 ? 531 HIS A CG  1 
ATOM   300  N ND1 . HIS A 1 42  ? 6.415   0.736   4.393   1.00 15.63 ? 531 HIS A ND1 1 
ATOM   301  C CD2 . HIS A 1 42  ? 4.759   -0.491  3.668   1.00 12.05 ? 531 HIS A CD2 1 
ATOM   302  C CE1 . HIS A 1 42  ? 6.936   -0.215  3.643   1.00 16.00 ? 531 HIS A CE1 1 
ATOM   303  N NE2 . HIS A 1 42  ? 5.953   -0.973  3.190   1.00 14.36 ? 531 HIS A NE2 1 
ATOM   304  N N   . PHE A 1 43  ? 2.559   3.984   6.169   1.00 11.26 ? 532 PHE A N   1 
ATOM   305  C CA  . PHE A 1 43  ? 1.489   4.498   7.013   1.00 12.18 ? 532 PHE A CA  1 
ATOM   306  C C   . PHE A 1 43  ? 0.636   5.486   6.249   1.00 11.61 ? 532 PHE A C   1 
ATOM   307  O O   . PHE A 1 43  ? -0.583  5.401   6.292   1.00 12.49 ? 532 PHE A O   1 
ATOM   308  C CB  . PHE A 1 43  ? 2.043   5.181   8.259   1.00 8.65  ? 532 PHE A CB  1 
ATOM   309  C CG  . PHE A 1 43  ? 2.497   4.225   9.325   1.00 12.28 ? 532 PHE A CG  1 
ATOM   310  C CD1 . PHE A 1 43  ? 1.662   3.215   9.773   1.00 16.82 ? 532 PHE A CD1 1 
ATOM   311  C CD2 . PHE A 1 43  ? 3.750   4.352   9.889   1.00 13.75 ? 532 PHE A CD2 1 
ATOM   312  C CE1 . PHE A 1 43  ? 2.080   2.339   10.769  1.00 13.91 ? 532 PHE A CE1 1 
ATOM   313  C CE2 . PHE A 1 43  ? 4.174   3.470   10.882  1.00 16.51 ? 532 PHE A CE2 1 
ATOM   314  C CZ  . PHE A 1 43  ? 3.329   2.467   11.320  1.00 13.19 ? 532 PHE A CZ  1 
ATOM   315  N N   . ALA A 1 44  ? 1.269   6.439   5.566   1.00 10.07 ? 533 ALA A N   1 
ATOM   316  C CA  . ALA A 1 44  ? 0.508   7.409   4.780   1.00 12.32 ? 533 ALA A CA  1 
ATOM   317  C C   . ALA A 1 44  ? -0.333  6.716   3.719   1.00 12.23 ? 533 ALA A C   1 
ATOM   318  O O   . ALA A 1 44  ? -1.471  7.120   3.449   1.00 9.46  ? 533 ALA A O   1 
ATOM   319  C CB  . ALA A 1 44  ? 1.436   8.430   4.131   1.00 9.34  ? 533 ALA A CB  1 
ATOM   320  N N   . ALA A 1 45  ? 0.230   5.675   3.103   1.00 10.26 ? 534 ALA A N   1 
ATOM   321  C CA  . ALA A 1 45  ? -0.493  4.936   2.076   1.00 10.25 ? 534 ALA A CA  1 
ATOM   322  C C   . ALA A 1 45  ? -1.650  4.168   2.687   1.00 12.17 ? 534 ALA A C   1 
ATOM   323  O O   . ALA A 1 45  ? -2.760  4.195   2.161   1.00 11.17 ? 534 ALA A O   1 
ATOM   324  C CB  . ALA A 1 45  ? 0.429   3.972   1.342   1.00 11.06 ? 534 ALA A CB  1 
ATOM   325  N N   . GLY A 1 46  ? -1.373  3.476   3.783   1.00 9.43  ? 535 GLY A N   1 
ATOM   326  C CA  . GLY A 1 46  ? -2.374  2.660   4.456   1.00 9.29  ? 535 GLY A CA  1 
ATOM   327  C C   . GLY A 1 46  ? -3.490  3.483   5.080   1.00 13.09 ? 535 GLY A C   1 
ATOM   328  O O   . GLY A 1 46  ? -4.633  3.019   5.183   1.00 11.34 ? 535 GLY A O   1 
ATOM   329  N N   . TYR A 1 47  ? -3.174  4.704   5.502   1.00 10.49 ? 536 TYR A N   1 
ATOM   330  C CA  . TYR A 1 47  ? -4.182  5.554   6.132   1.00 11.12 ? 536 TYR A CA  1 
ATOM   331  C C   . TYR A 1 47  ? -4.751  6.592   5.182   1.00 13.87 ? 536 TYR A C   1 
ATOM   332  O O   . TYR A 1 47  ? -5.412  7.532   5.625   1.00 12.42 ? 536 TYR A O   1 
ATOM   333  C CB  . TYR A 1 47  ? -3.626  6.237   7.384   1.00 12.15 ? 536 TYR A CB  1 
ATOM   334  C CG  . TYR A 1 47  ? -3.563  5.311   8.569   1.00 13.03 ? 536 TYR A CG  1 
ATOM   335  C CD1 . TYR A 1 47  ? -4.608  5.250   9.482   1.00 15.38 ? 536 TYR A CD1 1 
ATOM   336  C CD2 . TYR A 1 47  ? -2.469  4.477   8.763   1.00 12.97 ? 536 TYR A CD2 1 
ATOM   337  C CE1 . TYR A 1 47  ? -4.561  4.379   10.557  1.00 15.21 ? 536 TYR A CE1 1 
ATOM   338  C CE2 . TYR A 1 47  ? -2.411  3.608   9.837   1.00 15.59 ? 536 TYR A CE2 1 
ATOM   339  C CZ  . TYR A 1 47  ? -3.464  3.568   10.729  1.00 19.28 ? 536 TYR A CZ  1 
ATOM   340  O OH  . TYR A 1 47  ? -3.413  2.709   11.800  1.00 18.99 ? 536 TYR A OH  1 
ATOM   341  N N   . ASN A 1 48  ? -4.508  6.410   3.886   1.00 11.47 ? 537 ASN A N   1 
ATOM   342  C CA  . ASN A 1 48  ? -5.089  7.269   2.850   1.00 11.41 ? 537 ASN A CA  1 
ATOM   343  C C   . ASN A 1 48  ? -4.821  8.752   3.072   1.00 12.31 ? 537 ASN A C   1 
ATOM   344  O O   . ASN A 1 48  ? -5.726  9.591   2.971   1.00 13.73 ? 537 ASN A O   1 
ATOM   345  C CB  . ASN A 1 48  ? -6.597  7.017   2.714   1.00 12.52 ? 537 ASN A CB  1 
ATOM   346  C CG  . ASN A 1 48  ? -7.166  7.597   1.446   1.00 19.30 ? 537 ASN A CG  1 
ATOM   347  O OD1 . ASN A 1 48  ? -6.424  7.978   0.542   1.00 22.82 ? 537 ASN A OD1 1 
ATOM   348  N ND2 . ASN A 1 48  ? -8.489  7.667   1.365   1.00 19.53 ? 537 ASN A ND2 1 
ATOM   349  N N   . ARG A 1 49  ? -3.569  9.085   3.357   1.00 11.45 ? 538 ARG A N   1 
ATOM   350  C CA  . ARG A 1 49  ? -3.175  10.478  3.525   1.00 12.33 ? 538 ARG A CA  1 
ATOM   351  C C   . ARG A 1 49  ? -2.484  10.969  2.259   1.00 18.35 ? 538 ARG A C   1 
ATOM   352  O O   . ARG A 1 49  ? -1.261  10.915  2.138   1.00 13.34 ? 538 ARG A O   1 
ATOM   353  C CB  . ARG A 1 49  ? -2.245  10.616  4.719   1.00 13.58 ? 538 ARG A CB  1 
ATOM   354  C CG  . ARG A 1 49  ? -2.803  10.018  5.997   1.00 11.19 ? 538 ARG A CG  1 
ATOM   355  C CD  . ARG A 1 49  ? -4.220  10.517  6.317   1.00 13.27 ? 538 ARG A CD  1 
ATOM   356  N NE  . ARG A 1 49  ? -4.640  10.050  7.641   1.00 14.00 ? 538 ARG A NE  1 
ATOM   357  C CZ  . ARG A 1 49  ? -5.843  10.261  8.163   1.00 25.08 ? 538 ARG A CZ  1 
ATOM   358  N NH1 . ARG A 1 49  ? -6.757  10.933  7.475   1.00 20.69 ? 538 ARG A NH1 1 
ATOM   359  N NH2 . ARG A 1 49  ? -6.130  9.798   9.373   1.00 20.86 ? 538 ARG A NH2 1 
ATOM   360  N N   . VAL A 1 50  ? -3.279  11.453  1.318   1.00 14.94 ? 539 VAL A N   1 
ATOM   361  C CA  . VAL A 1 50  ? -2.777  11.753  -0.013  1.00 11.43 ? 539 VAL A CA  1 
ATOM   362  C C   . VAL A 1 50  ? -1.724  12.872  -0.031  1.00 15.03 ? 539 VAL A C   1 
ATOM   363  O O   . VAL A 1 50  ? -0.696  12.747  -0.707  1.00 12.75 ? 539 VAL A O   1 
ATOM   364  C CB  . VAL A 1 50  ? -3.940  12.069  -0.946  1.00 16.94 ? 539 VAL A CB  1 
ATOM   365  C CG1 . VAL A 1 50  ? -3.433  12.540  -2.290  1.00 17.47 ? 539 VAL A CG1 1 
ATOM   366  C CG2 . VAL A 1 50  ? -4.819  10.823  -1.112  1.00 16.99 ? 539 VAL A CG2 1 
ATOM   367  N N   A SER A 1 51  ? -1.979  13.946  0.712   0.52 13.20 ? 540 SER A N   1 
ATOM   368  N N   B SER A 1 51  ? -1.962  13.952  0.714   0.48 13.22 ? 540 SER A N   1 
ATOM   369  C CA  A SER A 1 51  ? -1.034  15.058  0.769   0.52 15.79 ? 540 SER A CA  1 
ATOM   370  C CA  B SER A 1 51  ? -1.004  15.061  0.748   0.48 15.71 ? 540 SER A CA  1 
ATOM   371  C C   A SER A 1 51  ? 0.298   14.627  1.383   0.52 15.02 ? 540 SER A C   1 
ATOM   372  C C   B SER A 1 51  ? 0.315   14.642  1.399   0.48 15.05 ? 540 SER A C   1 
ATOM   373  O O   A SER A 1 51  ? 1.361   15.044  0.924   0.52 14.96 ? 540 SER A O   1 
ATOM   374  O O   B SER A 1 51  ? 1.387   15.092  0.989   0.48 14.94 ? 540 SER A O   1 
ATOM   375  C CB  A SER A 1 51  ? -1.630  16.247  1.524   0.52 16.65 ? 540 SER A CB  1 
ATOM   376  C CB  B SER A 1 51  ? -1.583  16.286  1.459   0.48 16.53 ? 540 SER A CB  1 
ATOM   377  O OG  A SER A 1 51  ? -2.880  16.610  0.967   0.52 18.35 ? 540 SER A OG  1 
ATOM   378  O OG  B SER A 1 51  ? -1.676  16.079  2.858   0.48 16.60 ? 540 SER A OG  1 
ATOM   379  N N   . VAL A 1 52  ? 0.237   13.779  2.410   1.00 12.70 ? 541 VAL A N   1 
ATOM   380  C CA  . VAL A 1 52  ? 1.447   13.242  3.029   1.00 11.45 ? 541 VAL A CA  1 
ATOM   381  C C   . VAL A 1 52  ? 2.193   12.325  2.052   1.00 10.31 ? 541 VAL A C   1 
ATOM   382  O O   . VAL A 1 52  ? 3.419   12.409  1.929   1.00 11.48 ? 541 VAL A O   1 
ATOM   383  C CB  . VAL A 1 52  ? 1.155   12.469  4.342   1.00 11.20 ? 541 VAL A CB  1 
ATOM   384  C CG1 . VAL A 1 52  ? 2.413   11.800  4.840   1.00 15.73 ? 541 VAL A CG1 1 
ATOM   385  C CG2 . VAL A 1 52  ? 0.611   13.402  5.419   1.00 11.40 ? 541 VAL A CG2 1 
ATOM   386  N N   . VAL A 1 53  ? 1.464   11.447  1.370   1.00 12.56 ? 542 VAL A N   1 
ATOM   387  C CA  . VAL A 1 53  ? 2.082   10.574  0.371   1.00 11.91 ? 542 VAL A CA  1 
ATOM   388  C C   . VAL A 1 53  ? 2.803   11.426  -0.668  1.00 11.58 ? 542 VAL A C   1 
ATOM   389  O O   . VAL A 1 53  ? 3.952   11.161  -1.001  1.00 15.13 ? 542 VAL A O   1 
ATOM   390  C CB  . VAL A 1 53  ? 1.054   9.668   -0.338  1.00 12.50 ? 542 VAL A CB  1 
ATOM   391  C CG1 . VAL A 1 53  ? 1.666   9.013   -1.591  1.00 12.81 ? 542 VAL A CG1 1 
ATOM   392  C CG2 . VAL A 1 53  ? 0.534   8.599   0.621   1.00 10.46 ? 542 VAL A CG2 1 
ATOM   393  N N   . GLU A 1 54  ? 2.127   12.454  -1.165  1.00 11.33 ? 543 GLU A N   1 
ATOM   394  C CA  . GLU A 1 54  ? 2.725   13.325  -2.171  1.00 13.97 ? 543 GLU A CA  1 
ATOM   395  C C   . GLU A 1 54  ? 3.968   14.032  -1.648  1.00 12.98 ? 543 GLU A C   1 
ATOM   396  O O   . GLU A 1 54  ? 4.975   14.129  -2.351  1.00 16.70 ? 543 GLU A O   1 
ATOM   397  C CB  . GLU A 1 54  ? 1.690   14.311  -2.724  1.00 13.27 ? 543 GLU A CB  1 
ATOM   398  C CG  . GLU A 1 54  ? 0.704   13.612  -3.677  1.00 10.96 ? 543 GLU A CG  1 
ATOM   399  C CD  . GLU A 1 54  ? -0.564  14.396  -3.965  0.91 14.81 ? 543 GLU A CD  1 
ATOM   400  O OE1 . GLU A 1 54  ? -1.363  13.912  -4.793  0.75 13.43 ? 543 GLU A OE1 1 
ATOM   401  O OE2 . GLU A 1 54  ? -0.775  15.473  -3.367  0.76 13.20 ? 543 GLU A OE2 1 
ATOM   402  N N   . TYR A 1 55  ? 3.914   14.501  -0.405  1.00 10.62 ? 544 TYR A N   1 
ATOM   403  C CA  . TYR A 1 55  ? 5.072   15.157  0.180   1.00 14.37 ? 544 TYR A CA  1 
ATOM   404  C C   . TYR A 1 55  ? 6.234   14.181  0.349   1.00 12.82 ? 544 TYR A C   1 
ATOM   405  O O   . TYR A 1 55  ? 7.375   14.495  0.019   1.00 16.28 ? 544 TYR A O   1 
ATOM   406  C CB  . TYR A 1 55  ? 4.733   15.805  1.531   1.00 12.51 ? 544 TYR A CB  1 
ATOM   407  C CG  . TYR A 1 55  ? 5.917   16.549  2.100   1.00 17.91 ? 544 TYR A CG  1 
ATOM   408  C CD1 . TYR A 1 55  ? 6.172   17.857  1.723   1.00 23.34 ? 544 TYR A CD1 1 
ATOM   409  C CD2 . TYR A 1 55  ? 6.810   15.928  2.979   1.00 19.93 ? 544 TYR A CD2 1 
ATOM   410  C CE1 . TYR A 1 55  ? 7.265   18.543  2.216   1.00 25.81 ? 544 TYR A CE1 1 
ATOM   411  C CE2 . TYR A 1 55  ? 7.913   16.606  3.474   1.00 19.02 ? 544 TYR A CE2 1 
ATOM   412  C CZ  . TYR A 1 55  ? 8.130   17.915  3.084   1.00 24.05 ? 544 TYR A CZ  1 
ATOM   413  O OH  . TYR A 1 55  ? 9.213   18.608  3.565   1.00 29.14 ? 544 TYR A OH  1 
ATOM   414  N N   . LEU A 1 56  ? 5.946   12.996  0.868   1.00 13.55 ? 545 LEU A N   1 
ATOM   415  C CA  . LEU A 1 56  ? 6.987   12.002  1.102   1.00 14.00 ? 545 LEU A CA  1 
ATOM   416  C C   . LEU A 1 56  ? 7.653   11.565  -0.208  1.00 14.01 ? 545 LEU A C   1 
ATOM   417  O O   . LEU A 1 56  ? 8.886   11.476  -0.290  1.00 15.49 ? 545 LEU A O   1 
ATOM   418  C CB  . LEU A 1 56  ? 6.415   10.795  1.853   1.00 8.79  ? 545 LEU A CB  1 
ATOM   419  C CG  . LEU A 1 56  ? 5.971   11.037  3.300   1.00 10.07 ? 545 LEU A CG  1 
ATOM   420  C CD1 . LEU A 1 56  ? 5.229   9.786   3.786   1.00 10.59 ? 545 LEU A CD1 1 
ATOM   421  C CD2 . LEU A 1 56  ? 7.167   11.320  4.186   1.00 16.35 ? 545 LEU A CD2 1 
ATOM   422  N N   . LEU A 1 57  ? 6.848   11.323  -1.236  1.00 14.31 ? 546 LEU A N   1 
ATOM   423  C CA  . LEU A 1 57  ? 7.382   10.911  -2.535  1.00 16.81 ? 546 LEU A CA  1 
ATOM   424  C C   . LEU A 1 57  ? 8.303   11.977  -3.125  1.00 17.80 ? 546 LEU A C   1 
ATOM   425  O O   . LEU A 1 57  ? 9.244   11.652  -3.849  1.00 22.53 ? 546 LEU A O   1 
ATOM   426  C CB  . LEU A 1 57  ? 6.256   10.584  -3.519  1.00 16.68 ? 546 LEU A CB  1 
ATOM   427  C CG  . LEU A 1 57  ? 5.432   9.358   -3.143  1.00 20.71 ? 546 LEU A CG  1 
ATOM   428  C CD1 . LEU A 1 57  ? 4.351   9.058   -4.164  1.00 20.43 ? 546 LEU A CD1 1 
ATOM   429  C CD2 . LEU A 1 57  ? 6.368   8.190   -3.019  1.00 20.64 ? 546 LEU A CD2 1 
ATOM   430  N N   . GLN A 1 58  ? 8.031   13.240  -2.806  1.00 17.88 ? 547 GLN A N   1 
ATOM   431  C CA  . GLN A 1 58  ? 8.840   14.363  -3.291  1.00 17.71 ? 547 GLN A CA  1 
ATOM   432  C C   . GLN A 1 58  ? 10.078  14.628  -2.436  1.00 21.56 ? 547 GLN A C   1 
ATOM   433  O O   . GLN A 1 58  ? 11.001  15.329  -2.866  1.00 20.48 ? 547 GLN A O   1 
ATOM   434  C CB  . GLN A 1 58  ? 7.988   15.639  -3.364  1.00 24.42 ? 547 GLN A CB  1 
ATOM   435  N N   . HIS A 1 59  ? 10.111  14.081  -1.226  1.00 15.88 ? 548 HIS A N   1 
ATOM   436  C CA  . HIS A 1 59  ? 11.208  14.383  -0.307  1.00 17.32 ? 548 HIS A CA  1 
ATOM   437  C C   . HIS A 1 59  ? 11.959  13.166  0.240   1.00 14.12 ? 548 HIS A C   1 
ATOM   438  O O   . HIS A 1 59  ? 12.375  13.159  1.398   1.00 18.23 ? 548 HIS A O   1 
ATOM   439  C CB  . HIS A 1 59  ? 10.735  15.289  0.833   1.00 16.62 ? 548 HIS A CB  1 
ATOM   440  C CG  . HIS A 1 59  ? 10.342  16.657  0.378   1.00 21.52 ? 548 HIS A CG  1 
ATOM   441  N ND1 . HIS A 1 59  ? 9.111   16.931  -0.190  1.00 26.42 ? 548 HIS A ND1 1 
ATOM   442  C CD2 . HIS A 1 59  ? 11.030  17.824  0.358   1.00 23.51 ? 548 HIS A CD2 1 
ATOM   443  C CE1 . HIS A 1 59  ? 9.054   18.209  -0.514  1.00 26.62 ? 548 HIS A CE1 1 
ATOM   444  N NE2 . HIS A 1 59  ? 10.202  18.774  -0.193  1.00 27.12 ? 548 HIS A NE2 1 
ATOM   445  N N   . GLY A 1 60  ? 12.161  12.155  -0.600  1.00 14.85 ? 549 GLY A N   1 
ATOM   446  C CA  . GLY A 1 60  ? 13.095  11.093  -0.253  1.00 16.72 ? 549 GLY A CA  1 
ATOM   447  C C   . GLY A 1 60  ? 12.548  9.758   0.218   1.00 13.57 ? 549 GLY A C   1 
ATOM   448  O O   . GLY A 1 60  ? 13.323  8.868   0.542   1.00 16.83 ? 549 GLY A O   1 
ATOM   449  N N   . ALA A 1 61  ? 11.228  9.606   0.263   1.00 15.14 ? 550 ALA A N   1 
ATOM   450  C CA  . ALA A 1 61  ? 10.643  8.311   0.628   1.00 14.20 ? 550 ALA A CA  1 
ATOM   451  C C   . ALA A 1 61  ? 10.885  7.291   -0.473  1.00 16.35 ? 550 ALA A C   1 
ATOM   452  O O   . ALA A 1 61  ? 10.858  7.621   -1.661  1.00 15.71 ? 550 ALA A O   1 
ATOM   453  C CB  . ALA A 1 61  ? 9.147   8.443   0.891   1.00 15.63 ? 550 ALA A CB  1 
ATOM   454  N N   . ASP A 1 62  ? 11.114  6.047   -0.066  1.00 14.70 ? 551 ASP A N   1 
ATOM   455  C CA  . ASP A 1 62  ? 11.334  4.950   -0.994  1.00 12.97 ? 551 ASP A CA  1 
ATOM   456  C C   . ASP A 1 62  ? 10.024  4.213   -1.273  1.00 17.18 ? 551 ASP A C   1 
ATOM   457  O O   . ASP A 1 62  ? 9.462   3.545   -0.386  1.00 15.45 ? 551 ASP A O   1 
ATOM   458  C CB  . ASP A 1 62  ? 12.382  4.000   -0.401  1.00 16.22 ? 551 ASP A CB  1 
ATOM   459  C CG  . ASP A 1 62  ? 12.704  2.830   -1.313  1.00 25.37 ? 551 ASP A CG  1 
ATOM   460  O OD1 . ASP A 1 62  ? 12.199  2.792   -2.453  1.00 22.14 ? 551 ASP A OD1 1 
ATOM   461  O OD2 . ASP A 1 62  ? 13.478  1.948   -0.884  1.00 31.49 ? 551 ASP A OD2 1 
ATOM   462  N N   . VAL A 1 63  ? 9.553   4.343   -2.513  1.00 12.75 ? 552 VAL A N   1 
ATOM   463  C CA  A VAL A 1 63  ? 8.325   3.684   -2.962  0.35 13.70 ? 552 VAL A CA  1 
ATOM   464  C CA  B VAL A 1 63  ? 8.321   3.709   -2.944  0.65 13.61 ? 552 VAL A CA  1 
ATOM   465  C C   . VAL A 1 63  ? 8.434   2.177   -2.884  1.00 15.61 ? 552 VAL A C   1 
ATOM   466  O O   . VAL A 1 63  ? 7.430   1.474   -2.832  1.00 15.62 ? 552 VAL A O   1 
ATOM   467  C CB  A VAL A 1 63  ? 7.976   4.010   -4.429  0.35 17.28 ? 552 VAL A CB  1 
ATOM   468  C CB  B VAL A 1 63  ? 7.932   4.218   -4.360  0.65 17.28 ? 552 VAL A CB  1 
ATOM   469  C CG1 A VAL A 1 63  ? 7.551   5.430   -4.576  0.35 15.24 ? 552 VAL A CG1 1 
ATOM   470  C CG1 B VAL A 1 63  ? 8.938   3.744   -5.396  0.65 16.42 ? 552 VAL A CG1 1 
ATOM   471  C CG2 A VAL A 1 63  ? 9.154   3.725   -5.334  0.35 16.41 ? 552 VAL A CG2 1 
ATOM   472  C CG2 B VAL A 1 63  ? 6.531   3.784   -4.744  0.65 13.54 ? 552 VAL A CG2 1 
ATOM   473  N N   . HIS A 1 64  ? 9.663   1.670   -2.861  1.00 13.09 ? 553 HIS A N   1 
ATOM   474  C CA  . HIS A 1 64  ? 9.887   0.225   -2.902  1.00 18.15 ? 553 HIS A CA  1 
ATOM   475  C C   . HIS A 1 64  ? 10.162  -0.435  -1.550  1.00 20.24 ? 553 HIS A C   1 
ATOM   476  O O   . HIS A 1 64  ? 10.429  -1.633  -1.503  1.00 18.73 ? 553 HIS A O   1 
ATOM   477  C CB  . HIS A 1 64  ? 11.045  -0.093  -3.850  1.00 19.14 ? 553 HIS A CB  1 
ATOM   478  C CG  . HIS A 1 64  ? 10.881  0.505   -5.213  1.00 18.68 ? 553 HIS A CG  1 
ATOM   479  N ND1 . HIS A 1 64  ? 9.876   0.113   -6.073  1.00 18.92 ? 553 HIS A ND1 1 
ATOM   480  C CD2 . HIS A 1 64  ? 11.581  1.468   -5.852  1.00 18.46 ? 553 HIS A CD2 1 
ATOM   481  C CE1 . HIS A 1 64  ? 9.972   0.812   -7.194  1.00 23.31 ? 553 HIS A CE1 1 
ATOM   482  N NE2 . HIS A 1 64  ? 10.988  1.640   -7.089  1.00 18.28 ? 553 HIS A NE2 1 
ATOM   483  N N   . ALA A 1 65  ? 10.096  0.332   -0.463  1.00 15.80 ? 554 ALA A N   1 
ATOM   484  C CA  . ALA A 1 65  ? 10.445  -0.203  0.850   1.00 14.34 ? 554 ALA A CA  1 
ATOM   485  C C   . ALA A 1 65  ? 9.487   -1.313  1.263   1.00 15.33 ? 554 ALA A C   1 
ATOM   486  O O   . ALA A 1 65  ? 8.287   -1.222  1.011   1.00 11.45 ? 554 ALA A O   1 
ATOM   487  C CB  . ALA A 1 65  ? 10.458  0.905   1.892   1.00 14.23 ? 554 ALA A CB  1 
ATOM   488  N N   . LYS A 1 66  ? 10.021  -2.364  1.888   1.00 13.08 ? 555 LYS A N   1 
ATOM   489  C CA  . LYS A 1 66  ? 9.195   -3.473  2.357   1.00 16.38 ? 555 LYS A CA  1 
ATOM   490  C C   . LYS A 1 66  ? 9.056   -3.436  3.869   1.00 15.33 ? 555 LYS A C   1 
ATOM   491  O O   . LYS A 1 66  ? 10.022  -3.119  4.575   1.00 18.58 ? 555 LYS A O   1 
ATOM   492  C CB  . LYS A 1 66  ? 9.818   -4.812  1.938   1.00 16.39 ? 555 LYS A CB  1 
ATOM   493  C CG  . LYS A 1 66  ? 9.967   -4.972  0.424   1.00 19.22 ? 555 LYS A CG  1 
ATOM   494  C CD  . LYS A 1 66  ? 10.689  -6.266  0.062   1.00 23.70 ? 555 LYS A CD  1 
ATOM   495  C CE  . LYS A 1 66  ? 11.008  -6.322  -1.431  1.00 33.06 ? 555 LYS A CE  1 
ATOM   496  N NZ  . LYS A 1 66  ? 9.774   -6.347  -2.258  1.00 23.61 ? 555 LYS A NZ  1 
ATOM   497  N N   . ASP A 1 67  ? 7.867   -3.779  4.371   1.00 11.72 ? 556 ASP A N   1 
ATOM   498  C CA  . ASP A 1 67  ? 7.712   -3.971  5.810   1.00 12.37 ? 556 ASP A CA  1 
ATOM   499  C C   . ASP A 1 67  ? 8.087   -5.412  6.173   1.00 12.85 ? 556 ASP A C   1 
ATOM   500  O O   . ASP A 1 67  ? 8.589   -6.150  5.316   1.00 15.83 ? 556 ASP A O   1 
ATOM   501  C CB  . ASP A 1 67  ? 6.313   -3.555  6.307   1.00 12.70 ? 556 ASP A CB  1 
ATOM   502  C CG  . ASP A 1 67  ? 5.213   -4.557  5.952   1.00 15.90 ? 556 ASP A CG  1 
ATOM   503  O OD1 . ASP A 1 67  ? 5.486   -5.643  5.387   1.00 16.53 ? 556 ASP A OD1 1 
ATOM   504  O OD2 . ASP A 1 67  ? 4.040   -4.256  6.270   1.00 17.66 ? 556 ASP A OD2 1 
ATOM   505  N N   . LYS A 1 68  ? 7.851   -5.821  7.420   1.00 10.59 ? 557 LYS A N   1 
ATOM   506  C CA  . LYS A 1 68  ? 8.354   -7.120  7.878   1.00 12.86 ? 557 LYS A CA  1 
ATOM   507  C C   . LYS A 1 68  ? 7.757   -8.302  7.109   1.00 14.67 ? 557 LYS A C   1 
ATOM   508  O O   . LYS A 1 68  ? 8.375   -9.363  7.012   1.00 15.07 ? 557 LYS A O   1 
ATOM   509  C CB  . LYS A 1 68  ? 8.132   -7.298  9.384   1.00 15.99 ? 557 LYS A CB  1 
ATOM   510  C CG  . LYS A 1 68  ? 6.714   -7.671  9.764   1.00 20.50 ? 557 LYS A CG  1 
ATOM   511  C CD  . LYS A 1 68  ? 6.606   -7.932  11.259  1.00 26.18 ? 557 LYS A CD  1 
ATOM   512  C CE  . LYS A 1 68  ? 5.217   -8.435  11.625  0.71 26.39 ? 557 LYS A CE  1 
ATOM   513  N NZ  . LYS A 1 68  ? 5.020   -8.398  13.099  1.00 33.64 ? 557 LYS A NZ  1 
ATOM   514  N N   . GLY A 1 69  ? 6.563   -8.113  6.554   1.00 14.35 ? 558 GLY A N   1 
ATOM   515  C CA  . GLY A 1 69  ? 5.893   -9.165  5.802   1.00 15.71 ? 558 GLY A CA  1 
ATOM   516  C C   . GLY A 1 69  ? 6.153   -9.054  4.312   1.00 11.79 ? 558 GLY A C   1 
ATOM   517  O O   . GLY A 1 69  ? 5.587   -9.800  3.513   1.00 17.02 ? 558 GLY A O   1 
ATOM   518  N N   . GLY A 1 70  ? 7.017   -8.116  3.936   1.00 14.69 ? 559 GLY A N   1 
ATOM   519  C CA  . GLY A 1 70  ? 7.368   -7.919  2.544   1.00 14.54 ? 559 GLY A CA  1 
ATOM   520  C C   . GLY A 1 70  ? 6.381   -7.044  1.789   1.00 12.41 ? 559 GLY A C   1 
ATOM   521  O O   . GLY A 1 70  ? 6.406   -7.004  0.549   1.00 11.81 ? 559 GLY A O   1 
ATOM   522  N N   . LEU A 1 71  ? 5.501   -6.352  2.515   1.00 9.89  ? 560 LEU A N   1 
ATOM   523  C CA  . LEU A 1 71  ? 4.531   -5.478  1.849   1.00 10.67 ? 560 LEU A CA  1 
ATOM   524  C C   . LEU A 1 71  ? 5.197   -4.172  1.456   1.00 12.54 ? 560 LEU A C   1 
ATOM   525  O O   . LEU A 1 71  ? 5.927   -3.593  2.251   1.00 12.42 ? 560 LEU A O   1 
ATOM   526  C CB  . LEU A 1 71  ? 3.344   -5.149  2.762   1.00 9.70  ? 560 LEU A CB  1 
ATOM   527  C CG  . LEU A 1 71  ? 2.485   -6.336  3.203   1.00 16.95 ? 560 LEU A CG  1 
ATOM   528  C CD1 . LEU A 1 71  ? 1.466   -5.861  4.210   1.00 22.94 ? 560 LEU A CD1 1 
ATOM   529  C CD2 . LEU A 1 71  ? 1.769   -6.966  2.020   1.00 18.06 ? 560 LEU A CD2 1 
ATOM   530  N N   . VAL A 1 72  ? 4.929   -3.700  0.242   1.00 11.17 ? 561 VAL A N   1 
ATOM   531  C CA  . VAL A 1 72  ? 5.365   -2.362  -0.154  1.00 9.43  ? 561 VAL A CA  1 
ATOM   532  C C   . VAL A 1 72  ? 4.190   -1.417  0.063   1.00 14.15 ? 561 VAL A C   1 
ATOM   533  O O   . VAL A 1 72  ? 3.074   -1.877  0.292   1.00 11.46 ? 561 VAL A O   1 
ATOM   534  C CB  . VAL A 1 72  ? 5.824   -2.334  -1.610  1.00 9.89  ? 561 VAL A CB  1 
ATOM   535  C CG1 . VAL A 1 72  ? 6.987   -3.290  -1.789  1.00 16.72 ? 561 VAL A CG1 1 
ATOM   536  C CG2 . VAL A 1 72  ? 4.671   -2.711  -2.541  1.00 14.24 ? 561 VAL A CG2 1 
ATOM   537  N N   . PRO A 1 73  ? 4.431   -0.098  0.034   1.00 10.59 ? 562 PRO A N   1 
ATOM   538  C CA  . PRO A 1 73  ? 3.286   0.785   0.288   1.00 12.94 ? 562 PRO A CA  1 
ATOM   539  C C   . PRO A 1 73  ? 2.128   0.552   -0.684  1.00 10.08 ? 562 PRO A C   1 
ATOM   540  O O   . PRO A 1 73  ? 0.977   0.773   -0.301  1.00 12.65 ? 562 PRO A O   1 
ATOM   541  C CB  . PRO A 1 73  ? 3.901   2.181   0.147   1.00 10.78 ? 562 PRO A CB  1 
ATOM   542  C CG  . PRO A 1 73  ? 5.322   1.968   0.628   1.00 12.03 ? 562 PRO A CG  1 
ATOM   543  C CD  . PRO A 1 73  ? 5.701   0.651   0.011   1.00 10.07 ? 562 PRO A CD  1 
ATOM   544  N N   . LEU A 1 74  ? 2.406   0.078   -1.901  1.00 8.85  ? 563 LEU A N   1 
ATOM   545  C CA  . LEU A 1 74  ? 1.322   -0.224  -2.834  1.00 10.41 ? 563 LEU A CA  1 
ATOM   546  C C   . LEU A 1 74  ? 0.391   -1.307  -2.293  1.00 10.99 ? 563 LEU A C   1 
ATOM   547  O O   . LEU A 1 74  ? -0.820  -1.243  -2.513  1.00 9.86  ? 563 LEU A O   1 
ATOM   548  C CB  . LEU A 1 74  ? 1.848   -0.607  -4.232  1.00 11.23 ? 563 LEU A CB  1 
ATOM   549  C CG  . LEU A 1 74  ? 0.797   -0.857  -5.326  1.00 11.37 ? 563 LEU A CG  1 
ATOM   550  C CD1 . LEU A 1 74  ? -0.149  0.342   -5.524  1.00 12.09 ? 563 LEU A CD1 1 
ATOM   551  C CD2 . LEU A 1 74  ? 1.480   -1.189  -6.651  1.00 13.79 ? 563 LEU A CD2 1 
ATOM   552  N N   . HIS A 1 75  ? 0.941   -2.297  -1.581  1.00 15.16 ? 564 HIS A N   1 
ATOM   553  C CA  . HIS A 1 75  ? 0.103   -3.318  -0.946  1.00 10.59 ? 564 HIS A CA  1 
ATOM   554  C C   . HIS A 1 75  ? -0.855  -2.688  0.057   1.00 12.09 ? 564 HIS A C   1 
ATOM   555  O O   . HIS A 1 75  ? -2.029  -3.048  0.106   1.00 12.99 ? 564 HIS A O   1 
ATOM   556  C CB  . HIS A 1 75  ? 0.945   -4.349  -0.184  1.00 11.79 ? 564 HIS A CB  1 
ATOM   557  C CG  . HIS A 1 75  ? 1.585   -5.390  -1.048  1.00 13.29 ? 564 HIS A CG  1 
ATOM   558  N ND1 . HIS A 1 75  ? 2.954   -5.453  -1.245  1.00 11.32 ? 564 HIS A ND1 1 
ATOM   559  C CD2 . HIS A 1 75  ? 1.062   -6.432  -1.732  1.00 15.72 ? 564 HIS A CD2 1 
ATOM   560  C CE1 . HIS A 1 75  ? 3.236   -6.479  -2.018  1.00 16.75 ? 564 HIS A CE1 1 
ATOM   561  N NE2 . HIS A 1 75  ? 2.109   -7.098  -2.333  1.00 12.97 ? 564 HIS A NE2 1 
ATOM   562  N N   . ASN A 1 76  ? -0.341  -1.790  0.893   1.00 11.28 ? 565 ASN A N   1 
ATOM   563  C CA  . ASN A 1 76  ? -1.186  -1.120  1.885   1.00 14.32 ? 565 ASN A CA  1 
ATOM   564  C C   . ASN A 1 76  ? -2.323  -0.351  1.216   1.00 15.03 ? 565 ASN A C   1 
ATOM   565  O O   . ASN A 1 76  ? -3.479  -0.442  1.640   1.00 14.53 ? 565 ASN A O   1 
ATOM   566  C CB  . ASN A 1 76  ? -0.362  -0.173  2.776   1.00 13.67 ? 565 ASN A CB  1 
ATOM   567  C CG  . ASN A 1 76  ? 0.775   -0.885  3.510   1.00 23.50 ? 565 ASN A CG  1 
ATOM   568  O OD1 . ASN A 1 76  ? 1.671   -1.457  2.885   1.00 28.62 ? 565 ASN A OD1 1 
ATOM   569  N ND2 . ASN A 1 76  ? 0.756   -0.826  4.837   1.00 17.40 ? 565 ASN A ND2 1 
ATOM   570  N N   . ALA A 1 77  ? -2.004  0.397   0.161   1.00 13.48 ? 566 ALA A N   1 
ATOM   571  C CA  . ALA A 1 77  ? -3.030  1.177   -0.529  1.00 14.23 ? 566 ALA A CA  1 
ATOM   572  C C   . ALA A 1 77  ? -4.113  0.271   -1.110  1.00 12.83 ? 566 ALA A C   1 
ATOM   573  O O   . ALA A 1 77  ? -5.308  0.582   -1.041  1.00 14.79 ? 566 ALA A O   1 
ATOM   574  C CB  . ALA A 1 77  ? -2.412  2.042   -1.615  1.00 12.39 ? 566 ALA A CB  1 
ATOM   575  N N   . CYS A 1 78  ? -3.696  -0.851  -1.686  1.00 12.19 ? 567 CYS A N   1 
ATOM   576  C CA  . CYS A 1 78  ? -4.639  -1.758  -2.329  1.00 13.50 ? 567 CYS A CA  1 
ATOM   577  C C   . CYS A 1 78  ? -5.487  -2.519  -1.324  1.00 15.87 ? 567 CYS A C   1 
ATOM   578  O O   . CYS A 1 78  ? -6.683  -2.708  -1.539  1.00 17.40 ? 567 CYS A O   1 
ATOM   579  C CB  . CYS A 1 78  ? -3.910  -2.721  -3.265  1.00 12.85 ? 567 CYS A CB  1 
ATOM   580  S SG  . CYS A 1 78  ? -3.250  -1.850  -4.706  1.00 16.80 ? 567 CYS A SG  1 
ATOM   581  N N   . SER A 1 79  ? -4.861  -2.943  -0.231  1.00 14.17 ? 568 SER A N   1 
ATOM   582  C CA  . SER A 1 79  ? -5.531  -3.688  0.828   1.00 18.18 ? 568 SER A CA  1 
ATOM   583  C C   . SER A 1 79  ? -6.615  -2.899  1.531   1.00 18.35 ? 568 SER A C   1 
ATOM   584  O O   . SER A 1 79  ? -7.617  -3.464  1.965   1.00 18.83 ? 568 SER A O   1 
ATOM   585  C CB  . SER A 1 79  ? -4.511  -4.131  1.875   1.00 20.44 ? 568 SER A CB  1 
ATOM   586  O OG  . SER A 1 79  ? -3.583  -5.016  1.297   1.00 32.71 ? 568 SER A OG  1 
ATOM   587  N N   . TYR A 1 80  ? -6.399  -1.595  1.668   1.00 12.66 ? 569 TYR A N   1 
ATOM   588  C CA  . TYR A 1 80  ? -7.338  -0.746  2.384   1.00 14.59 ? 569 TYR A CA  1 
ATOM   589  C C   . TYR A 1 80  ? -8.171  0.094   1.439   1.00 17.46 ? 569 TYR A C   1 
ATOM   590  O O   . TYR A 1 80  ? -8.926  0.951   1.886   1.00 14.88 ? 569 TYR A O   1 
ATOM   591  C CB  . TYR A 1 80  ? -6.609  0.146   3.389   1.00 13.66 ? 569 TYR A CB  1 
ATOM   592  C CG  . TYR A 1 80  ? -6.092  -0.625  4.566   1.00 13.42 ? 569 TYR A CG  1 
ATOM   593  C CD1 . TYR A 1 80  ? -6.953  -1.025  5.578   1.00 17.79 ? 569 TYR A CD1 1 
ATOM   594  C CD2 . TYR A 1 80  ? -4.753  -0.974  4.663   1.00 15.88 ? 569 TYR A CD2 1 
ATOM   595  C CE1 . TYR A 1 80  ? -6.500  -1.743  6.653   1.00 17.71 ? 569 TYR A CE1 1 
ATOM   596  C CE2 . TYR A 1 80  ? -4.285  -1.696  5.745   1.00 17.97 ? 569 TYR A CE2 1 
ATOM   597  C CZ  . TYR A 1 80  ? -5.169  -2.077  6.737   1.00 18.24 ? 569 TYR A CZ  1 
ATOM   598  O OH  . TYR A 1 80  ? -4.737  -2.786  7.829   1.00 20.66 ? 569 TYR A OH  1 
ATOM   599  N N   . GLY A 1 81  ? -8.016  -0.152  0.140   1.00 13.54 ? 570 GLY A N   1 
ATOM   600  C CA  . GLY A 1 81  ? -8.902  0.388   -0.879  1.00 15.92 ? 570 GLY A CA  1 
ATOM   601  C C   . GLY A 1 81  ? -8.758  1.866   -1.165  1.00 13.77 ? 570 GLY A C   1 
ATOM   602  O O   . GLY A 1 81  ? -9.741  2.551   -1.437  1.00 15.15 ? 570 GLY A O   1 
ATOM   603  N N   . HIS A 1 82  ? -7.524  2.358   -1.112  1.00 9.54  ? 571 HIS A N   1 
ATOM   604  C CA  . HIS A 1 82  ? -7.251  3.776   -1.266  1.00 12.03 ? 571 HIS A CA  1 
ATOM   605  C C   . HIS A 1 82  ? -6.753  4.035   -2.682  1.00 11.22 ? 571 HIS A C   1 
ATOM   606  O O   . HIS A 1 82  ? -5.567  3.877   -2.977  1.00 10.64 ? 571 HIS A O   1 
ATOM   607  C CB  . HIS A 1 82  ? -6.195  4.202   -0.239  1.00 13.98 ? 571 HIS A CB  1 
ATOM   608  C CG  . HIS A 1 82  ? -6.593  3.915   1.182   1.00 12.15 ? 571 HIS A CG  1 
ATOM   609  N ND1 . HIS A 1 82  ? -7.891  4.012   1.626   1.00 16.72 ? 571 HIS A ND1 1 
ATOM   610  C CD2 . HIS A 1 82  ? -5.851  3.532   2.255   1.00 11.29 ? 571 HIS A CD2 1 
ATOM   611  C CE1 . HIS A 1 82  ? -7.937  3.710   2.919   1.00 13.31 ? 571 HIS A CE1 1 
ATOM   612  N NE2 . HIS A 1 82  ? -6.715  3.419   3.317   1.00 11.35 ? 571 HIS A NE2 1 
ATOM   613  N N   . TYR A 1 83  ? -7.659  4.438   -3.558  1.00 11.84 ? 572 TYR A N   1 
ATOM   614  C CA  . TYR A 1 83  ? -7.332  4.563   -4.969  1.00 11.20 ? 572 TYR A CA  1 
ATOM   615  C C   . TYR A 1 83  ? -6.298  5.639   -5.283  1.00 13.33 ? 572 TYR A C   1 
ATOM   616  O O   . TYR A 1 83  ? -5.353  5.388   -6.030  1.00 12.11 ? 572 TYR A O   1 
ATOM   617  C CB  . TYR A 1 83  ? -8.595  4.797   -5.824  1.00 12.62 ? 572 TYR A CB  1 
ATOM   618  C CG  . TYR A 1 83  ? -8.194  5.139   -7.229  1.00 9.04  ? 572 TYR A CG  1 
ATOM   619  C CD1 . TYR A 1 83  ? -7.866  4.137   -8.136  1.00 11.27 ? 572 TYR A CD1 1 
ATOM   620  C CD2 . TYR A 1 83  ? -8.082  6.462   -7.635  1.00 13.14 ? 572 TYR A CD2 1 
ATOM   621  C CE1 . TYR A 1 83  ? -7.443  4.447   -9.420  1.00 12.20 ? 572 TYR A CE1 1 
ATOM   622  C CE2 . TYR A 1 83  ? -7.663  6.780   -8.902  1.00 15.22 ? 572 TYR A CE2 1 
ATOM   623  C CZ  . TYR A 1 83  ? -7.339  5.772   -9.790  1.00 15.35 ? 572 TYR A CZ  1 
ATOM   624  O OH  . TYR A 1 83  ? -6.920  6.110   -11.056 1.00 15.57 ? 572 TYR A OH  1 
ATOM   625  N N   . GLU A 1 84  ? -6.508  6.854   -4.785  1.00 12.53 ? 573 GLU A N   1 
ATOM   626  C CA  . GLU A 1 84  ? -5.627  7.957   -5.159  1.00 15.24 ? 573 GLU A CA  1 
ATOM   627  C C   . GLU A 1 84  ? -4.193  7.643   -4.762  1.00 15.29 ? 573 GLU A C   1 
ATOM   628  O O   . GLU A 1 84  ? -3.264  7.877   -5.534  1.00 11.78 ? 573 GLU A O   1 
ATOM   629  C CB  . GLU A 1 84  ? -6.053  9.257   -4.497  1.00 15.15 ? 573 GLU A CB  1 
ATOM   630  C CG  . GLU A 1 84  ? -7.372  9.826   -4.972  1.00 20.58 ? 573 GLU A CG  1 
ATOM   631  C CD  . GLU A 1 84  ? -7.841  10.929  -4.040  1.00 36.95 ? 573 GLU A CD  1 
ATOM   632  O OE1 . GLU A 1 84  ? -8.619  10.627  -3.107  1.00 41.44 ? 573 GLU A OE1 1 
ATOM   633  O OE2 . GLU A 1 84  ? -7.397  12.085  -4.213  1.00 33.64 ? 573 GLU A OE2 1 
ATOM   634  N N   . VAL A 1 85  ? -4.016  7.107   -3.557  1.00 14.95 ? 574 VAL A N   1 
ATOM   635  C CA  . VAL A 1 85  ? -2.694  6.663   -3.126  1.00 12.15 ? 574 VAL A CA  1 
ATOM   636  C C   . VAL A 1 85  ? -2.118  5.597   -4.069  1.00 15.44 ? 574 VAL A C   1 
ATOM   637  O O   . VAL A 1 85  ? -0.958  5.687   -4.478  1.00 10.01 ? 574 VAL A O   1 
ATOM   638  C CB  . VAL A 1 85  ? -2.701  6.154   -1.671  1.00 14.96 ? 574 VAL A CB  1 
ATOM   639  C CG1 . VAL A 1 85  ? -1.354  5.550   -1.325  1.00 14.78 ? 574 VAL A CG1 1 
ATOM   640  C CG2 . VAL A 1 85  ? -3.027  7.292   -0.712  1.00 16.82 ? 574 VAL A CG2 1 
ATOM   641  N N   . ALA A 1 86  ? -2.922  4.602   -4.435  1.00 12.18 ? 575 ALA A N   1 
ATOM   642  C CA  . ALA A 1 86  ? -2.432  3.558   -5.336  1.00 15.11 ? 575 ALA A CA  1 
ATOM   643  C C   . ALA A 1 86  ? -1.973  4.143   -6.677  1.00 17.28 ? 575 ALA A C   1 
ATOM   644  O O   . ALA A 1 86  ? -0.910  3.788   -7.180  1.00 13.49 ? 575 ALA A O   1 
ATOM   645  C CB  . ALA A 1 86  ? -3.473  2.456   -5.542  1.00 12.82 ? 575 ALA A CB  1 
ATOM   646  N N   . GLU A 1 87  ? -2.758  5.060   -7.234  1.00 11.95 ? 576 GLU A N   1 
ATOM   647  C CA  . GLU A 1 87  ? -2.392  5.715   -8.492  1.00 14.73 ? 576 GLU A CA  1 
ATOM   648  C C   . GLU A 1 87  ? -1.093  6.515   -8.376  1.00 14.65 ? 576 GLU A C   1 
ATOM   649  O O   . GLU A 1 87  ? -0.251  6.473   -9.280  1.00 14.04 ? 576 GLU A O   1 
ATOM   650  C CB  . GLU A 1 87  ? -3.535  6.605   -8.983  1.00 15.35 ? 576 GLU A CB  1 
ATOM   651  C CG  . GLU A 1 87  ? -3.151  7.603   -10.079 1.00 14.73 ? 576 GLU A CG  1 
ATOM   652  C CD  . GLU A 1 87  ? -2.917  6.961   -11.435 1.00 23.16 ? 576 GLU A CD  1 
ATOM   653  O OE2 . GLU A 1 87  ? -3.675  6.042   -11.801 0.88 25.88 ? 576 GLU A OE2 1 
ATOM   654  N N   . LEU A 1 88  ? -0.932  7.237   -7.270  1.00 10.40 ? 577 LEU A N   1 
ATOM   655  C CA  . LEU A 1 88  ? 0.269   8.033   -7.046  1.00 13.84 ? 577 LEU A CA  1 
ATOM   656  C C   . LEU A 1 88  ? 1.477   7.128   -6.949  1.00 14.97 ? 577 LEU A C   1 
ATOM   657  O O   . LEU A 1 88  ? 2.515   7.407   -7.550  1.00 13.58 ? 577 LEU A O   1 
ATOM   658  C CB  . LEU A 1 88  ? 0.153   8.877   -5.767  1.00 12.93 ? 577 LEU A CB  1 
ATOM   659  C CG  . LEU A 1 88  ? -0.760  10.095  -5.877  1.00 13.82 ? 577 LEU A CG  1 
ATOM   660  C CD1 . LEU A 1 88  ? -1.076  10.609  -4.480  1.00 11.19 ? 577 LEU A CD1 1 
ATOM   661  C CD2 . LEU A 1 88  ? -0.107  11.186  -6.735  1.00 15.50 ? 577 LEU A CD2 1 
ATOM   662  N N   . LEU A 1 89  ? 1.355   6.043   -6.186  1.00 12.15 ? 578 LEU A N   1 
ATOM   663  C CA  . LEU A 1 89  ? 2.489   5.144   -6.026  1.00 14.16 ? 578 LEU A CA  1 
ATOM   664  C C   . LEU A 1 89  ? 2.863   4.518   -7.362  1.00 15.05 ? 578 LEU A C   1 
ATOM   665  O O   . LEU A 1 89  ? 4.043   4.401   -7.678  1.00 17.08 ? 578 LEU A O   1 
ATOM   666  C CB  . LEU A 1 89  ? 2.217   4.065   -4.975  1.00 14.00 ? 578 LEU A CB  1 
ATOM   667  C CG  . LEU A 1 89  ? 1.980   4.579   -3.551  1.00 10.88 ? 578 LEU A CG  1 
ATOM   668  C CD1 . LEU A 1 89  ? 1.402   3.447   -2.721  1.00 11.33 ? 578 LEU A CD1 1 
ATOM   669  C CD2 . LEU A 1 89  ? 3.260   5.097   -2.920  1.00 12.11 ? 578 LEU A CD2 1 
ATOM   670  N N   . VAL A 1 90  ? 1.864   4.133   -8.153  1.00 10.71 ? 579 VAL A N   1 
ATOM   671  C CA  . VAL A 1 90  ? 2.137   3.574   -9.477  1.00 12.34 ? 579 VAL A CA  1 
ATOM   672  C C   . VAL A 1 90  ? 2.769   4.608   -10.409 1.00 18.28 ? 579 VAL A C   1 
ATOM   673  O O   . VAL A 1 90  ? 3.718   4.298   -11.128 1.00 19.01 ? 579 VAL A O   1 
ATOM   674  C CB  . VAL A 1 90  ? 0.878   2.959   -10.127 1.00 15.54 ? 579 VAL A CB  1 
ATOM   675  C CG1 . VAL A 1 90  ? 1.167   2.549   -11.573 1.00 17.26 ? 579 VAL A CG1 1 
ATOM   676  C CG2 . VAL A 1 90  ? 0.416   1.749   -9.330  1.00 21.00 ? 579 VAL A CG2 1 
ATOM   677  N N   . LYS A 1 91  ? 2.263   5.839   -10.390 1.00 16.48 ? 580 LYS A N   1 
ATOM   678  C CA  . LYS A 1 91  ? 2.844   6.900   -11.208 1.00 14.24 ? 580 LYS A CA  1 
ATOM   679  C C   . LYS A 1 91  ? 4.294   7.183   -10.794 1.00 18.34 ? 580 LYS A C   1 
ATOM   680  O O   . LYS A 1 91  ? 5.122   7.609   -11.609 1.00 20.27 ? 580 LYS A O   1 
ATOM   681  C CB  . LYS A 1 91  ? 1.994   8.180   -11.124 1.00 18.41 ? 580 LYS A CB  1 
ATOM   682  N N   . HIS A 1 92  ? 4.606   6.925   -9.528  1.00 14.02 ? 581 HIS A N   1 
ATOM   683  C CA  . HIS A 1 92  ? 5.957   7.149   -9.026  1.00 15.53 ? 581 HIS A CA  1 
ATOM   684  C C   . HIS A 1 92  ? 6.800   5.875   -9.034  1.00 17.12 ? 581 HIS A C   1 
ATOM   685  O O   . HIS A 1 92  ? 7.811   5.790   -8.343  1.00 17.83 ? 581 HIS A O   1 
ATOM   686  C CB  . HIS A 1 92  ? 5.917   7.771   -7.625  1.00 15.21 ? 581 HIS A CB  1 
ATOM   687  C CG  . HIS A 1 92  ? 5.550   9.227   -7.622  1.00 14.34 ? 581 HIS A CG  1 
ATOM   688  N ND1 . HIS A 1 92  ? 4.249   9.670   -7.649  1.00 19.69 ? 581 HIS A ND1 1 
ATOM   689  C CD2 . HIS A 1 92  ? 6.327   10.334  -7.604  1.00 18.43 ? 581 HIS A CD2 1 
ATOM   690  C CE1 . HIS A 1 92  ? 4.236   10.997  -7.643  1.00 22.82 ? 581 HIS A CE1 1 
ATOM   691  N NE2 . HIS A 1 92  ? 5.483   11.422  -7.608  1.00 26.37 ? 581 HIS A NE2 1 
ATOM   692  N N   . GLY A 1 93  ? 6.386   4.885   -9.819  1.00 16.73 ? 582 GLY A N   1 
ATOM   693  C CA  . GLY A 1 93  ? 7.247   3.742   -10.071 1.00 18.33 ? 582 GLY A CA  1 
ATOM   694  C C   . GLY A 1 93  ? 7.010   2.477   -9.268  1.00 21.08 ? 582 GLY A C   1 
ATOM   695  O O   . GLY A 1 93  ? 7.779   1.521   -9.390  1.00 20.85 ? 582 GLY A O   1 
ATOM   696  N N   . ALA A 1 94  ? 5.962   2.441   -8.451  1.00 17.16 ? 583 ALA A N   1 
ATOM   697  C CA  . ALA A 1 94  ? 5.667   1.206   -7.728  1.00 17.37 ? 583 ALA A CA  1 
ATOM   698  C C   . ALA A 1 94  ? 5.576   0.048   -8.731  1.00 19.87 ? 583 ALA A C   1 
ATOM   699  O O   . ALA A 1 94  ? 5.051   0.216   -9.833  1.00 20.47 ? 583 ALA A O   1 
ATOM   700  C CB  . ALA A 1 94  ? 4.378   1.328   -6.938  1.00 15.85 ? 583 ALA A CB  1 
ATOM   701  N N   . VAL A 1 95  ? 6.125   -1.104  -8.361  1.00 19.89 ? 584 VAL A N   1 
ATOM   702  C CA  . VAL A 1 95  ? 6.103   -2.280  -9.224  1.00 21.18 ? 584 VAL A CA  1 
ATOM   703  C C   . VAL A 1 95  ? 4.769   -2.972  -9.007  1.00 18.43 ? 584 VAL A C   1 
ATOM   704  O O   . VAL A 1 95  ? 4.496   -3.442  -7.906  1.00 21.27 ? 584 VAL A O   1 
ATOM   705  C CB  . VAL A 1 95  ? 7.251   -3.244  -8.870  1.00 21.33 ? 584 VAL A CB  1 
ATOM   706  C CG1 . VAL A 1 95  ? 7.217   -4.498  -9.764  1.00 22.26 ? 584 VAL A CG1 1 
ATOM   707  C CG2 . VAL A 1 95  ? 8.600   -2.531  -8.968  1.00 26.64 ? 584 VAL A CG2 1 
ATOM   708  N N   . VAL A 1 96  ? 3.932   -3.044  -10.038 1.00 15.40 ? 585 VAL A N   1 
ATOM   709  C CA  . VAL A 1 96  ? 2.559   -3.513  -9.842  1.00 19.15 ? 585 VAL A CA  1 
ATOM   710  C C   . VAL A 1 96  ? 2.456   -5.016  -9.599  1.00 20.26 ? 585 VAL A C   1 
ATOM   711  O O   . VAL A 1 96  ? 1.438   -5.497  -9.092  1.00 17.82 ? 585 VAL A O   1 
ATOM   712  C CB  . VAL A 1 96  ? 1.630   -3.095  -11.002 1.00 20.29 ? 585 VAL A CB  1 
ATOM   713  C CG1 . VAL A 1 96  ? 1.680   -1.572  -11.184 1.00 16.70 ? 585 VAL A CG1 1 
ATOM   714  C CG2 . VAL A 1 96  ? 2.031   -3.800  -12.292 1.00 22.31 ? 585 VAL A CG2 1 
ATOM   715  N N   . ASN A 1 97  ? 3.501   -5.752  -9.965  1.00 18.50 ? 586 ASN A N   1 
ATOM   716  C CA  . ASN A 1 97  ? 3.494   -7.208  -9.819  1.00 22.27 ? 586 ASN A CA  1 
ATOM   717  C C   . ASN A 1 97  ? 4.340   -7.683  -8.635  1.00 23.40 ? 586 ASN A C   1 
ATOM   718  O O   . ASN A 1 97  ? 4.616   -8.878  -8.503  1.00 18.86 ? 586 ASN A O   1 
ATOM   719  C CB  . ASN A 1 97  ? 3.971   -7.891  -11.109 1.00 22.09 ? 586 ASN A CB  1 
ATOM   720  C CG  . ASN A 1 97  ? 2.893   -7.947  -12.181 1.00 20.02 ? 586 ASN A CG  1 
ATOM   721  O OD1 . ASN A 1 97  ? 1.739   -8.294  -11.905 1.00 24.70 ? 586 ASN A OD1 1 
ATOM   722  N ND2 . ASN A 1 97  ? 3.265   -7.601  -13.410 1.00 30.07 ? 586 ASN A ND2 1 
ATOM   723  N N   . VAL A 1 98  ? 4.745   -6.750  -7.779  1.00 16.31 ? 587 VAL A N   1 
ATOM   724  C CA  . VAL A 1 98  ? 5.555   -7.095  -6.611  1.00 14.54 ? 587 VAL A CA  1 
ATOM   725  C C   . VAL A 1 98  ? 4.807   -8.071  -5.696  1.00 16.96 ? 587 VAL A C   1 
ATOM   726  O O   . VAL A 1 98  ? 3.607   -7.946  -5.490  1.00 17.70 ? 587 VAL A O   1 
ATOM   727  C CB  . VAL A 1 98  ? 5.995   -5.834  -5.823  1.00 17.21 ? 587 VAL A CB  1 
ATOM   728  C CG1 . VAL A 1 98  ? 4.792   -5.087  -5.261  1.00 20.46 ? 587 VAL A CG1 1 
ATOM   729  C CG2 . VAL A 1 98  ? 6.973   -6.203  -4.716  1.00 25.41 ? 587 VAL A CG2 1 
ATOM   730  N N   . ALA A 1 99  ? 5.508   -9.074  -5.187  1.00 15.22 ? 588 ALA A N   1 
ATOM   731  C CA  . ALA A 1 99  ? 4.887   -10.057 -4.307  1.00 15.61 ? 588 ALA A CA  1 
ATOM   732  C C   . ALA A 1 99  ? 5.393   -9.871  -2.881  1.00 15.57 ? 588 ALA A C   1 
ATOM   733  O O   . ALA A 1 99  ? 6.568   -9.559  -2.674  1.00 15.49 ? 588 ALA A O   1 
ATOM   734  C CB  . ALA A 1 99  ? 5.192   -11.473 -4.799  1.00 19.40 ? 588 ALA A CB  1 
ATOM   735  N N   . ASP A 1 100 ? 4.512   -10.049 -1.900  1.00 12.29 ? 589 ASP A N   1 
ATOM   736  C CA  . ASP A 1 100 ? 4.951   -10.097 -0.508  1.00 13.38 ? 589 ASP A CA  1 
ATOM   737  C C   . ASP A 1 100 ? 5.495   -11.495 -0.177  1.00 18.00 ? 589 ASP A C   1 
ATOM   738  O O   . ASP A 1 100 ? 5.713   -12.314 -1.081  1.00 15.78 ? 589 ASP A O   1 
ATOM   739  C CB  . ASP A 1 100 ? 3.825   -9.658  0.450   1.00 15.85 ? 589 ASP A CB  1 
ATOM   740  C CG  . ASP A 1 100 ? 2.721   -10.721 0.627   1.00 19.75 ? 589 ASP A CG  1 
ATOM   741  O OD1 . ASP A 1 100 ? 2.696   -11.727 -0.111  1.00 14.72 ? 589 ASP A OD1 1 
ATOM   742  O OD2 . ASP A 1 100 ? 1.848   -10.537 1.509   1.00 20.63 ? 589 ASP A OD2 1 
ATOM   743  N N   . LEU A 1 101 ? 5.728   -11.764 1.103   1.00 12.79 ? 590 LEU A N   1 
ATOM   744  C CA  . LEU A 1 101 ? 6.269   -13.063 1.522   1.00 15.75 ? 590 LEU A CA  1 
ATOM   745  C C   . LEU A 1 101 ? 5.357   -14.224 1.143   1.00 14.02 ? 590 LEU A C   1 
ATOM   746  O O   . LEU A 1 101 ? 5.829   -15.327 0.835   1.00 13.56 ? 590 LEU A O   1 
ATOM   747  C CB  . LEU A 1 101 ? 6.544   -13.075 3.033   1.00 15.06 ? 590 LEU A CB  1 
ATOM   748  C CG  . LEU A 1 101 ? 7.729   -12.238 3.515   1.00 15.07 ? 590 LEU A CG  1 
ATOM   749  C CD1 . LEU A 1 101 ? 7.937   -12.390 5.017   1.00 14.59 ? 590 LEU A CD1 1 
ATOM   750  C CD2 . LEU A 1 101 ? 8.980   -12.650 2.785   1.00 16.79 ? 590 LEU A CD2 1 
ATOM   751  N N   . TRP A 1 102 ? 4.054   -13.959 1.144   1.00 12.20 ? 591 TRP A N   1 
ATOM   752  C CA  . TRP A 1 102 ? 3.033   -14.955 0.840   1.00 11.46 ? 591 TRP A CA  1 
ATOM   753  C C   . TRP A 1 102 ? 2.749   -15.060 -0.656  1.00 13.15 ? 591 TRP A C   1 
ATOM   754  O O   . TRP A 1 102 ? 1.847   -15.784 -1.054  1.00 12.80 ? 591 TRP A O   1 
ATOM   755  C CB  . TRP A 1 102 ? 1.718   -14.580 1.522   1.00 12.29 ? 591 TRP A CB  1 
ATOM   756  C CG  . TRP A 1 102 ? 1.763   -14.528 3.027   1.00 13.45 ? 591 TRP A CG  1 
ATOM   757  C CD1 . TRP A 1 102 ? 2.247   -13.512 3.801   1.00 18.29 ? 591 TRP A CD1 1 
ATOM   758  C CD2 . TRP A 1 102 ? 1.267   -15.521 3.925   1.00 16.95 ? 591 TRP A CD2 1 
ATOM   759  N NE1 . TRP A 1 102 ? 2.096   -13.822 5.132   1.00 13.58 ? 591 TRP A NE1 1 
ATOM   760  C CE2 . TRP A 1 102 ? 1.493   -15.049 5.236   1.00 20.26 ? 591 TRP A CE2 1 
ATOM   761  C CE3 . TRP A 1 102 ? 0.663   -16.771 3.754   1.00 16.77 ? 591 TRP A CE3 1 
ATOM   762  C CZ2 . TRP A 1 102 ? 1.137   -15.790 6.368   1.00 14.95 ? 591 TRP A CZ2 1 
ATOM   763  C CZ3 . TRP A 1 102 ? 0.307   -17.501 4.875   1.00 20.45 ? 591 TRP A CZ3 1 
ATOM   764  C CH2 . TRP A 1 102 ? 0.545   -17.007 6.167   1.00 13.59 ? 591 TRP A CH2 1 
ATOM   765  N N   . LYS A 1 103 ? 3.491   -14.305 -1.464  1.00 11.91 ? 592 LYS A N   1 
ATOM   766  C CA  . LYS A 1 103 ? 3.262   -14.211 -2.917  1.00 14.14 ? 592 LYS A CA  1 
ATOM   767  C C   . LYS A 1 103 ? 1.940   -13.545 -3.316  1.00 11.35 ? 592 LYS A C   1 
ATOM   768  O O   . LYS A 1 103 ? 1.452   -13.766 -4.427  1.00 12.46 ? 592 LYS A O   1 
ATOM   769  C CB  . LYS A 1 103 ? 3.402   -15.572 -3.629  1.00 17.15 ? 592 LYS A CB  1 
ATOM   770  C CG  . LYS A 1 103 ? 4.677   -16.315 -3.304  1.00 21.70 ? 592 LYS A CG  1 
ATOM   771  C CD  . LYS A 1 103 ? 5.900   -15.453 -3.562  1.00 23.13 ? 592 LYS A CD  1 
ATOM   772  C CE  . LYS A 1 103 ? 6.608   -15.888 -4.830  1.00 43.68 ? 592 LYS A CE  1 
ATOM   773  N NZ  . LYS A 1 103 ? 7.961   -15.267 -4.926  1.00 50.78 ? 592 LYS A NZ  1 
ATOM   774  N N   . PHE A 1 104 ? 1.371   -12.720 -2.438  1.00 11.93 ? 593 PHE A N   1 
ATOM   775  C CA  . PHE A 1 104 ? 0.246   -11.858 -2.837  1.00 14.77 ? 593 PHE A CA  1 
ATOM   776  C C   . PHE A 1 104 ? 0.801   -10.636 -3.544  1.00 12.83 ? 593 PHE A C   1 
ATOM   777  O O   . PHE A 1 104 ? 1.767   -10.042 -3.073  1.00 12.99 ? 593 PHE A O   1 
ATOM   778  C CB  . PHE A 1 104 ? -0.541  -11.361 -1.620  1.00 14.78 ? 593 PHE A CB  1 
ATOM   779  C CG  . PHE A 1 104 ? -1.475  -12.378 -1.030  1.00 18.96 ? 593 PHE A CG  1 
ATOM   780  C CD1 . PHE A 1 104 ? -2.830  -12.102 -0.916  1.00 18.21 ? 593 PHE A CD1 1 
ATOM   781  C CD2 . PHE A 1 104 ? -0.993  -13.594 -0.559  1.00 17.44 ? 593 PHE A CD2 1 
ATOM   782  C CE1 . PHE A 1 104 ? -3.696  -13.032 -0.353  1.00 18.25 ? 593 PHE A CE1 1 
ATOM   783  C CE2 . PHE A 1 104 ? -1.850  -14.528 -0.003  1.00 21.61 ? 593 PHE A CE2 1 
ATOM   784  C CZ  . PHE A 1 104 ? -3.205  -14.239 0.100   1.00 16.19 ? 593 PHE A CZ  1 
ATOM   785  N N   . THR A 1 105 ? 0.178   -10.248 -4.656  1.00 15.05 ? 594 THR A N   1 
ATOM   786  C CA  . THR A 1 105 ? 0.552   -9.031  -5.372  1.00 13.57 ? 594 THR A CA  1 
ATOM   787  C C   . THR A 1 105 ? -0.491  -7.960  -5.035  1.00 13.48 ? 594 THR A C   1 
ATOM   788  O O   . THR A 1 105 ? -1.507  -8.277  -4.426  1.00 15.52 ? 594 THR A O   1 
ATOM   789  C CB  . THR A 1 105 ? 0.568   -9.272  -6.883  1.00 13.59 ? 594 THR A CB  1 
ATOM   790  O OG1 . THR A 1 105 ? -0.775  -9.473  -7.333  1.00 14.52 ? 594 THR A OG1 1 
ATOM   791  C CG2 . THR A 1 105 ? 1.409   -10.502 -7.222  1.00 13.14 ? 594 THR A CG2 1 
ATOM   792  N N   . PRO A 1 106 ? -0.243  -6.688  -5.410  1.00 11.77 ? 595 PRO A N   1 
ATOM   793  C CA  . PRO A 1 106 ? -1.269  -5.669  -5.161  1.00 13.40 ? 595 PRO A CA  1 
ATOM   794  C C   . PRO A 1 106 ? -2.621  -6.029  -5.774  1.00 10.52 ? 595 PRO A C   1 
ATOM   795  O O   . PRO A 1 106 ? -3.668  -5.686  -5.215  1.00 14.25 ? 595 PRO A O   1 
ATOM   796  C CB  . PRO A 1 106 ? -0.669  -4.418  -5.818  1.00 14.05 ? 595 PRO A CB  1 
ATOM   797  C CG  . PRO A 1 106 ? 0.817   -4.607  -5.609  1.00 14.32 ? 595 PRO A CG  1 
ATOM   798  C CD  . PRO A 1 106 ? 1.043   -6.087  -5.820  1.00 14.26 ? 595 PRO A CD  1 
ATOM   799  N N   . LEU A 1 107 ? -2.609  -6.715  -6.915  1.00 10.71 ? 596 LEU A N   1 
ATOM   800  C CA  . LEU A 1 107 ? -3.853  -7.105  -7.571  1.00 11.54 ? 596 LEU A CA  1 
ATOM   801  C C   . LEU A 1 107 ? -4.626  -8.172  -6.797  1.00 12.28 ? 596 LEU A C   1 
ATOM   802  O O   . LEU A 1 107 ? -5.856  -8.165  -6.811  1.00 12.98 ? 596 LEU A O   1 
ATOM   803  C CB  . LEU A 1 107 ? -3.599  -7.543  -9.024  1.00 12.40 ? 596 LEU A CB  1 
ATOM   804  C CG  . LEU A 1 107 ? -4.832  -7.822  -9.892  1.00 15.44 ? 596 LEU A CG  1 
ATOM   805  C CD1 . LEU A 1 107 ? -5.692  -6.570  -10.042 1.00 10.91 ? 596 LEU A CD1 1 
ATOM   806  C CD2 . LEU A 1 107 ? -4.451  -8.358  -11.280 1.00 17.02 ? 596 LEU A CD2 1 
ATOM   807  N N   . HIS A 1 108 ? -3.916  -9.078  -6.123  1.00 12.42 ? 597 HIS A N   1 
ATOM   808  C CA  . HIS A 1 108 ? -4.562  -10.025 -5.210  1.00 14.03 ? 597 HIS A CA  1 
ATOM   809  C C   . HIS A 1 108 ? -5.338  -9.261  -4.154  1.00 16.68 ? 597 HIS A C   1 
ATOM   810  O O   . HIS A 1 108 ? -6.483  -9.612  -3.830  1.00 15.11 ? 597 HIS A O   1 
ATOM   811  C CB  . HIS A 1 108 ? -3.538  -10.907 -4.488  1.00 11.89 ? 597 HIS A CB  1 
ATOM   812  C CG  . HIS A 1 108 ? -3.035  -12.056 -5.301  1.00 14.89 ? 597 HIS A CG  1 
ATOM   813  N ND1 . HIS A 1 108 ? -1.825  -12.037 -5.948  1.00 14.70 ? 597 HIS A ND1 1 
ATOM   814  C CD2 . HIS A 1 108 ? -3.585  -13.277 -5.566  1.00 14.61 ? 597 HIS A CD2 1 
ATOM   815  C CE1 . HIS A 1 108 ? -1.641  -13.184 -6.586  1.00 15.97 ? 597 HIS A CE1 1 
ATOM   816  N NE2 . HIS A 1 108 ? -2.693  -13.951 -6.358  1.00 15.18 ? 597 HIS A NE2 1 
ATOM   817  N N   . GLU A 1 109 ? -4.691  -8.232  -3.602  1.00 12.29 ? 598 GLU A N   1 
ATOM   818  C CA  . GLU A 1 109 ? -5.289  -7.390  -2.564  1.00 20.21 ? 598 GLU A CA  1 
ATOM   819  C C   . GLU A 1 109 ? -6.491  -6.617  -3.098  1.00 16.79 ? 598 GLU A C   1 
ATOM   820  O O   . GLU A 1 109 ? -7.561  -6.587  -2.489  1.00 16.92 ? 598 GLU A O   1 
ATOM   821  C CB  . GLU A 1 109 ? -4.262  -6.379  -2.036  1.00 17.09 ? 598 GLU A CB  1 
ATOM   822  C CG  . GLU A 1 109 ? -2.918  -6.968  -1.614  1.00 23.97 ? 598 GLU A CG  1 
ATOM   823  C CD  . GLU A 1 109 ? -2.908  -7.485  -0.193  1.00 35.57 ? 598 GLU A CD  1 
ATOM   824  O OE1 . GLU A 1 109 ? -1.940  -7.174  0.541   1.00 41.97 ? 598 GLU A OE1 1 
ATOM   825  O OE2 . GLU A 1 109 ? -3.859  -8.202  0.195   1.00 38.96 ? 598 GLU A OE2 1 
ATOM   826  N N   . ALA A 1 110 ? -6.309  -5.965  -4.234  1.00 14.55 ? 599 ALA A N   1 
ATOM   827  C CA  . ALA A 1 110 ? -7.388  -5.160  -4.794  1.00 14.71 ? 599 ALA A CA  1 
ATOM   828  C C   . ALA A 1 110 ? -8.583  -6.027  -5.197  1.00 15.49 ? 599 ALA A C   1 
ATOM   829  O O   . ALA A 1 110 ? -9.729  -5.597  -5.090  1.00 15.73 ? 599 ALA A O   1 
ATOM   830  C CB  . ALA A 1 110 ? -6.887  -4.349  -5.983  1.00 17.34 ? 599 ALA A CB  1 
ATOM   831  N N   . ALA A 1 111 ? -8.311  -7.242  -5.665  1.00 13.76 ? 600 ALA A N   1 
ATOM   832  C CA  . ALA A 1 111 ? -9.368  -8.156  -6.087  1.00 15.00 ? 600 ALA A CA  1 
ATOM   833  C C   . ALA A 1 111 ? -10.145 -8.681  -4.883  1.00 20.47 ? 600 ALA A C   1 
ATOM   834  O O   . ALA A 1 111 ? -11.375 -8.764  -4.913  1.00 19.07 ? 600 ALA A O   1 
ATOM   835  C CB  . ALA A 1 111 ? -8.784  -9.306  -6.889  1.00 16.19 ? 600 ALA A CB  1 
ATOM   836  N N   . ALA A 1 112 ? -9.423  -9.036  -3.825  1.00 13.55 ? 601 ALA A N   1 
ATOM   837  C CA  . ALA A 1 112 ? -10.054 -9.562  -2.617  1.00 17.72 ? 601 ALA A CA  1 
ATOM   838  C C   . ALA A 1 112 ? -10.906 -8.500  -1.950  1.00 20.95 ? 601 ALA A C   1 
ATOM   839  O O   . ALA A 1 112 ? -11.937 -8.792  -1.355  1.00 20.03 ? 601 ALA A O   1 
ATOM   840  C CB  . ALA A 1 112 ? -9.004  -10.074 -1.653  1.00 16.48 ? 601 ALA A CB  1 
ATOM   841  N N   . LYS A 1 113 ? -10.466 -7.254  -2.056  1.00 19.66 ? 602 LYS A N   1 
ATOM   842  C CA  A LYS A 1 113 ? -11.155 -6.122  -1.448  0.47 19.36 ? 602 LYS A CA  1 
ATOM   843  C CA  B LYS A 1 113 ? -11.194 -6.158  -1.427  0.53 19.37 ? 602 LYS A CA  1 
ATOM   844  C C   . LYS A 1 113 ? -12.276 -5.609  -2.345  1.00 18.50 ? 602 LYS A C   1 
ATOM   845  O O   . LYS A 1 113 ? -13.095 -4.792  -1.927  1.00 23.58 ? 602 LYS A O   1 
ATOM   846  C CB  A LYS A 1 113 ? -10.163 -4.989  -1.195  0.47 17.92 ? 602 LYS A CB  1 
ATOM   847  C CB  B LYS A 1 113 ? -10.235 -5.052  -0.995  0.53 17.82 ? 602 LYS A CB  1 
ATOM   848  C CG  A LYS A 1 113 ? -10.637 -3.977  -0.191  0.47 17.78 ? 602 LYS A CG  1 
ATOM   849  C CG  B LYS A 1 113 ? -9.342  -5.452  0.163   0.53 19.92 ? 602 LYS A CG  1 
ATOM   850  C CD  A LYS A 1 113 ? -10.680 -4.583  1.192   0.47 25.36 ? 602 LYS A CD  1 
ATOM   851  C CD  B LYS A 1 113 ? -10.116 -5.431  1.476   0.53 27.41 ? 602 LYS A CD  1 
ATOM   852  C CE  A LYS A 1 113 ? -11.084 -3.531  2.187   0.47 23.47 ? 602 LYS A CE  1 
ATOM   853  C CE  B LYS A 1 113 ? -10.440 -6.831  1.971   0.53 25.71 ? 602 LYS A CE  1 
ATOM   854  N NZ  A LYS A 1 113 ? -10.669 -2.185  1.696   0.47 13.03 ? 602 LYS A NZ  1 
ATOM   855  N NZ  B LYS A 1 113 ? -9.211  -7.652  2.092   0.53 36.88 ? 602 LYS A NZ  1 
ATOM   856  N N   . GLY A 1 114 ? -12.286 -6.069  -3.590  1.00 17.53 ? 603 GLY A N   1 
ATOM   857  C CA  . GLY A 1 114 ? -13.296 -5.670  -4.556  1.00 20.25 ? 603 GLY A CA  1 
ATOM   858  C C   . GLY A 1 114 ? -13.229 -4.212  -4.958  1.00 21.55 ? 603 GLY A C   1 
ATOM   859  O O   . GLY A 1 114 ? -14.251 -3.530  -5.024  1.00 23.54 ? 603 GLY A O   1 
ATOM   860  N N   . LYS A 1 115 ? -12.025 -3.721  -5.229  1.00 16.02 ? 604 LYS A N   1 
ATOM   861  C CA  . LYS A 1 115 ? -11.869 -2.313  -5.570  1.00 21.39 ? 604 LYS A CA  1 
ATOM   862  C C   . LYS A 1 115 ? -11.746 -2.119  -7.076  1.00 13.52 ? 604 LYS A C   1 
ATOM   863  O O   . LYS A 1 115 ? -10.678 -2.338  -7.650  1.00 16.31 ? 604 LYS A O   1 
ATOM   864  C CB  . LYS A 1 115 ? -10.646 -1.746  -4.852  1.00 18.68 ? 604 LYS A CB  1 
ATOM   865  C CG  . LYS A 1 115 ? -10.667 -1.971  -3.346  1.00 17.89 ? 604 LYS A CG  1 
ATOM   866  C CD  . LYS A 1 115 ? -11.925 -1.375  -2.709  1.00 17.68 ? 604 LYS A CD  1 
ATOM   867  C CE  . LYS A 1 115 ? -12.083 0.110   -3.020  1.00 25.07 ? 604 LYS A CE  1 
ATOM   868  N NZ  . LYS A 1 115 ? -13.289 0.684   -2.352  1.00 27.96 ? 604 LYS A NZ  1 
ATOM   869  N N   . TYR A 1 116 ? -12.834 -1.699  -7.716  1.00 15.02 ? 605 TYR A N   1 
ATOM   870  C CA  . TYR A 1 116 ? -12.879 -1.648  -9.181  1.00 16.98 ? 605 TYR A CA  1 
ATOM   871  C C   . TYR A 1 116 ? -11.802 -0.772  -9.810  1.00 17.31 ? 605 TYR A C   1 
ATOM   872  O O   . TYR A 1 116 ? -11.041 -1.226  -10.676 1.00 15.97 ? 605 TYR A O   1 
ATOM   873  C CB  . TYR A 1 116 ? -14.252 -1.179  -9.664  1.00 17.67 ? 605 TYR A CB  1 
ATOM   874  C CG  . TYR A 1 116 ? -14.465 -1.437  -11.135 1.00 19.45 ? 605 TYR A CG  1 
ATOM   875  C CD1 . TYR A 1 116 ? -14.992 -2.645  -11.574 1.00 27.21 ? 605 TYR A CD1 1 
ATOM   876  C CD2 . TYR A 1 116 ? -14.125 -0.487  -12.088 1.00 21.39 ? 605 TYR A CD2 1 
ATOM   877  C CE1 . TYR A 1 116 ? -15.186 -2.897  -12.922 1.00 28.60 ? 605 TYR A CE1 1 
ATOM   878  C CE2 . TYR A 1 116 ? -14.316 -0.728  -13.440 1.00 24.97 ? 605 TYR A CE2 1 
ATOM   879  C CZ  . TYR A 1 116 ? -14.845 -1.936  -13.850 1.00 30.91 ? 605 TYR A CZ  1 
ATOM   880  O OH  . TYR A 1 116 ? -15.036 -2.186  -15.193 1.00 34.26 ? 605 TYR A OH  1 
ATOM   881  N N   . GLU A 1 117 ? -11.762 0.486   -9.390  1.00 13.90 ? 606 GLU A N   1 
ATOM   882  C CA  . GLU A 1 117 ? -10.845 1.454   -9.969  1.00 16.98 ? 606 GLU A CA  1 
ATOM   883  C C   . GLU A 1 117 ? -9.394  1.044   -9.735  1.00 12.05 ? 606 GLU A C   1 
ATOM   884  O O   . GLU A 1 117 ? -8.548  1.213   -10.616 1.00 11.84 ? 606 GLU A O   1 
ATOM   885  C CB  . GLU A 1 117 ? -11.104 2.861   -9.407  1.00 17.97 ? 606 GLU A CB  1 
ATOM   886  C CG  . GLU A 1 117 ? -12.499 3.423   -9.705  1.00 15.08 ? 606 GLU A CG  1 
ATOM   887  C CD  . GLU A 1 117 ? -13.518 3.084   -8.622  0.72 16.95 ? 606 GLU A CD  1 
ATOM   888  O OE1 . GLU A 1 117 ? -13.202 2.301   -7.708  0.81 16.15 ? 606 GLU A OE1 1 
ATOM   889  O OE2 . GLU A 1 117 ? -14.641 3.615   -8.674  1.00 18.70 ? 606 GLU A OE2 1 
ATOM   890  N N   . ILE A 1 118 ? -9.101  0.512   -8.553  1.00 13.32 ? 607 ILE A N   1 
ATOM   891  C CA  . ILE A 1 118 ? -7.735  0.067   -8.272  1.00 12.85 ? 607 ILE A CA  1 
ATOM   892  C C   . ILE A 1 118 ? -7.344  -1.129  -9.152  1.00 14.51 ? 607 ILE A C   1 
ATOM   893  O O   . ILE A 1 118 ? -6.239  -1.169  -9.688  1.00 13.62 ? 607 ILE A O   1 
ATOM   894  C CB  . ILE A 1 118 ? -7.508  -0.242  -6.779  1.00 9.69  ? 607 ILE A CB  1 
ATOM   895  C CG1 . ILE A 1 118 ? -7.662  1.032   -5.937  1.00 10.48 ? 607 ILE A CG1 1 
ATOM   896  C CG2 . ILE A 1 118 ? -6.114  -0.839  -6.566  1.00 14.13 ? 607 ILE A CG2 1 
ATOM   897  C CD1 . ILE A 1 118 ? -7.454  0.791   -4.430  1.00 13.26 ? 607 ILE A CD1 1 
ATOM   898  N N   . CYS A 1 119 ? -8.241  -2.103  -9.297  1.00 12.62 ? 608 CYS A N   1 
ATOM   899  C CA  . CYS A 1 119 ? -7.991  -3.232  -10.201 1.00 12.46 ? 608 CYS A CA  1 
ATOM   900  C C   . CYS A 1 119 ? -7.743  -2.744  -11.619 1.00 14.62 ? 608 CYS A C   1 
ATOM   901  O O   . CYS A 1 119 ? -6.826  -3.208  -12.297 1.00 12.71 ? 608 CYS A O   1 
ATOM   902  C CB  . CYS A 1 119 ? -9.179  -4.193  -10.209 1.00 15.16 ? 608 CYS A CB  1 
ATOM   903  S SG  . CYS A 1 119 ? -9.301  -5.236  -8.740  1.00 19.26 ? 608 CYS A SG  1 
ATOM   904  N N   . LYS A 1 120 ? -8.562  -1.794  -12.053 1.00 14.05 ? 609 LYS A N   1 
ATOM   905  C CA  . LYS A 1 120 ? -8.428  -1.218  -13.382 1.00 12.38 ? 609 LYS A CA  1 
ATOM   906  C C   . LYS A 1 120 ? -7.045  -0.581  -13.562 1.00 17.08 ? 609 LYS A C   1 
ATOM   907  O O   . LYS A 1 120 ? -6.351  -0.838  -14.558 1.00 14.60 ? 609 LYS A O   1 
ATOM   908  C CB  . LYS A 1 120 ? -9.560  -0.207  -13.617 1.00 13.41 ? 609 LYS A CB  1 
ATOM   909  C CG  . LYS A 1 120 ? -9.543  0.461   -14.968 1.00 25.95 ? 609 LYS A CG  1 
ATOM   910  C CD  . LYS A 1 120 ? -10.220 -0.406  -16.019 1.00 35.73 ? 609 LYS A CD  1 
ATOM   911  C CE  . LYS A 1 120 ? -11.551 0.199   -16.432 1.00 30.94 ? 609 LYS A CE  1 
ATOM   912  N NZ  . LYS A 1 120 ? -12.050 -0.436  -17.678 1.00 39.84 ? 609 LYS A NZ  1 
ATOM   913  N N   . LEU A 1 121 ? -6.639  0.227   -12.586 1.00 11.79 ? 610 LEU A N   1 
ATOM   914  C CA  . LEU A 1 121 ? -5.321  0.853   -12.574 1.00 14.21 ? 610 LEU A CA  1 
ATOM   915  C C   . LEU A 1 121 ? -4.190  -0.161  -12.739 1.00 14.42 ? 610 LEU A C   1 
ATOM   916  O O   . LEU A 1 121 ? -3.301  0.001   -13.581 1.00 16.41 ? 610 LEU A O   1 
ATOM   917  C CB  . LEU A 1 121 ? -5.148  1.603   -11.249 1.00 13.07 ? 610 LEU A CB  1 
ATOM   918  C CG  . LEU A 1 121 ? -3.759  1.802   -10.661 1.00 14.09 ? 610 LEU A CG  1 
ATOM   919  C CD1 . LEU A 1 121 ? -2.935  2.733   -11.535 1.00 17.54 ? 610 LEU A CD1 1 
ATOM   920  C CD2 . LEU A 1 121 ? -3.915  2.375   -9.256  1.00 15.04 ? 610 LEU A CD2 1 
ATOM   921  N N   . LEU A 1 122 ? -4.235  -1.215  -11.933 1.00 13.25 ? 611 LEU A N   1 
ATOM   922  C CA  . LEU A 1 122 ? -3.169  -2.203  -11.909 1.00 13.49 ? 611 LEU A CA  1 
ATOM   923  C C   . LEU A 1 122 ? -3.131  -2.979  -13.234 1.00 12.92 ? 611 LEU A C   1 
ATOM   924  O O   . LEU A 1 122 ? -2.061  -3.180  -13.816 1.00 15.54 ? 611 LEU A O   1 
ATOM   925  C CB  . LEU A 1 122 ? -3.373  -3.149  -10.723 1.00 12.32 ? 611 LEU A CB  1 
ATOM   926  C CG  . LEU A 1 122 ? -3.321  -2.488  -9.344  1.00 13.16 ? 611 LEU A CG  1 
ATOM   927  C CD1 . LEU A 1 122 ? -3.737  -3.492  -8.261  1.00 12.06 ? 611 LEU A CD1 1 
ATOM   928  C CD2 . LEU A 1 122 ? -1.909  -1.984  -9.076  1.00 14.91 ? 611 LEU A CD2 1 
ATOM   929  N N   . LEU A 1 123 ? -4.301  -3.374  -13.723 1.00 13.32 ? 612 LEU A N   1 
ATOM   930  C CA  . LEU A 1 123 ? -4.377  -4.094  -14.993 1.00 15.41 ? 612 LEU A CA  1 
ATOM   931  C C   . LEU A 1 123 ? -3.839  -3.260  -16.153 1.00 18.61 ? 612 LEU A C   1 
ATOM   932  O O   . LEU A 1 123 ? -3.143  -3.780  -17.031 1.00 18.66 ? 612 LEU A O   1 
ATOM   933  C CB  . LEU A 1 123 ? -5.802  -4.566  -15.266 1.00 17.09 ? 612 LEU A CB  1 
ATOM   934  C CG  . LEU A 1 123 ? -6.240  -5.713  -14.354 1.00 17.77 ? 612 LEU A CG  1 
ATOM   935  C CD1 . LEU A 1 123 ? -7.739  -5.928  -14.448 1.00 22.08 ? 612 LEU A CD1 1 
ATOM   936  C CD2 . LEU A 1 123 ? -5.493  -6.994  -14.703 1.00 17.79 ? 612 LEU A CD2 1 
ATOM   937  N N   . GLN A 1 124 ? -4.138  -1.961  -16.138 1.00 17.35 ? 613 GLN A N   1 
ATOM   938  C CA  . GLN A 1 124 ? -3.649  -1.053  -17.168 1.00 18.71 ? 613 GLN A CA  1 
ATOM   939  C C   . GLN A 1 124 ? -2.142  -0.872  -17.118 1.00 22.98 ? 613 GLN A C   1 
ATOM   940  O O   . GLN A 1 124 ? -1.527  -0.516  -18.119 1.00 20.15 ? 613 GLN A O   1 
ATOM   941  C CB  . GLN A 1 124 ? -4.333  0.307   -17.065 1.00 21.88 ? 613 GLN A CB  1 
ATOM   942  C CG  . GLN A 1 124 ? -5.761  0.309   -17.578 1.00 26.78 ? 613 GLN A CG  1 
ATOM   943  C CD  . GLN A 1 124 ? -6.299  1.710   -17.776 1.00 49.93 ? 613 GLN A CD  1 
ATOM   944  O OE1 . GLN A 1 124 ? -5.653  2.697   -17.415 1.00 52.47 ? 613 GLN A OE1 1 
ATOM   945  N NE2 . GLN A 1 124 ? -7.489  1.806   -18.359 1.00 48.26 ? 613 GLN A NE2 1 
ATOM   946  N N   . HIS A 1 125 ? -1.543  -1.104  -15.956 1.00 17.01 ? 614 HIS A N   1 
ATOM   947  C CA  . HIS A 1 125 ? -0.090  -1.028  -15.851 1.00 19.72 ? 614 HIS A CA  1 
ATOM   948  C C   . HIS A 1 125 ? 0.585   -2.394  -15.872 1.00 19.58 ? 614 HIS A C   1 
ATOM   949  O O   . HIS A 1 125 ? 1.708   -2.540  -15.384 1.00 22.13 ? 614 HIS A O   1 
ATOM   950  C CB  . HIS A 1 125 ? 0.332   -0.240  -14.610 1.00 19.35 ? 614 HIS A CB  1 
ATOM   951  C CG  . HIS A 1 125 ? 0.097   1.229   -14.740 1.00 19.85 ? 614 HIS A CG  1 
ATOM   952  N ND1 . HIS A 1 125 ? -1.155  1.792   -14.657 1.00 20.33 ? 614 HIS A ND1 1 
ATOM   953  C CD2 . HIS A 1 125 ? 0.954   2.255   -14.989 1.00 24.28 ? 614 HIS A CD2 1 
ATOM   954  C CE1 . HIS A 1 125 ? -1.063  3.102   -14.824 1.00 26.08 ? 614 HIS A CE1 1 
ATOM   955  N NE2 . HIS A 1 125 ? 0.207   3.403   -15.025 1.00 26.49 ? 614 HIS A NE2 1 
ATOM   956  N N   . GLY A 1 126 ? -0.107  -3.385  -16.427 1.00 22.75 ? 615 GLY A N   1 
ATOM   957  C CA  . GLY A 1 126 ? 0.474   -4.699  -16.655 1.00 23.72 ? 615 GLY A CA  1 
ATOM   958  C C   . GLY A 1 126 ? 0.433   -5.696  -15.504 1.00 25.11 ? 615 GLY A C   1 
ATOM   959  O O   . GLY A 1 126 ? 1.193   -6.674  -15.496 1.00 19.66 ? 615 GLY A O   1 
ATOM   960  N N   . ALA A 1 127 ? -0.445  -5.470  -14.532 1.00 16.87 ? 616 ALA A N   1 
ATOM   961  C CA  . ALA A 1 127 ? -0.596  -6.436  -13.446 1.00 21.45 ? 616 ALA A CA  1 
ATOM   962  C C   . ALA A 1 127 ? -1.059  -7.766  -14.024 1.00 23.40 ? 616 ALA A C   1 
ATOM   963  O O   . ALA A 1 127 ? -2.004  -7.815  -14.822 1.00 22.52 ? 616 ALA A O   1 
ATOM   964  C CB  . ALA A 1 127 ? -1.577  -5.942  -12.400 1.00 17.71 ? 616 ALA A CB  1 
ATOM   965  N N   . ASP A 1 128 ? -0.381  -8.834  -13.617 1.00 21.44 ? 617 ASP A N   1 
ATOM   966  C CA  . ASP A 1 128 ? -0.626  -10.180 -14.123 1.00 26.25 ? 617 ASP A CA  1 
ATOM   967  C C   . ASP A 1 128 ? -1.717  -10.865 -13.307 1.00 20.44 ? 617 ASP A C   1 
ATOM   968  O O   . ASP A 1 128 ? -1.503  -11.224 -12.149 1.00 26.95 ? 617 ASP A O   1 
ATOM   969  C CB  . ASP A 1 128 ? 0.678   -10.976 -14.030 1.00 24.47 ? 617 ASP A CB  1 
ATOM   970  C CG  . ASP A 1 128 ? 0.620   -12.311 -14.755 1.00 34.74 ? 617 ASP A CG  1 
ATOM   971  O OD1 . ASP A 1 128 ? -0.481  -12.888 -14.897 1.00 28.73 ? 617 ASP A OD1 1 
ATOM   972  O OD2 . ASP A 1 128 ? 1.699   -12.788 -15.173 1.00 37.06 ? 617 ASP A OD2 1 
ATOM   973  N N   . PRO A 1 129 ? -2.893  -11.077 -13.916 1.00 24.91 ? 618 PRO A N   1 
ATOM   974  C CA  . PRO A 1 129 ? -3.989  -11.709 -13.180 1.00 23.75 ? 618 PRO A CA  1 
ATOM   975  C C   . PRO A 1 129 ? -3.860  -13.233 -13.170 1.00 20.91 ? 618 PRO A C   1 
ATOM   976  O O   . PRO A 1 129 ? -4.760  -13.906 -12.674 1.00 22.96 ? 618 PRO A O   1 
ATOM   977  C CB  . PRO A 1 129 ? -5.216  -11.302 -13.990 1.00 25.90 ? 618 PRO A CB  1 
ATOM   978  C CG  . PRO A 1 129 ? -4.705  -11.245 -15.393 1.00 29.40 ? 618 PRO A CG  1 
ATOM   979  C CD  . PRO A 1 129 ? -3.289  -10.717 -15.290 1.00 26.92 ? 618 PRO A CD  1 
ATOM   980  N N   . THR A 1 130 ? -2.769  -13.763 -13.720 1.00 23.15 ? 619 THR A N   1 
ATOM   981  C CA  . THR A 1 130 ? -2.542  -15.209 -13.706 1.00 24.43 ? 619 THR A CA  1 
ATOM   982  C C   . THR A 1 130 ? -1.628  -15.628 -12.561 1.00 25.76 ? 619 THR A C   1 
ATOM   983  O O   . THR A 1 130 ? -1.409  -16.821 -12.332 1.00 23.11 ? 619 THR A O   1 
ATOM   984  C CB  . THR A 1 130 ? -1.944  -15.715 -15.035 1.00 18.81 ? 619 THR A CB  1 
ATOM   985  O OG1 . THR A 1 130 ? -0.609  -15.222 -15.190 1.00 32.86 ? 619 THR A OG1 1 
ATOM   986  C CG2 . THR A 1 130 ? -2.782  -15.237 -16.206 1.00 28.73 ? 619 THR A CG2 1 
ATOM   987  N N   . LYS A 1 131 ? -1.089  -14.643 -11.849 1.00 25.34 ? 620 LYS A N   1 
ATOM   988  C CA  . LYS A 1 131 ? -0.121  -14.910 -10.790 1.00 22.25 ? 620 LYS A CA  1 
ATOM   989  C C   . LYS A 1 131 ? -0.754  -15.652 -9.624  1.00 17.54 ? 620 LYS A C   1 
ATOM   990  O O   . LYS A 1 131 ? -1.758  -15.204 -9.073  1.00 18.91 ? 620 LYS A O   1 
ATOM   991  C CB  . LYS A 1 131 ? 0.516   -13.606 -10.305 1.00 29.15 ? 620 LYS A CB  1 
ATOM   992  C CG  . LYS A 1 131 ? 1.844   -13.297 -10.988 1.00 39.11 ? 620 LYS A CG  1 
ATOM   993  C CD  . LYS A 1 131 ? 2.329   -11.881 -10.709 1.00 34.60 ? 620 LYS A CD  1 
ATOM   994  C CE  . LYS A 1 131 ? 3.721   -11.671 -11.291 1.00 36.60 ? 620 LYS A CE  1 
ATOM   995  N NZ  . LYS A 1 131 ? 4.715   -12.621 -10.709 1.00 48.66 ? 620 LYS A NZ  1 
ATOM   996  N N   . LYS A 1 132 ? -0.176  -16.793 -9.248  1.00 19.01 ? 621 LYS A N   1 
ATOM   997  C CA  . LYS A 1 132 ? -0.692  -17.537 -8.101  1.00 17.75 ? 621 LYS A CA  1 
ATOM   998  C C   . LYS A 1 132 ? 0.058   -17.179 -6.826  1.00 16.41 ? 621 LYS A C   1 
ATOM   999  O O   . LYS A 1 132 ? 1.291   -17.094 -6.815  1.00 15.24 ? 621 LYS A O   1 
ATOM   1000 C CB  . LYS A 1 132 ? -0.611  -19.049 -8.313  1.00 19.36 ? 621 LYS A CB  1 
ATOM   1001 C CG  . LYS A 1 132 ? -1.439  -19.598 -9.468  1.00 30.39 ? 621 LYS A CG  1 
ATOM   1002 C CD  . LYS A 1 132 ? -1.774  -21.059 -9.195  1.00 44.00 ? 621 LYS A CD  1 
ATOM   1003 C CE  . LYS A 1 132 ? -1.724  -21.924 -10.443 1.00 61.33 ? 621 LYS A CE  1 
ATOM   1004 N NZ  . LYS A 1 132 ? -1.191  -23.280 -10.104 1.00 65.53 ? 621 LYS A NZ  1 
ATOM   1005 N N   . ASN A 1 133 ? -0.688  -16.982 -5.743  1.00 17.59 ? 622 ASN A N   1 
ATOM   1006 C CA  . ASN A 1 133 ? -0.053  -16.829 -4.450  1.00 14.68 ? 622 ASN A CA  1 
ATOM   1007 C C   . ASN A 1 133 ? 0.223   -18.209 -3.835  1.00 17.59 ? 622 ASN A C   1 
ATOM   1008 O O   . ASN A 1 133 ? 0.050   -19.237 -4.503  1.00 17.61 ? 622 ASN A O   1 
ATOM   1009 C CB  . ASN A 1 133 ? -0.887  -15.931 -3.522  1.00 12.80 ? 622 ASN A CB  1 
ATOM   1010 C CG  . ASN A 1 133 ? -2.246  -16.526 -3.172  1.00 16.30 ? 622 ASN A CG  1 
ATOM   1011 O OD1 . ASN A 1 133 ? -2.474  -17.733 -3.272  1.00 15.82 ? 622 ASN A OD1 1 
ATOM   1012 N ND2 . ASN A 1 133 ? -3.147  -15.674 -2.721  1.00 14.46 ? 622 ASN A ND2 1 
ATOM   1013 N N   . ARG A 1 134 ? 0.647   -18.240 -2.576  1.00 14.98 ? 623 ARG A N   1 
ATOM   1014 C CA  . ARG A 1 134 ? 1.020   -19.506 -1.941  1.00 17.93 ? 623 ARG A CA  1 
ATOM   1015 C C   . ARG A 1 134 ? -0.155  -20.423 -1.596  1.00 19.15 ? 623 ARG A C   1 
ATOM   1016 O O   . ARG A 1 134 ? 0.054   -21.537 -1.116  1.00 21.69 ? 623 ARG A O   1 
ATOM   1017 C CB  . ARG A 1 134 ? 1.866   -19.264 -0.688  1.00 14.55 ? 623 ARG A CB  1 
ATOM   1018 C CG  . ARG A 1 134 ? 3.277   -18.879 -0.986  1.00 20.75 ? 623 ARG A CG  1 
ATOM   1019 C CD  . ARG A 1 134 ? 4.180   -20.097 -1.092  1.00 16.17 ? 623 ARG A CD  1 
ATOM   1020 N NE  . ARG A 1 134 ? 5.574   -19.666 -1.105  1.00 21.33 ? 623 ARG A NE  1 
ATOM   1021 C CZ  . ARG A 1 134 ? 6.331   -19.686 -2.189  1.00 20.53 ? 623 ARG A CZ  1 
ATOM   1022 N NH1 . ARG A 1 134 ? 5.819   -20.136 -3.317  1.00 24.73 ? 623 ARG A NH1 1 
ATOM   1023 N NH2 . ARG A 1 134 ? 7.594   -19.284 -2.142  1.00 27.78 ? 623 ARG A NH2 1 
ATOM   1024 N N   . ASP A 1 135 ? -1.379  -19.956 -1.822  1.00 19.10 ? 624 ASP A N   1 
ATOM   1025 C CA  . ASP A 1 135 ? -2.555  -20.813 -1.678  1.00 18.65 ? 624 ASP A CA  1 
ATOM   1026 C C   . ASP A 1 135 ? -2.943  -21.387 -3.033  1.00 21.36 ? 624 ASP A C   1 
ATOM   1027 O O   . ASP A 1 135 ? -3.943  -22.102 -3.157  1.00 22.20 ? 624 ASP A O   1 
ATOM   1028 C CB  . ASP A 1 135 ? -3.727  -20.015 -1.114  1.00 19.05 ? 624 ASP A CB  1 
ATOM   1029 C CG  . ASP A 1 135 ? -3.542  -19.659 0.335   1.00 19.28 ? 624 ASP A CG  1 
ATOM   1030 O OD1 . ASP A 1 135 ? -3.205  -20.566 1.121   1.00 21.67 ? 624 ASP A OD1 1 
ATOM   1031 O OD2 . ASP A 1 135 ? -3.733  -18.474 0.693   1.00 23.67 ? 624 ASP A OD2 1 
ATOM   1032 N N   . GLY A 1 136 ? -2.149  -21.066 -4.048  1.00 14.83 ? 625 GLY A N   1 
ATOM   1033 C CA  . GLY A 1 136 ? -2.444  -21.471 -5.414  1.00 22.28 ? 625 GLY A CA  1 
ATOM   1034 C C   . GLY A 1 136 ? -3.502  -20.589 -6.064  1.00 21.23 ? 625 GLY A C   1 
ATOM   1035 O O   . GLY A 1 136 ? -4.048  -20.925 -7.124  1.00 18.49 ? 625 GLY A O   1 
ATOM   1036 N N   . ASN A 1 137 ? -3.798  -19.458 -5.429  1.00 17.77 ? 626 ASN A N   1 
ATOM   1037 C CA  . ASN A 1 137 ? -4.862  -18.563 -5.900  1.00 16.38 ? 626 ASN A CA  1 
ATOM   1038 C C   . ASN A 1 137 ? -4.395  -17.392 -6.756  1.00 13.80 ? 626 ASN A C   1 
ATOM   1039 O O   . ASN A 1 137 ? -3.453  -16.687 -6.400  1.00 15.69 ? 626 ASN A O   1 
ATOM   1040 C CB  . ASN A 1 137 ? -5.655  -18.019 -4.705  1.00 18.69 ? 626 ASN A CB  1 
ATOM   1041 C CG  . ASN A 1 137 ? -6.524  -19.072 -4.068  1.00 21.31 ? 626 ASN A CG  1 
ATOM   1042 O OD1 . ASN A 1 137 ? -6.954  -20.012 -4.739  1.00 25.57 ? 626 ASN A OD1 1 
ATOM   1043 N ND2 . ASN A 1 137 ? -6.789  -18.928 -2.774  1.00 16.26 ? 626 ASN A ND2 1 
ATOM   1044 N N   . THR A 1 138 ? -5.074  -17.183 -7.880  1.00 17.32 ? 627 THR A N   1 
ATOM   1045 C CA  . THR A 1 138 ? -4.873  -15.993 -8.703  1.00 18.76 ? 627 THR A CA  1 
ATOM   1046 C C   . THR A 1 138 ? -5.687  -14.865 -8.084  1.00 17.72 ? 627 THR A C   1 
ATOM   1047 O O   . THR A 1 138 ? -6.507  -15.118 -7.195  1.00 15.62 ? 627 THR A O   1 
ATOM   1048 C CB  . THR A 1 138 ? -5.351  -16.223 -10.144 1.00 20.65 ? 627 THR A CB  1 
ATOM   1049 O OG1 . THR A 1 138 ? -6.769  -16.368 -10.146 1.00 18.56 ? 627 THR A OG1 1 
ATOM   1050 C CG2 . THR A 1 138 ? -4.719  -17.482 -10.743 1.00 19.36 ? 627 THR A CG2 1 
ATOM   1051 N N   . PRO A 1 139 ? -5.458  -13.614 -8.522  1.00 17.49 ? 628 PRO A N   1 
ATOM   1052 C CA  . PRO A 1 139 ? -6.332  -12.556 -8.011  1.00 16.75 ? 628 PRO A CA  1 
ATOM   1053 C C   . PRO A 1 139 ? -7.811  -12.827 -8.310  1.00 15.98 ? 628 PRO A C   1 
ATOM   1054 O O   . PRO A 1 139 ? -8.656  -12.559 -7.459  1.00 15.66 ? 628 PRO A O   1 
ATOM   1055 C CB  . PRO A 1 139 ? -5.851  -11.320 -8.770  1.00 13.98 ? 628 PRO A CB  1 
ATOM   1056 C CG  . PRO A 1 139 ? -4.364  -11.562 -8.911  1.00 14.89 ? 628 PRO A CG  1 
ATOM   1057 C CD  . PRO A 1 139 ? -4.300  -13.055 -9.250  1.00 14.30 ? 628 PRO A CD  1 
ATOM   1058 N N   . LEU A 1 140 ? -8.113  -13.358 -9.490  1.00 16.39 ? 629 LEU A N   1 
ATOM   1059 C CA  . LEU A 1 140 ? -9.493  -13.701 -9.823  1.00 19.43 ? 629 LEU A CA  1 
ATOM   1060 C C   . LEU A 1 140 ? -10.094 -14.681 -8.820  1.00 19.69 ? 629 LEU A C   1 
ATOM   1061 O O   . LEU A 1 140 ? -11.268 -14.564 -8.461  1.00 15.25 ? 629 LEU A O   1 
ATOM   1062 C CB  . LEU A 1 140 ? -9.589  -14.274 -11.238 1.00 18.95 ? 629 LEU A CB  1 
ATOM   1063 C CG  . LEU A 1 140 ? -10.986 -14.773 -11.633 1.00 21.99 ? 629 LEU A CG  1 
ATOM   1064 C CD1 . LEU A 1 140 ? -11.987 -13.636 -11.542 1.00 23.62 ? 629 LEU A CD1 1 
ATOM   1065 C CD2 . LEU A 1 140 ? -10.969 -15.339 -13.040 1.00 26.48 ? 629 LEU A CD2 1 
ATOM   1066 N N   . ASP A 1 141 ? -9.287  -15.630 -8.351  1.00 17.72 ? 630 ASP A N   1 
ATOM   1067 C CA  . ASP A 1 141 ? -9.747  -16.596 -7.361  1.00 18.11 ? 630 ASP A CA  1 
ATOM   1068 C C   . ASP A 1 141 ? -10.136 -15.951 -6.032  1.00 17.71 ? 630 ASP A C   1 
ATOM   1069 O O   . ASP A 1 141 ? -10.955 -16.498 -5.297  1.00 19.09 ? 630 ASP A O   1 
ATOM   1070 C CB  . ASP A 1 141 ? -8.675  -17.658 -7.093  1.00 21.82 ? 630 ASP A CB  1 
ATOM   1071 C CG  . ASP A 1 141 ? -8.399  -18.534 -8.297  1.00 32.21 ? 630 ASP A CG  1 
ATOM   1072 O OD1 . ASP A 1 141 ? -9.326  -18.740 -9.114  1.00 29.15 ? 630 ASP A OD1 1 
ATOM   1073 O OD2 . ASP A 1 141 ? -7.250  -19.021 -8.418  1.00 23.93 ? 630 ASP A OD2 1 
ATOM   1074 N N   . LEU A 1 142 ? -9.544  -14.799 -5.722  1.00 15.93 ? 631 LEU A N   1 
ATOM   1075 C CA  . LEU A 1 142 ? -9.801  -14.124 -4.451  1.00 15.65 ? 631 LEU A CA  1 
ATOM   1076 C C   . LEU A 1 142 ? -10.996 -13.167 -4.492  1.00 22.56 ? 631 LEU A C   1 
ATOM   1077 O O   . LEU A 1 142 ? -11.402 -12.633 -3.459  1.00 17.00 ? 631 LEU A O   1 
ATOM   1078 C CB  . LEU A 1 142 ? -8.564  -13.350 -3.988  1.00 15.45 ? 631 LEU A CB  1 
ATOM   1079 C CG  . LEU A 1 142 ? -7.278  -14.153 -3.796  1.00 21.82 ? 631 LEU A CG  1 
ATOM   1080 C CD1 . LEU A 1 142 ? -6.188  -13.267 -3.197  1.00 19.69 ? 631 LEU A CD1 1 
ATOM   1081 C CD2 . LEU A 1 142 ? -7.547  -15.343 -2.890  1.00 19.67 ? 631 LEU A CD2 1 
ATOM   1082 N N   . VAL A 1 143 ? -11.552 -12.930 -5.674  1.00 16.35 ? 632 VAL A N   1 
ATOM   1083 C CA  . VAL A 1 143 ? -12.723 -12.072 -5.772  1.00 15.87 ? 632 VAL A CA  1 
ATOM   1084 C C   . VAL A 1 143 ? -13.894 -12.771 -5.095  1.00 20.52 ? 632 VAL A C   1 
ATOM   1085 O O   . VAL A 1 143 ? -14.110 -13.970 -5.309  1.00 15.62 ? 632 VAL A O   1 
ATOM   1086 C CB  . VAL A 1 143 ? -13.099 -11.775 -7.221  1.00 21.51 ? 632 VAL A CB  1 
ATOM   1087 C CG1 . VAL A 1 143 ? -14.304 -10.833 -7.258  1.00 18.13 ? 632 VAL A CG1 1 
ATOM   1088 C CG2 . VAL A 1 143 ? -11.919 -11.146 -7.948  1.00 15.97 ? 632 VAL A CG2 1 
ATOM   1089 N N   . LYS A 1 144 ? -14.635 -12.031 -4.269  1.00 16.76 ? 633 LYS A N   1 
ATOM   1090 C CA  . LYS A 1 144 ? -15.788 -12.605 -3.574  1.00 22.81 ? 633 LYS A CA  1 
ATOM   1091 C C   . LYS A 1 144 ? -16.828 -12.998 -4.608  1.00 19.28 ? 633 LYS A C   1 
ATOM   1092 O O   . LYS A 1 144 ? -17.058 -12.261 -5.564  1.00 16.31 ? 633 LYS A O   1 
ATOM   1093 C CB  . LYS A 1 144 ? -16.403 -11.596 -2.597  1.00 18.15 ? 633 LYS A CB  1 
ATOM   1094 C CG  . LYS A 1 144 ? -15.899 -11.701 -1.150  1.00 28.39 ? 633 LYS A CG  1 
ATOM   1095 C CD  . LYS A 1 144 ? -14.407 -11.413 -1.037  1.00 37.68 ? 633 LYS A CD  1 
ATOM   1096 C CE  . LYS A 1 144 ? -13.944 -11.402 0.420   1.00 37.34 ? 633 LYS A CE  1 
ATOM   1097 N NZ  . LYS A 1 144 ? -12.464 -11.162 0.524   1.00 35.61 ? 633 LYS A NZ  1 
ATOM   1098 N N   . ASP A 1 145 ? -17.455 -14.159 -4.420  1.00 17.93 ? 634 ASP A N   1 
ATOM   1099 C CA  . ASP A 1 145 ? -18.491 -14.619 -5.331  1.00 17.22 ? 634 ASP A CA  1 
ATOM   1100 C C   . ASP A 1 145 ? -19.589 -13.575 -5.527  1.00 18.62 ? 634 ASP A C   1 
ATOM   1101 O O   . ASP A 1 145 ? -20.152 -13.457 -6.618  1.00 19.75 ? 634 ASP A O   1 
ATOM   1102 C CB  . ASP A 1 145 ? -19.078 -15.947 -4.840  1.00 23.77 ? 634 ASP A CB  1 
ATOM   1103 C CG  . ASP A 1 145 ? -18.158 -17.127 -5.119  1.00 30.77 ? 634 ASP A CG  1 
ATOM   1104 O OD1 . ASP A 1 145 ? -17.145 -16.936 -5.834  1.00 29.14 ? 634 ASP A OD1 1 
ATOM   1105 O OD2 . ASP A 1 145 ? -18.450 -18.247 -4.631  1.00 27.36 ? 634 ASP A OD2 1 
ATOM   1106 N N   . GLY A 1 146 ? -19.869 -12.792 -4.488  1.00 19.69 ? 635 GLY A N   1 
ATOM   1107 C CA  . GLY A 1 146 ? -20.869 -11.745 -4.592  1.00 19.32 ? 635 GLY A CA  1 
ATOM   1108 C C   . GLY A 1 146 ? -20.437 -10.547 -5.429  1.00 19.06 ? 635 GLY A C   1 
ATOM   1109 O O   . GLY A 1 146 ? -21.252 -9.693  -5.758  1.00 22.69 ? 635 GLY A O   1 
ATOM   1110 N N   . ASP A 1 147 ? -19.158 -10.481 -5.788  1.00 19.08 ? 636 ASP A N   1 
ATOM   1111 C CA  . ASP A 1 147 ? -18.620 -9.272  -6.421  1.00 23.31 ? 636 ASP A CA  1 
ATOM   1112 C C   . ASP A 1 147 ? -18.531 -9.380  -7.947  1.00 24.07 ? 636 ASP A C   1 
ATOM   1113 O O   . ASP A 1 147 ? -17.442 -9.436  -8.521  1.00 20.09 ? 636 ASP A O   1 
ATOM   1114 C CB  . ASP A 1 147 ? -17.250 -8.960  -5.829  1.00 18.73 ? 636 ASP A CB  1 
ATOM   1115 C CG  . ASP A 1 147 ? -16.876 -7.518  -5.982  1.00 37.06 ? 636 ASP A CG  1 
ATOM   1116 O OD1 . ASP A 1 147 ? -17.563 -6.810  -6.748  1.00 33.61 ? 636 ASP A OD1 1 
ATOM   1117 O OD2 . ASP A 1 147 ? -15.890 -7.098  -5.340  1.00 40.34 ? 636 ASP A OD2 1 
ATOM   1118 N N   . THR A 1 148 ? -19.692 -9.371  -8.593  1.00 20.67 ? 637 THR A N   1 
ATOM   1119 C CA  . THR A 1 148 ? -19.813 -9.671  -10.018 1.00 25.97 ? 637 THR A CA  1 
ATOM   1120 C C   . THR A 1 148 ? -19.029 -8.736  -10.940 1.00 23.78 ? 637 THR A C   1 
ATOM   1121 O O   . THR A 1 148 ? -18.440 -9.184  -11.925 1.00 23.19 ? 637 THR A O   1 
ATOM   1122 C CB  . THR A 1 148 ? -21.293 -9.672  -10.434 1.00 27.94 ? 637 THR A CB  1 
ATOM   1123 O OG1 . THR A 1 148 ? -22.045 -10.431 -9.477  1.00 23.91 ? 637 THR A OG1 1 
ATOM   1124 C CG2 . THR A 1 148 ? -21.472 -10.273 -11.825 1.00 22.96 ? 637 THR A CG2 1 
ATOM   1125 N N   . ASP A 1 149 ? -19.024 -7.442  -10.634 1.00 21.65 ? 638 ASP A N   1 
ATOM   1126 C CA  . ASP A 1 149 ? -18.336 -6.469  -11.490 1.00 22.26 ? 638 ASP A CA  1 
ATOM   1127 C C   . ASP A 1 149 ? -16.813 -6.681  -11.540 1.00 25.26 ? 638 ASP A C   1 
ATOM   1128 O O   . ASP A 1 149 ? -16.186 -6.527  -12.590 1.00 21.01 ? 638 ASP A O   1 
ATOM   1129 C CB  . ASP A 1 149 ? -18.669 -5.039  -11.052 1.00 27.00 ? 638 ASP A CB  1 
ATOM   1130 N N   . ILE A 1 150 ? -16.220 -7.032  -10.402 1.00 20.93 ? 639 ILE A N   1 
ATOM   1131 C CA  . ILE A 1 150 ? -14.786 -7.308  -10.346 1.00 21.37 ? 639 ILE A CA  1 
ATOM   1132 C C   . ILE A 1 150 ? -14.443 -8.591  -11.107 1.00 22.56 ? 639 ILE A C   1 
ATOM   1133 O O   . ILE A 1 150 ? -13.472 -8.630  -11.874 1.00 22.84 ? 639 ILE A O   1 
ATOM   1134 C CB  . ILE A 1 150 ? -14.292 -7.434  -8.889  1.00 18.74 ? 639 ILE A CB  1 
ATOM   1135 C CG1 . ILE A 1 150 ? -14.604 -6.158  -8.106  1.00 29.91 ? 639 ILE A CG1 1 
ATOM   1136 C CG2 . ILE A 1 150 ? -12.797 -7.701  -8.856  1.00 25.18 ? 639 ILE A CG2 1 
ATOM   1137 C CD1 . ILE A 1 150 ? -13.876 -4.947  -8.635  1.00 26.56 ? 639 ILE A CD1 1 
ATOM   1138 N N   . GLN A 1 151 ? -15.239 -9.639  -10.879 1.00 17.92 ? 640 GLN A N   1 
ATOM   1139 C CA  . GLN A 1 151 ? -15.096 -10.912 -11.591 1.00 18.88 ? 640 GLN A CA  1 
ATOM   1140 C C   . GLN A 1 151 ? -15.062 -10.709 -13.101 1.00 24.39 ? 640 GLN A C   1 
ATOM   1141 O O   . GLN A 1 151 ? -14.191 -11.239 -13.793 1.00 24.68 ? 640 GLN A O   1 
ATOM   1142 C CB  . GLN A 1 151 ? -16.265 -11.841 -11.249 1.00 25.65 ? 640 GLN A CB  1 
ATOM   1143 C CG  . GLN A 1 151 ? -16.368 -12.250 -9.782  1.00 27.92 ? 640 GLN A CG  1 
ATOM   1144 C CD  . GLN A 1 151 ? -15.884 -13.667 -9.548  1.00 36.15 ? 640 GLN A CD  1 
ATOM   1145 O OE1 . GLN A 1 151 ? -15.519 -14.369 -10.494 1.00 36.44 ? 640 GLN A OE1 1 
ATOM   1146 N NE2 . GLN A 1 151 ? -15.879 -14.099 -8.287  1.00 29.46 ? 640 GLN A NE2 1 
ATOM   1147 N N   . ASP A 1 152 ? -16.020 -9.933  -13.601 1.00 24.93 ? 641 ASP A N   1 
ATOM   1148 C CA  . ASP A 1 152 ? -16.104 -9.632  -15.023 1.00 25.75 ? 641 ASP A CA  1 
ATOM   1149 C C   . ASP A 1 152 ? -14.876 -8.873  -15.514 1.00 30.27 ? 641 ASP A C   1 
ATOM   1150 O O   . ASP A 1 152 ? -14.359 -9.148  -16.598 1.00 26.99 ? 641 ASP A O   1 
ATOM   1151 C CB  . ASP A 1 152 ? -17.375 -8.827  -15.316 1.00 23.85 ? 641 ASP A CB  1 
ATOM   1152 C CG  . ASP A 1 152 ? -18.648 -9.635  -15.085 1.00 41.00 ? 641 ASP A CG  1 
ATOM   1153 O OD1 . ASP A 1 152 ? -18.554 -10.870 -14.886 1.00 37.52 ? 641 ASP A OD1 1 
ATOM   1154 O OD2 . ASP A 1 152 ? -19.744 -9.032  -15.115 1.00 42.93 ? 641 ASP A OD2 1 
ATOM   1155 N N   . LEU A 1 153 ? -14.415 -7.916  -14.712 1.00 24.35 ? 642 LEU A N   1 
ATOM   1156 C CA  . LEU A 1 153 ? -13.263 -7.098  -15.083 1.00 24.31 ? 642 LEU A CA  1 
ATOM   1157 C C   . LEU A 1 153 ? -12.035 -7.975  -15.271 1.00 28.46 ? 642 LEU A C   1 
ATOM   1158 O O   . LEU A 1 153 ? -11.286 -7.834  -16.243 1.00 31.75 ? 642 LEU A O   1 
ATOM   1159 C CB  . LEU A 1 153 ? -12.990 -6.037  -14.007 1.00 24.15 ? 642 LEU A CB  1 
ATOM   1160 C CG  . LEU A 1 153 ? -11.715 -5.206  -14.179 1.00 23.08 ? 642 LEU A CG  1 
ATOM   1161 C CD1 . LEU A 1 153 ? -11.765 -4.404  -15.479 1.00 28.04 ? 642 LEU A CD1 1 
ATOM   1162 C CD2 . LEU A 1 153 ? -11.504 -4.281  -12.985 1.00 20.92 ? 642 LEU A CD2 1 
ATOM   1163 N N   . LEU A 1 154 ? -11.844 -8.899  -14.337 1.00 21.86 ? 643 LEU A N   1 
ATOM   1164 C CA  . LEU A 1 154 ? -10.709 -9.805  -14.388 1.00 27.68 ? 643 LEU A CA  1 
ATOM   1165 C C   . LEU A 1 154 ? -11.036 -11.030 -15.238 1.00 36.00 ? 643 LEU A C   1 
ATOM   1166 O O   . LEU A 1 154 ? -10.213 -11.940 -15.362 1.00 44.10 ? 643 LEU A O   1 
ATOM   1167 C CB  . LEU A 1 154 ? -10.304 -10.232 -12.975 1.00 25.03 ? 643 LEU A CB  1 
ATOM   1168 C CG  . LEU A 1 154 ? -9.446  -9.270  -12.141 1.00 25.23 ? 643 LEU A CG  1 
ATOM   1169 C CD1 . LEU A 1 154 ? -10.207 -8.018  -11.729 1.00 28.40 ? 643 LEU A CD1 1 
ATOM   1170 C CD2 . LEU A 1 154 ? -8.907  -9.974  -10.903 1.00 31.38 ? 643 LEU A CD2 1 
ATOM   1171 N N   . ARG A 1 155 ? -12.236 -11.029 -15.820 1.00 37.61 ? 644 ARG A N   1 
ATOM   1172 C CA  . ARG A 1 155 ? -12.751 -12.137 -16.636 1.00 42.09 ? 644 ARG A CA  1 
ATOM   1173 C C   . ARG A 1 155 ? -13.039 -13.380 -15.805 1.00 39.12 ? 644 ARG A C   1 
ATOM   1174 O O   . ARG A 1 155 ? -14.188 -13.789 -15.668 1.00 41.50 ? 644 ARG A O   1 
ATOM   1175 C CB  . ARG A 1 155 ? -11.810 -12.478 -17.798 1.00 43.74 ? 644 ARG A CB  1 
ATOM   1176 C CG  . ARG A 1 155 ? -11.468 -11.298 -18.694 1.00 50.47 ? 644 ARG A CG  1 
ATOM   1177 C CD  . ARG A 1 155 ? -12.665 -10.871 -19.526 1.00 58.78 ? 644 ARG A CD  1 
ATOM   1178 N NE  . ARG A 1 155 ? -12.941 -9.444  -19.391 1.00 67.04 ? 644 ARG A NE  1 
ATOM   1179 C CZ  . ARG A 1 155 ? -12.529 -8.511  -20.245 1.00 84.93 ? 644 ARG A CZ  1 
ATOM   1180 N NH1 . ARG A 1 155 ? -11.819 -8.849  -21.314 1.00 82.85 ? 644 ARG A NH1 1 
ATOM   1181 N NH2 . ARG A 1 155 ? -12.833 -7.237  -20.031 1.00 83.64 ? 644 ARG A NH2 1 
ATOM   1182 N N   . GLU B 2 1   ? 0.309   -18.938 11.192  1.00 18.37 ? 211 GLU E N   1 
ATOM   1183 C CA  . GLU B 2 1   ? -0.201  -17.617 11.546  1.00 18.04 ? 211 GLU E CA  1 
ATOM   1184 C C   . GLU B 2 1   ? -1.088  -17.067 10.428  1.00 22.39 ? 211 GLU E C   1 
ATOM   1185 O O   . GLU B 2 1   ? -0.896  -17.405 9.264   1.00 21.27 ? 211 GLU E O   1 
ATOM   1186 C CB  . GLU B 2 1   ? 0.963   -16.656 11.825  1.00 25.68 ? 211 GLU E CB  1 
ATOM   1187 C CG  . GLU B 2 1   ? 1.544   -15.951 10.601  1.00 22.79 ? 211 GLU E CG  1 
ATOM   1188 C CD  . GLU B 2 1   ? 2.550   -16.786 9.815   1.00 25.33 ? 211 GLU E CD  1 
ATOM   1189 O OE1 . GLU B 2 1   ? 3.491   -16.181 9.252   1.00 23.26 ? 211 GLU E OE1 1 
ATOM   1190 O OE2 . GLU B 2 1   ? 2.405   -18.025 9.731   1.00 22.51 ? 211 GLU E OE2 1 
ATOM   1191 N N   . ILE B 2 2   ? -2.049  -16.211 10.775  1.00 18.01 ? 212 ILE E N   1 
ATOM   1192 C CA  . ILE B 2 2   ? -2.907  -15.590 9.767   1.00 19.46 ? 212 ILE E CA  1 
ATOM   1193 C C   . ILE B 2 2   ? -2.094  -14.563 8.974   1.00 20.67 ? 212 ILE E C   1 
ATOM   1194 O O   . ILE B 2 2   ? -1.211  -13.917 9.531   1.00 18.07 ? 212 ILE E O   1 
ATOM   1195 C CB  . ILE B 2 2   ? -4.127  -14.902 10.433  1.00 25.47 ? 212 ILE E CB  1 
ATOM   1196 C CG1 . ILE B 2 2   ? -5.037  -14.254 9.385   1.00 29.97 ? 212 ILE E CG1 1 
ATOM   1197 C CG2 . ILE B 2 2   ? -3.674  -13.869 11.454  1.00 29.20 ? 212 ILE E CG2 1 
ATOM   1198 C CD1 . ILE B 2 2   ? -6.162  -13.431 9.988   1.00 35.85 ? 212 ILE E CD1 1 
ATOM   1199 N N   . ARG B 2 3   ? -2.359  -14.414 7.676   1.00 17.56 ? 213 ARG E N   1 
ATOM   1200 C CA  . ARG B 2 3   ? -1.667  -13.363 6.921   1.00 18.48 ? 213 ARG E CA  1 
ATOM   1201 C C   . ARG B 2 3   ? -2.242  -11.988 7.266   1.00 24.52 ? 213 ARG E C   1 
ATOM   1202 O O   . ARG B 2 3   ? -3.453  -11.786 7.179   1.00 20.64 ? 213 ARG E O   1 
ATOM   1203 C CB  . ARG B 2 3   ? -1.755  -13.603 5.410   1.00 15.95 ? 213 ARG E CB  1 
ATOM   1204 C CG  . ARG B 2 3   ? -1.130  -12.480 4.582   1.00 15.63 ? 213 ARG E CG  1 
ATOM   1205 C CD  . ARG B 2 3   ? -1.338  -12.662 3.079   1.00 16.55 ? 213 ARG E CD  1 
ATOM   1206 N NE  . ARG B 2 3   ? -0.745  -11.533 2.369   1.00 17.81 ? 213 ARG E NE  1 
ATOM   1207 C CZ  . ARG B 2 3   ? -1.416  -10.447 1.998   1.00 23.80 ? 213 ARG E CZ  1 
ATOM   1208 N NH1 . ARG B 2 3   ? -2.716  -10.352 2.239   1.00 21.29 ? 213 ARG E NH1 1 
ATOM   1209 N NH2 . ARG B 2 3   ? -0.786  -9.456  1.383   1.00 18.30 ? 213 ARG E NH2 1 
ATOM   1210 N N   . GLU B 2 4   ? -1.373  -11.050 7.653   1.00 20.70 ? 214 GLU E N   1 
ATOM   1211 C CA  . GLU B 2 4   ? -1.782  -9.675  7.982   1.00 26.69 ? 214 GLU E CA  1 
ATOM   1212 C C   . GLU B 2 4   ? -1.749  -8.738  6.769   1.00 26.55 ? 214 GLU E C   1 
ATOM   1213 O O   . GLU B 2 4   ? -0.926  -8.921  5.867   1.00 28.45 ? 214 GLU E O   1 
ATOM   1214 C CB  . GLU B 2 4   ? -0.877  -9.122  9.080   1.00 34.18 ? 214 GLU E CB  1 
ATOM   1215 C CG  . GLU B 2 4   ? -1.003  -9.864  10.394  1.00 41.20 ? 214 GLU E CG  1 
ATOM   1216 C CD  . GLU B 2 4   ? -2.330  -9.598  11.071  1.00 59.03 ? 214 GLU E CD  1 
ATOM   1217 O OE1 . GLU B 2 4   ? -2.565  -8.436  11.475  1.00 69.07 ? 214 GLU E OE1 1 
ATOM   1218 O OE2 . GLU B 2 4   ? -3.140  -10.542 11.195  1.00 55.22 ? 214 GLU E OE2 1 
ATOM   1219 N N   . GLN B 2 5   ? -2.626  -7.726  6.762   1.00 25.60 ? 215 GLN E N   1 
ATOM   1220 C CA  . GLN B 2 5   ? -2.830  -6.868  5.588   1.00 38.24 ? 215 GLN E CA  1 
ATOM   1221 C C   . GLN B 2 5   ? -1.886  -5.677  5.533   1.00 37.10 ? 215 GLN E C   1 
ATOM   1222 O O   . GLN B 2 5   ? -1.783  -4.992  4.506   1.00 33.82 ? 215 GLN E O   1 
ATOM   1223 C CB  . GLN B 2 5   ? -4.268  -6.337  5.551   1.00 35.54 ? 215 GLN E CB  1 
ATOM   1224 C CG  . GLN B 2 5   ? -5.344  -7.370  5.866   1.00 56.79 ? 215 GLN E CG  1 
ATOM   1225 C CD  . GLN B 2 5   ? -5.632  -8.323  4.715   1.00 57.40 ? 215 GLN E CD  1 
ATOM   1226 O OE1 . GLN B 2 5   ? -4.835  -8.464  3.783   1.00 59.46 ? 215 GLN E OE1 1 
ATOM   1227 N NE2 . GLN B 2 5   ? -6.784  -8.982  4.775   1.00 49.41 ? 215 GLN E NE2 1 
ATOM   1228 N N   . GLY B 2 6   ? -1.222  -5.416  6.648   1.00 26.20 ? 216 GLY E N   1 
ATOM   1229 C CA  . GLY B 2 6   ? -0.335  -4.272  6.745   1.00 23.09 ? 216 GLY E CA  1 
ATOM   1230 C C   . GLY B 2 6   ? -1.002  -3.157  7.519   1.00 19.91 ? 216 GLY E C   1 
ATOM   1231 O O   . GLY B 2 6   ? -2.190  -3.248  7.854   1.00 20.97 ? 216 GLY E O   1 
ATOM   1232 N N   . ASP B 2 7   ? -0.242  -2.104  7.802   1.00 18.52 ? 217 ASP E N   1 
ATOM   1233 C CA  . ASP B 2 7   ? -0.752  -0.991  8.588   1.00 16.41 ? 217 ASP E CA  1 
ATOM   1234 C C   . ASP B 2 7   ? -1.639  -0.100  7.745   1.00 18.15 ? 217 ASP E C   1 
ATOM   1235 O O   . ASP B 2 7   ? -1.322  0.204   6.593   1.00 16.32 ? 217 ASP E O   1 
ATOM   1236 C CB  . ASP B 2 7   ? 0.398   -0.169  9.153   1.00 18.79 ? 217 ASP E CB  1 
ATOM   1237 C CG  . ASP B 2 7   ? 1.113   -0.878  10.286  1.00 24.32 ? 217 ASP E CG  1 
ATOM   1238 O OD1 . ASP B 2 7   ? 0.430   -1.338  11.228  1.00 21.53 ? 217 ASP E OD1 1 
ATOM   1239 O OD2 . ASP B 2 7   ? 2.357   -0.984  10.228  1.00 17.14 ? 217 ASP E OD2 1 
ATOM   1240 N N   . GLY B 2 8   ? -2.749  0.326   8.326   1.00 12.75 ? 218 GLY E N   1 
ATOM   1241 C CA  . GLY B 2 8   ? -3.642  1.220   7.617   1.00 12.22 ? 218 GLY E CA  1 
ATOM   1242 C C   . GLY B 2 8   ? -5.029  1.179   8.206   1.00 16.57 ? 218 GLY E C   1 
ATOM   1243 O O   . GLY B 2 8   ? -5.247  0.567   9.257   1.00 15.23 ? 218 GLY E O   1 
ATOM   1244 N N   . ALA B 2 9   ? -5.968  1.820   7.519   1.00 9.31  ? 219 ALA E N   1 
ATOM   1245 C CA  . ALA B 2 9   ? -7.354  1.894   7.970   1.00 13.43 ? 219 ALA E CA  1 
ATOM   1246 C C   . ALA B 2 9   ? -8.279  1.885   6.768   1.00 17.86 ? 219 ALA E C   1 
ATOM   1247 O O   . ALA B 2 9   ? -7.911  2.364   5.693   1.00 15.06 ? 219 ALA E O   1 
ATOM   1248 C CB  . ALA B 2 9   ? -7.570  3.160   8.775   1.00 14.18 ? 219 ALA E CB  1 
ATOM   1249 N N   . GLU B 2 10  ? -9.488  1.365   6.943   1.00 14.07 ? 220 GLU E N   1 
ATOM   1250 C CA  . GLU B 2 10  ? -10.486 1.429   5.874   1.00 12.51 ? 220 GLU E CA  1 
ATOM   1251 C C   . GLU B 2 10  ? -11.028 2.840   5.712   1.00 15.60 ? 220 GLU E C   1 
ATOM   1252 O O   . GLU B 2 10  ? -11.046 3.618   6.667   1.00 16.72 ? 220 GLU E O   1 
ATOM   1253 C CB  . GLU B 2 10  ? -11.660 0.492   6.170   1.00 17.56 ? 220 GLU E CB  1 
ATOM   1254 C CG  . GLU B 2 10  ? -11.288 -0.960  6.298   1.00 27.73 ? 220 GLU E CG  1 
ATOM   1255 C CD  . GLU B 2 10  ? -10.832 -1.543  4.984   1.00 26.50 ? 220 GLU E CD  1 
ATOM   1256 O OE1 . GLU B 2 10  ? -11.275 -1.031  3.933   1.00 40.34 ? 220 GLU E OE1 1 
ATOM   1257 O OE2 . GLU B 2 10  ? -10.037 -2.513  4.999   1.00 46.66 ? 220 GLU E OE2 1 
ATOM   1258 N N   . ASP B 2 11  ? -11.475 3.170   4.500   1.00 12.22 ? 221 ASP E N   1 
ATOM   1259 C CA  . ASP B 2 11  ? -12.251 4.380   4.286   1.00 16.05 ? 221 ASP E CA  1 
ATOM   1260 C C   . ASP B 2 11  ? -13.670 4.090   4.750   1.00 23.40 ? 221 ASP E C   1 
ATOM   1261 O O   . ASP B 2 11  ? -14.077 2.928   4.802   1.00 24.34 ? 221 ASP E O   1 
ATOM   1262 C CB  . ASP B 2 11  ? -12.274 4.743   2.808   1.00 17.47 ? 221 ASP E CB  1 
ATOM   1263 C CG  . ASP B 2 11  ? -10.913 5.155   2.283   1.00 24.50 ? 221 ASP E CG  1 
ATOM   1264 O OD1 . ASP B 2 11  ? -10.303 6.086   2.855   1.00 20.77 ? 221 ASP E OD1 1 
ATOM   1265 O OD2 . ASP B 2 11  ? -10.457 4.542   1.290   1.00 18.12 ? 221 ASP E OD2 1 
ATOM   1266 N N   . GLU B 2 12  ? -14.418 5.136   5.079   1.00 24.61 ? 222 GLU E N   1 
ATOM   1267 C CA  . GLU B 2 12  ? -15.809 4.976   5.498   1.00 39.64 ? 222 GLU E CA  1 
ATOM   1268 C C   . GLU B 2 12  ? -16.704 4.550   4.336   1.00 43.98 ? 222 GLU E C   1 
ATOM   1269 O O   . GLU B 2 12  ? -16.695 5.170   3.271   1.00 46.79 ? 222 GLU E O   1 
ATOM   1270 C CB  . GLU B 2 12  ? -16.334 6.275   6.114   1.00 41.94 ? 222 GLU E CB  1 
ATOM   1271 C CG  . GLU B 2 12  ? -16.128 7.509   5.239   1.00 49.70 ? 222 GLU E CG  1 
ATOM   1272 C CD  . GLU B 2 12  ? -17.051 8.650   5.617   1.00 60.73 ? 222 GLU E CD  1 
ATOM   1273 O OE1 . GLU B 2 12  ? -16.963 9.141   6.762   1.00 62.42 ? 222 GLU E OE1 1 
ATOM   1274 O OE2 . GLU B 2 12  ? -17.872 9.052   4.766   1.00 78.98 ? 222 GLU E OE2 1 
HETATM 1275 S S   . SO4 C 3 .   ? -5.535  14.042  2.631   1.00 34.96 ? 701 SO4 A S   1 
HETATM 1276 O O1  . SO4 C 3 .   ? -6.176  12.964  1.883   1.00 34.13 ? 701 SO4 A O1  1 
HETATM 1277 O O2  . SO4 C 3 .   ? -6.534  15.030  3.042   1.00 36.90 ? 701 SO4 A O2  1 
HETATM 1278 O O3  . SO4 C 3 .   ? -4.877  13.507  3.820   1.00 29.81 ? 701 SO4 A O3  1 
HETATM 1279 O O4  . SO4 C 3 .   ? -4.547  14.686  1.776   1.00 29.06 ? 701 SO4 A O4  1 
HETATM 1280 S S   . SO4 D 3 .   ? 10.477  -17.296 -3.491  1.00 46.89 ? 702 SO4 A S   1 
HETATM 1281 O O1  . SO4 D 3 .   ? 9.541   -17.480 -4.602  1.00 44.53 ? 702 SO4 A O1  1 
HETATM 1282 O O2  . SO4 D 3 .   ? 10.128  -18.205 -2.404  1.00 41.24 ? 702 SO4 A O2  1 
HETATM 1283 O O3  . SO4 D 3 .   ? 11.834  -17.556 -3.969  1.00 47.98 ? 702 SO4 A O3  1 
HETATM 1284 O O4  . SO4 D 3 .   ? 10.409  -15.933 -2.965  1.00 46.70 ? 702 SO4 A O4  1 
HETATM 1285 O O   . HOH E 4 .   ? -6.628  -13.224 -11.818 1.00 29.02 ? 801 HOH A O   1 
HETATM 1286 O O   . HOH E 4 .   ? -2.664  13.931  4.045   1.00 18.46 ? 802 HOH A O   1 
HETATM 1287 O O   . HOH E 4 .   ? -0.457  -6.830  -9.117  1.00 21.42 ? 803 HOH A O   1 
HETATM 1288 O O   . HOH E 4 .   ? 7.990   -7.741  -1.300  1.00 25.87 ? 804 HOH A O   1 
HETATM 1289 O O   . HOH E 4 .   ? -14.418 -1.121  -17.713 1.00 36.18 ? 805 HOH A O   1 
HETATM 1290 O O   . HOH E 4 .   ? -19.873 -19.371 -2.936  1.00 19.85 ? 806 HOH A O   1 
HETATM 1291 O O   . HOH E 4 .   ? 2.774   -10.286 3.819   1.00 25.78 ? 807 HOH A O   1 
HETATM 1292 O O   . HOH E 4 .   ? 4.661   -0.999  11.760  1.00 18.23 ? 808 HOH A O   1 
HETATM 1293 O O   . HOH E 4 .   ? -6.404  7.193   -1.875  1.00 19.52 ? 809 HOH A O   1 
HETATM 1294 O O   . HOH E 4 .   ? -11.453 1.341   2.238   1.00 22.84 ? 810 HOH A O   1 
HETATM 1295 O O   . HOH E 4 .   ? -14.799 1.259   -5.954  1.00 23.78 ? 811 HOH A O   1 
HETATM 1296 O O   . HOH E 4 .   ? 2.672   -2.087  6.651   1.00 15.91 ? 812 HOH A O   1 
HETATM 1297 O O   . HOH E 4 .   ? -5.197  -17.017 -0.885  1.00 18.08 ? 813 HOH A O   1 
HETATM 1298 O O   . HOH E 4 .   ? 6.561   -6.306  16.124  1.00 35.61 ? 814 HOH A O   1 
HETATM 1299 O O   . HOH E 4 .   ? 8.806   6.489   3.956   1.00 11.09 ? 815 HOH A O   1 
HETATM 1300 O O   . HOH E 4 .   ? 10.211  -3.662  -3.169  1.00 23.45 ? 816 HOH A O   1 
HETATM 1301 O O   . HOH E 4 .   ? 2.460   -14.104 -6.869  1.00 29.35 ? 817 HOH A O   1 
HETATM 1302 O O   . HOH E 4 .   ? 4.809   1.960   -11.844 1.00 18.85 ? 818 HOH A O   1 
HETATM 1303 O O   . HOH E 4 .   ? 4.988   0.570   -3.464  1.00 14.93 ? 819 HOH A O   1 
HETATM 1304 O O   . HOH E 4 .   ? -10.843 -12.925 -0.855  1.00 23.89 ? 820 HOH A O   1 
HETATM 1305 O O   . HOH E 4 .   ? -2.533  -6.420  -17.103 1.00 26.44 ? 821 HOH A O   1 
HETATM 1306 O O   . HOH E 4 .   ? 2.580   -0.262  15.270  1.00 38.10 ? 822 HOH A O   1 
HETATM 1307 O O   . HOH E 4 .   ? -23.458 -9.116  -7.553  1.00 26.81 ? 823 HOH A O   1 
HETATM 1308 O O   . HOH E 4 .   ? -16.931 -19.134 -7.447  1.00 27.47 ? 824 HOH A O   1 
HETATM 1309 O O   . HOH E 4 .   ? -1.086  1.748   12.890  1.00 34.72 ? 825 HOH A O   1 
HETATM 1310 O O   . HOH E 4 .   ? 11.018  3.627   -8.988  1.00 25.49 ? 826 HOH A O   1 
HETATM 1311 O O   . HOH E 4 .   ? -2.413  -19.131 -13.447 1.00 31.39 ? 827 HOH A O   1 
HETATM 1312 O O   . HOH E 4 .   ? -0.564  -9.611  -10.086 1.00 23.11 ? 828 HOH A O   1 
HETATM 1313 O O   . HOH E 4 .   ? -7.130  11.487  4.791   1.00 27.89 ? 829 HOH A O   1 
HETATM 1314 O O   . HOH E 4 .   ? -10.995 1.458   -6.200  1.00 18.51 ? 830 HOH A O   1 
HETATM 1315 O O   . HOH E 4 .   ? 10.683  6.404   -4.183  1.00 17.04 ? 831 HOH A O   1 
HETATM 1316 O O   . HOH E 4 .   ? 14.820  13.042  12.272  1.00 32.67 ? 832 HOH A O   1 
HETATM 1317 O O   . HOH E 4 .   ? 9.326   4.207   2.367   1.00 17.18 ? 833 HOH A O   1 
HETATM 1318 O O   . HOH E 4 .   ? -15.367 -1.191  -6.555  1.00 24.80 ? 834 HOH A O   1 
HETATM 1319 O O   . HOH E 4 .   ? 1.751   17.595  -0.287  1.00 26.43 ? 835 HOH A O   1 
HETATM 1320 O O   . HOH E 4 .   ? 4.844   14.057  -5.187  1.00 31.92 ? 836 HOH A O   1 
HETATM 1321 O O   . HOH E 4 .   ? -21.005 -7.012  -4.850  1.00 30.73 ? 837 HOH A O   1 
HETATM 1322 O O   . HOH E 4 .   ? -13.956 -9.269  -3.771  1.00 21.64 ? 838 HOH A O   1 
HETATM 1323 O O   . HOH E 4 .   ? 8.406   -12.528 -2.083  1.00 33.91 ? 839 HOH A O   1 
HETATM 1324 O O   . HOH E 4 .   ? -20.499 -6.112  -8.544  1.00 34.77 ? 840 HOH A O   1 
HETATM 1325 O O   . HOH E 4 .   ? 3.055   13.611  15.413  1.00 23.44 ? 841 HOH A O   1 
HETATM 1326 O O   . HOH E 4 .   ? -8.805  -18.031 -11.916 1.00 36.65 ? 842 HOH A O   1 
HETATM 1327 O O   . HOH E 4 .   ? 12.951  -2.852  1.905   1.00 34.27 ? 843 HOH A O   1 
HETATM 1328 O O   . HOH E 4 .   ? 12.001  10.024  -3.016  1.00 24.46 ? 844 HOH A O   1 
HETATM 1329 O O   . HOH E 4 .   ? 14.419  9.712   21.749  1.00 38.43 ? 845 HOH A O   1 
HETATM 1330 O O   . HOH E 4 .   ? 7.102   -1.281  -5.350  1.00 14.21 ? 846 HOH A O   1 
HETATM 1331 O O   . HOH E 4 .   ? 8.381   -9.595  -6.515  1.00 34.17 ? 847 HOH A O   1 
HETATM 1332 O O   . HOH E 4 .   ? 5.592   -2.501  -12.752 1.00 33.77 ? 848 HOH A O   1 
HETATM 1333 O O   . HOH E 4 .   ? 5.504   -5.292  -12.485 1.00 31.67 ? 849 HOH A O   1 
HETATM 1334 O O   . HOH E 4 .   ? -17.091 -5.371  -2.603  1.00 42.84 ? 850 HOH A O   1 
HETATM 1335 O O   . HOH E 4 .   ? 1.563   -8.183  12.476  1.00 51.69 ? 851 HOH A O   1 
HETATM 1336 O O   . HOH E 4 .   ? 9.896   3.330   16.132  1.00 36.10 ? 852 HOH A O   1 
HETATM 1337 O O   . HOH E 4 .   ? 9.405   -3.332  -5.333  1.00 26.85 ? 853 HOH A O   1 
HETATM 1338 O O   . HOH E 4 .   ? 2.426   13.222  -8.862  1.00 36.45 ? 854 HOH A O   1 
HETATM 1339 O O   . HOH E 4 .   ? 0.544   13.916  14.404  1.00 22.76 ? 855 HOH A O   1 
HETATM 1340 O O   . HOH E 4 .   ? 6.848   13.925  -10.070 1.00 46.77 ? 856 HOH A O   1 
HETATM 1341 O O   . HOH E 4 .   ? -0.500  15.531  -8.190  1.00 37.20 ? 857 HOH A O   1 
HETATM 1342 O O   . HOH E 4 .   ? 15.664  2.821   10.665  1.00 35.20 ? 858 HOH A O   1 
HETATM 1343 O O   . HOH E 4 .   ? 3.761   1.255   -14.411 1.00 34.64 ? 859 HOH A O   1 
HETATM 1344 O O   . HOH E 4 .   ? -0.349  -18.903 -17.553 1.00 49.36 ? 860 HOH A O   1 
HETATM 1345 O O   . HOH E 4 .   ? 11.141  -9.364  2.192   1.00 35.77 ? 861 HOH A O   1 
HETATM 1346 O O   . HOH E 4 .   ? 9.987   -5.587  -6.960  1.00 29.46 ? 862 HOH A O   1 
HETATM 1347 O O   . HOH E 4 .   ? 9.287   -3.607  -13.315 1.00 45.87 ? 863 HOH A O   1 
HETATM 1348 O O   . HOH F 4 .   ? -6.052  1.265   11.671  1.00 26.68 ? 301 HOH E O   1 
HETATM 1349 O O   . HOH F 4 .   ? 1.520   -2.151  13.498  1.00 28.22 ? 302 HOH E O   1 
HETATM 1350 O O   . HOH F 4 .   ? -10.140 0.595   9.489   1.00 25.69 ? 303 HOH E O   1 
HETATM 1351 O O   . HOH F 4 .   ? -2.426  -16.402 13.690  1.00 32.73 ? 304 HOH E O   1 
HETATM 1352 O O   . HOH F 4 .   ? -2.918  -0.730  11.512  1.00 35.89 ? 305 HOH E O   1 
# 
